data_6X2V
#
_entry.id   6X2V
#
_cell.length_a   107.243
_cell.length_b   107.243
_cell.length_c   305.135
_cell.angle_alpha   90.000
_cell.angle_beta   90.000
_cell.angle_gamma   90.000
#
_symmetry.space_group_name_H-M   'P 43 21 2'
#
loop_
_entity.id
_entity.type
_entity.pdbx_description
1 polymer 'GTP-binding nuclear protein Ran'
2 polymer 'Ran-specific GTPase-activating protein 1'
3 polymer Exportin-1
4 polymer 'cAMP-dependent protein kinase inhibitor alpha'
5 non-polymer 'PHOSPHOAMINOPHOSPHONIC ACID-GUANYLATE ESTER'
6 non-polymer 'MAGNESIUM ION'
7 non-polymer GLYCEROL
#
loop_
_entity_poly.entity_id
_entity_poly.type
_entity_poly.pdbx_seq_one_letter_code
_entity_poly.pdbx_strand_id
1 'polypeptide(L)'
;MAAQGEPQVQFKLVLVGDGGTGKTTFVKRHLTGEFEKKYVATLGVEVHPLVFHTNRGPIKFNVWDTAGQEKFGGLRDGYY
IQAQCAIIMFDVTSRVTYKNVPNWHRDLVRVCENIPIVLCGNKVDIKDRKVKAKSIVFHRKKNLQYYDISAKSNYNFEKP
FLWLARKLIGDPNLEFVAMPALAPPEVVMDPALAAQYEHDLEVAQTTALPDEDDDL
;
A
2 'polypeptide(L)'
;DIHFEPVVHLEKVDVKTMEEDEEVLYKVRAKLFRFDADAKEWKERGTGDCKFLKNKKTNKVRILMRRDKTLKICANHIIA
PEYTLKPNVGSDRSWVYACTADIAEGEAEAFTFAIRFGSKENADKFKEEFEKAQEINKKA
;
B
3 'polypeptide(L)'
;GGSMEGILDFSNDLDIALLDQVVSTFYQGSGVQQKQAQEILTKFQDNPDAWQKADQILQFSTNPQSKFIALSILDKLITR
KWKLLPNDHRIGIRNFVVGMIISMCQDDEVFKTQKNLINKSDLTLVQILKQEWPQNWPEFIPELIGSSSSSVNVCENNMI
VLKLLSEEVFDFSAEQMTQAKALHLKNSMSKEFEQIFKLCFQVLEQGSSSSLIVATLESLLRYLHWIPYRYIYETNILEL
LSTKFMTSPDTRAITLKCLTEVSNLKIPQDNDLIKRQTVLFFQNTLQQIATSVMPVTADLKATYANANGNDQSFLQDLAM
FLTTYLARNRALLESDESLRELLLNAHQYLIQLSKIEERELFKTTLDYWHNLVADLFYEPLKKHIYEEICSQLRLVIIEN
MVRPEEVLVVENDEGEIVREFVKESDTIQLYKSEREVLVYLTHLNVIDTEEIMISKLARQIDGSEWSWHNINTLSWAIGS
ISGTMSEDTEKRFVVTVIKDLLGLCEQKRGKDNKAVVASDIMYVVGQYPRFLKAHWNFLRTVILKLFEFMHETHEGVQDM
ACDTFIKIVQKCKYHFVIQQPRESEPFIQTIIRDIQKTTADLQPQQVHTFYKACGIIISEERSVAERNRLLSDLMQLPNM
AWDTIVEQSTANPTLLLDSETVKIIANIIKTNVAVCTSMGADFYPQLGHIYYNMLQLYRAVSSMISAQVAAEGLIATKTP
KVRGLRTIKKEILKLVETYISKARNLDDVVKVLVEPLLNAVLEDYMNNVPDARDAEVLNCMTTVVEKVGHMIPQGVILIL
QSVFECTLDMINKDFTEYPEHRVEFYKLLKVINEKSFAAFLELPPAAFKLFVDAICWAFKHNNRDVEVNGLQIALDLVKN
IERMGNVPFANEFHKNYFFIFVSETFFVLTDSDHKSGFSKQALLLMKLISLVYDNKISVPLYQEAEVPQGTSNQVYLSQY
LANMLSNAFPHLTSEQIASFLSALTKQCKDLVVFKGTLRDFLVQIKEVGGDPTDYLFAEDKENA
;
C
4 'polypeptide(L)' NLNELALKLAGLDIDE D
#
# COMPACT_ATOMS: atom_id res chain seq x y z
N VAL A 9 -5.97 -16.50 29.15
CA VAL A 9 -4.89 -16.38 28.18
C VAL A 9 -5.15 -15.21 27.22
N GLN A 10 -4.79 -14.01 27.68
CA GLN A 10 -5.02 -12.78 26.94
C GLN A 10 -3.74 -11.97 26.84
N PHE A 11 -3.54 -11.33 25.69
CA PHE A 11 -2.38 -10.50 25.43
C PHE A 11 -2.82 -9.12 24.96
N LYS A 12 -2.10 -8.10 25.40
CA LYS A 12 -2.42 -6.73 25.02
C LYS A 12 -1.67 -6.35 23.74
N LEU A 13 -2.41 -5.79 22.78
CA LEU A 13 -1.89 -5.45 21.48
C LEU A 13 -2.12 -3.95 21.24
N VAL A 14 -1.04 -3.19 21.05
CA VAL A 14 -1.15 -1.79 20.69
C VAL A 14 -1.09 -1.68 19.17
N LEU A 15 -2.01 -0.91 18.60
CA LEU A 15 -2.10 -0.69 17.17
C LEU A 15 -1.85 0.79 16.92
N VAL A 16 -0.73 1.12 16.26
CA VAL A 16 -0.32 2.50 16.06
C VAL A 16 -0.10 2.76 14.58
N GLY A 17 -0.08 4.04 14.23
CA GLY A 17 0.07 4.46 12.85
C GLY A 17 -0.52 5.84 12.63
N ASP A 18 -0.22 6.39 11.46
CA ASP A 18 -0.71 7.72 11.10
C ASP A 18 -2.23 7.72 10.94
N GLY A 19 -2.80 8.92 11.02
CA GLY A 19 -4.23 9.06 10.88
C GLY A 19 -4.68 8.75 9.46
N GLY A 20 -5.73 7.93 9.34
CA GLY A 20 -6.28 7.57 8.05
C GLY A 20 -5.73 6.30 7.44
N THR A 21 -4.77 5.64 8.09
CA THR A 21 -4.13 4.48 7.49
C THR A 21 -5.05 3.26 7.48
N GLY A 22 -5.92 3.11 8.48
CA GLY A 22 -6.87 2.02 8.48
C GLY A 22 -6.89 1.21 9.76
N LYS A 23 -6.30 1.73 10.83
CA LYS A 23 -6.23 1.00 12.09
C LYS A 23 -7.63 0.65 12.60
N THR A 24 -8.50 1.66 12.71
CA THR A 24 -9.85 1.42 13.25
C THR A 24 -10.66 0.52 12.34
N THR A 25 -10.56 0.71 11.02
CA THR A 25 -11.30 -0.13 10.09
C THR A 25 -10.83 -1.58 10.14
N PHE A 26 -9.52 -1.78 10.28
CA PHE A 26 -8.96 -3.13 10.32
C PHE A 26 -9.51 -3.91 11.51
N VAL A 27 -9.69 -3.26 12.66
CA VAL A 27 -10.15 -3.96 13.84
C VAL A 27 -11.64 -4.27 13.75
N LYS A 28 -12.44 -3.31 13.26
CA LYS A 28 -13.87 -3.56 13.07
C LYS A 28 -14.11 -4.74 12.14
N ARG A 29 -13.22 -4.96 11.17
CA ARG A 29 -13.39 -6.08 10.25
C ARG A 29 -13.26 -7.42 10.96
N HIS A 30 -12.46 -7.48 12.03
CA HIS A 30 -12.26 -8.71 12.77
C HIS A 30 -13.31 -8.94 13.85
N LEU A 31 -13.96 -7.88 14.34
CA LEU A 31 -14.92 -8.00 15.42
C LEU A 31 -16.33 -8.28 14.91
N THR A 32 -16.76 -7.61 13.85
CA THR A 32 -18.12 -7.76 13.33
C THR A 32 -18.19 -8.13 11.86
N GLY A 33 -17.07 -8.20 11.15
CA GLY A 33 -17.08 -8.43 9.71
C GLY A 33 -17.48 -7.23 8.88
N GLU A 34 -17.71 -6.09 9.51
CA GLU A 34 -18.15 -4.88 8.82
C GLU A 34 -16.97 -4.16 8.18
N PHE A 35 -17.23 -3.51 7.04
CA PHE A 35 -16.27 -2.59 6.44
C PHE A 35 -16.86 -1.19 6.48
N GLU A 36 -16.24 -0.30 7.25
CA GLU A 36 -16.68 1.07 7.40
C GLU A 36 -16.07 1.94 6.31
N LYS A 37 -16.92 2.62 5.53
CA LYS A 37 -16.46 3.51 4.47
C LYS A 37 -16.14 4.91 4.96
N LYS A 38 -16.61 5.30 6.14
CA LYS A 38 -16.45 6.65 6.65
C LYS A 38 -15.26 6.73 7.61
N TYR A 39 -14.54 7.85 7.54
CA TYR A 39 -13.38 8.09 8.39
C TYR A 39 -13.82 8.93 9.59
N VAL A 40 -13.98 8.26 10.74
CA VAL A 40 -14.25 8.93 12.00
C VAL A 40 -12.98 8.81 12.84
N ALA A 41 -12.29 9.93 13.02
CA ALA A 41 -10.99 9.91 13.69
C ALA A 41 -11.12 9.37 15.11
N THR A 42 -10.35 8.33 15.41
CA THR A 42 -10.31 7.78 16.75
C THR A 42 -9.76 8.82 17.73
N LEU A 43 -10.40 8.94 18.89
CA LEU A 43 -10.04 9.93 19.89
C LEU A 43 -9.38 9.21 21.05
N GLY A 44 -8.07 9.40 21.20
CA GLY A 44 -7.33 8.79 22.29
C GLY A 44 -7.04 7.32 22.06
N VAL A 45 -7.95 6.45 22.46
CA VAL A 45 -7.80 5.02 22.29
C VAL A 45 -9.16 4.35 22.42
N GLU A 46 -9.36 3.27 21.68
CA GLU A 46 -10.53 2.41 21.81
C GLU A 46 -10.05 1.01 22.11
N VAL A 47 -10.43 0.46 23.25
CA VAL A 47 -10.01 -0.87 23.68
C VAL A 47 -11.10 -1.87 23.32
N HIS A 48 -10.72 -2.91 22.60
CA HIS A 48 -11.64 -3.95 22.16
C HIS A 48 -11.06 -5.34 22.43
N PRO A 49 -11.90 -6.26 22.89
CA PRO A 49 -11.45 -7.66 23.04
C PRO A 49 -11.66 -8.49 21.79
N LEU A 50 -10.60 -9.10 21.28
CA LEU A 50 -10.69 -9.95 20.09
C LEU A 50 -10.16 -11.33 20.43
N VAL A 51 -10.92 -12.36 20.06
CA VAL A 51 -10.63 -13.75 20.41
C VAL A 51 -10.54 -14.58 19.14
N PHE A 52 -9.49 -15.40 19.02
CA PHE A 52 -9.33 -16.35 17.94
C PHE A 52 -9.31 -17.76 18.50
N HIS A 53 -9.71 -18.72 17.67
CA HIS A 53 -9.75 -20.12 18.06
C HIS A 53 -8.68 -20.88 17.28
N THR A 54 -7.74 -21.48 18.02
CA THR A 54 -6.63 -22.20 17.43
C THR A 54 -6.63 -23.65 17.92
N ASN A 55 -5.76 -24.46 17.31
CA ASN A 55 -5.60 -25.85 17.73
C ASN A 55 -4.96 -25.97 19.10
N ARG A 56 -4.50 -24.87 19.69
CA ARG A 56 -3.96 -24.86 21.04
C ARG A 56 -4.91 -24.17 22.02
N GLY A 57 -6.18 -24.04 21.65
CA GLY A 57 -7.16 -23.37 22.49
C GLY A 57 -7.43 -21.96 22.02
N PRO A 58 -8.31 -21.25 22.71
CA PRO A 58 -8.60 -19.87 22.36
C PRO A 58 -7.51 -18.93 22.86
N ILE A 59 -7.29 -17.86 22.10
CA ILE A 59 -6.38 -16.79 22.47
C ILE A 59 -7.12 -15.47 22.34
N LYS A 60 -6.91 -14.57 23.30
CA LYS A 60 -7.62 -13.31 23.36
C LYS A 60 -6.65 -12.15 23.23
N PHE A 61 -6.98 -11.20 22.36
CA PHE A 61 -6.21 -9.99 22.19
C PHE A 61 -6.97 -8.81 22.78
N ASN A 62 -6.33 -8.08 23.69
CA ASN A 62 -6.80 -6.77 24.15
C ASN A 62 -6.25 -5.71 23.23
N VAL A 63 -7.02 -5.37 22.20
CA VAL A 63 -6.54 -4.51 21.13
C VAL A 63 -6.71 -3.05 21.56
N TRP A 64 -5.60 -2.32 21.59
CA TRP A 64 -5.60 -0.90 21.93
C TRP A 64 -5.42 -0.10 20.64
N ASP A 65 -6.53 0.10 19.93
CA ASP A 65 -6.56 0.94 18.74
C ASP A 65 -6.31 2.39 19.13
N THR A 66 -5.13 2.91 18.80
CA THR A 66 -4.73 4.27 19.18
C THR A 66 -5.03 5.26 18.05
N ALA A 67 -4.76 6.53 18.32
CA ALA A 67 -5.21 7.63 17.47
C ALA A 67 -4.07 8.14 16.59
N GLY A 68 -4.32 8.20 15.29
CA GLY A 68 -3.28 8.61 14.36
C GLY A 68 -3.02 10.11 14.39
N GLN A 69 -4.07 10.91 14.25
CA GLN A 69 -3.91 12.36 14.23
C GLN A 69 -3.38 12.86 15.57
N GLU A 70 -2.59 13.93 15.51
CA GLU A 70 -1.92 14.42 16.71
C GLU A 70 -2.87 15.19 17.62
N LYS A 71 -3.79 15.96 17.03
CA LYS A 71 -4.76 16.70 17.82
C LYS A 71 -5.57 15.77 18.72
N PHE A 72 -5.76 14.52 18.30
CA PHE A 72 -6.48 13.52 19.08
C PHE A 72 -5.54 12.50 19.72
N GLY A 73 -4.28 12.88 19.97
CA GLY A 73 -3.29 11.92 20.39
C GLY A 73 -3.54 11.31 21.76
N GLY A 74 -4.24 12.04 22.62
CA GLY A 74 -4.50 11.51 23.96
C GLY A 74 -3.22 11.37 24.76
N LEU A 75 -3.12 10.25 25.48
CA LEU A 75 -1.95 9.97 26.30
C LEU A 75 -0.70 9.75 25.44
N ARG A 76 -0.92 9.30 24.21
CA ARG A 76 0.19 9.04 23.29
C ARG A 76 0.93 7.76 23.67
N ASP A 77 2.17 7.91 24.10
CA ASP A 77 2.99 6.77 24.50
C ASP A 77 2.58 6.18 25.84
N GLY A 78 1.64 6.81 26.55
CA GLY A 78 1.11 6.20 27.75
C GLY A 78 0.29 4.95 27.48
N TYR A 79 -0.30 4.87 26.29
CA TYR A 79 -1.08 3.68 25.93
C TYR A 79 -0.24 2.44 25.74
N TYR A 80 1.08 2.59 25.58
CA TYR A 80 1.95 1.47 25.23
C TYR A 80 2.42 0.68 26.44
N ILE A 81 2.15 1.16 27.66
CA ILE A 81 2.71 0.51 28.85
C ILE A 81 2.18 -0.91 28.97
N GLN A 82 3.09 -1.85 29.25
CA GLN A 82 2.78 -3.26 29.47
C GLN A 82 2.15 -3.92 28.24
N ALA A 83 2.40 -3.39 27.05
CA ALA A 83 1.97 -4.06 25.84
C ALA A 83 2.84 -5.29 25.59
N GLN A 84 2.23 -6.34 25.03
CA GLN A 84 2.93 -7.57 24.75
C GLN A 84 3.19 -7.80 23.26
N CYS A 85 2.53 -7.06 22.38
CA CYS A 85 2.75 -7.15 20.94
C CYS A 85 2.17 -5.91 20.30
N ALA A 86 2.54 -5.66 19.05
CA ALA A 86 2.16 -4.41 18.42
C ALA A 86 2.05 -4.58 16.91
N ILE A 87 1.25 -3.69 16.31
CA ILE A 87 1.11 -3.57 14.86
C ILE A 87 1.38 -2.12 14.49
N ILE A 88 2.35 -1.89 13.61
CA ILE A 88 2.58 -0.59 13.01
C ILE A 88 1.94 -0.58 11.63
N MET A 89 1.08 0.40 11.38
N MET A 89 1.07 0.39 11.38
CA MET A 89 0.28 0.47 10.17
CA MET A 89 0.30 0.43 10.15
C MET A 89 0.68 1.70 9.36
C MET A 89 0.64 1.70 9.36
N PHE A 90 0.71 1.55 8.03
CA PHE A 90 0.95 2.68 7.13
C PHE A 90 0.11 2.48 5.88
N ASP A 91 0.18 3.46 4.98
CA ASP A 91 -0.70 3.58 3.82
C ASP A 91 0.13 3.45 2.55
N VAL A 92 -0.07 2.35 1.80
CA VAL A 92 0.70 2.18 0.57
C VAL A 92 0.32 3.19 -0.51
N THR A 93 -0.76 3.94 -0.31
CA THR A 93 -1.14 5.03 -1.20
C THR A 93 -0.69 6.39 -0.68
N SER A 94 0.09 6.43 0.40
CA SER A 94 0.51 7.67 1.04
C SER A 94 1.97 7.54 1.46
N ARG A 95 2.86 8.20 0.73
CA ARG A 95 4.29 8.14 1.05
C ARG A 95 4.57 8.71 2.43
N VAL A 96 3.80 9.72 2.86
CA VAL A 96 4.10 10.38 4.12
C VAL A 96 3.81 9.46 5.32
N THR A 97 2.88 8.51 5.16
CA THR A 97 2.60 7.59 6.26
C THR A 97 3.74 6.58 6.42
N TYR A 98 4.41 6.19 5.34
CA TYR A 98 5.55 5.31 5.47
C TYR A 98 6.77 6.04 5.99
N LYS A 99 6.93 7.32 5.64
CA LYS A 99 8.06 8.10 6.14
C LYS A 99 8.01 8.23 7.66
N ASN A 100 6.81 8.20 8.24
CA ASN A 100 6.64 8.37 9.68
C ASN A 100 6.73 7.05 10.46
N VAL A 101 6.87 5.92 9.76
CA VAL A 101 6.98 4.64 10.47
C VAL A 101 8.15 4.60 11.44
N PRO A 102 9.35 5.09 11.11
CA PRO A 102 10.42 5.10 12.13
C PRO A 102 10.11 5.96 13.34
N ASN A 103 9.22 6.95 13.20
CA ASN A 103 8.81 7.73 14.36
C ASN A 103 7.92 6.90 15.28
N TRP A 104 6.92 6.23 14.71
CA TRP A 104 6.06 5.35 15.50
C TRP A 104 6.88 4.24 16.16
N HIS A 105 7.78 3.60 15.41
CA HIS A 105 8.59 2.53 15.98
C HIS A 105 9.50 3.04 17.08
N ARG A 106 10.01 4.27 16.94
CA ARG A 106 10.91 4.82 17.96
C ARG A 106 10.19 5.01 19.29
N ASP A 107 8.97 5.56 19.25
CA ASP A 107 8.21 5.73 20.49
C ASP A 107 7.83 4.37 21.08
N LEU A 108 7.59 3.38 20.22
CA LEU A 108 7.05 2.11 20.69
C LEU A 108 8.13 1.26 21.37
N VAL A 109 9.34 1.24 20.84
CA VAL A 109 10.39 0.37 21.39
C VAL A 109 11.19 1.13 22.44
N ARG A 110 10.70 2.28 22.88
CA ARG A 110 11.23 2.91 24.07
C ARG A 110 10.45 2.52 25.32
N VAL A 111 9.21 2.08 25.16
CA VAL A 111 8.39 1.57 26.25
C VAL A 111 8.42 0.04 26.31
N CYS A 112 8.21 -0.62 25.16
CA CYS A 112 8.27 -2.07 25.05
C CYS A 112 9.44 -2.42 24.13
N GLU A 113 10.53 -2.91 24.72
CA GLU A 113 11.81 -2.94 24.03
C GLU A 113 12.24 -4.33 23.57
N ASN A 114 11.35 -5.33 23.66
CA ASN A 114 11.57 -6.59 22.96
C ASN A 114 10.26 -7.38 22.82
N ILE A 115 9.25 -6.74 22.24
CA ILE A 115 7.97 -7.39 21.97
C ILE A 115 7.86 -7.65 20.46
N PRO A 116 7.18 -8.71 20.04
CA PRO A 116 7.02 -8.94 18.59
C PRO A 116 6.12 -7.88 17.96
N ILE A 117 6.60 -7.29 16.87
CA ILE A 117 5.90 -6.20 16.18
C ILE A 117 5.66 -6.62 14.74
N VAL A 118 4.50 -6.26 14.22
CA VAL A 118 4.15 -6.46 12.81
C VAL A 118 4.01 -5.10 12.14
N LEU A 119 4.57 -4.99 10.93
CA LEU A 119 4.42 -3.79 10.12
C LEU A 119 3.48 -4.13 8.96
N CYS A 120 2.45 -3.31 8.78
CA CYS A 120 1.40 -3.58 7.80
C CYS A 120 1.26 -2.42 6.84
N GLY A 121 1.34 -2.73 5.54
CA GLY A 121 0.96 -1.79 4.51
C GLY A 121 -0.45 -2.04 4.06
N ASN A 122 -1.36 -1.14 4.41
CA ASN A 122 -2.77 -1.34 4.14
C ASN A 122 -3.15 -0.77 2.78
N LYS A 123 -4.31 -1.19 2.29
CA LYS A 123 -4.96 -0.65 1.08
C LYS A 123 -4.19 -1.02 -0.19
N VAL A 124 -3.67 -2.25 -0.25
CA VAL A 124 -3.13 -2.75 -1.50
C VAL A 124 -4.22 -3.01 -2.53
N ASP A 125 -5.49 -2.92 -2.12
CA ASP A 125 -6.61 -3.05 -3.04
C ASP A 125 -6.68 -1.90 -4.04
N ILE A 126 -6.12 -0.73 -3.69
CA ILE A 126 -6.18 0.44 -4.54
C ILE A 126 -5.14 0.32 -5.65
N LYS A 127 -5.56 0.63 -6.89
CA LYS A 127 -4.69 0.46 -8.04
C LYS A 127 -3.47 1.39 -7.97
N ASP A 128 -3.69 2.67 -7.73
CA ASP A 128 -2.63 3.68 -7.77
C ASP A 128 -1.79 3.60 -6.51
N ARG A 129 -0.97 2.54 -6.44
CA ARG A 129 -0.12 2.30 -5.28
C ARG A 129 1.10 3.21 -5.36
N LYS A 130 1.35 3.96 -4.27
CA LYS A 130 2.39 4.97 -4.26
C LYS A 130 3.65 4.55 -3.53
N VAL A 131 3.58 3.58 -2.63
CA VAL A 131 4.74 3.08 -1.90
C VAL A 131 5.04 1.69 -2.46
N LYS A 132 6.03 1.59 -3.32
CA LYS A 132 6.30 0.35 -4.04
C LYS A 132 6.96 -0.68 -3.15
N ALA A 133 6.77 -1.95 -3.50
CA ALA A 133 7.19 -3.06 -2.65
C ALA A 133 8.69 -3.02 -2.37
N LYS A 134 9.46 -2.77 -3.38
CA LYS A 134 10.88 -2.73 -3.28
C LYS A 134 11.40 -1.58 -2.45
N SER A 135 10.58 -0.60 -2.17
CA SER A 135 10.96 0.53 -1.35
C SER A 135 10.76 0.27 0.14
N ILE A 136 9.90 -0.68 0.50
CA ILE A 136 9.59 -0.97 1.90
C ILE A 136 10.69 -1.88 2.46
N VAL A 137 11.55 -1.32 3.32
CA VAL A 137 12.71 -2.05 3.81
C VAL A 137 12.93 -1.82 5.30
N PHE A 138 12.16 -0.91 5.90
CA PHE A 138 12.43 -0.50 7.27
C PHE A 138 12.37 -1.66 8.25
N HIS A 139 11.57 -2.68 7.95
CA HIS A 139 11.38 -3.80 8.86
C HIS A 139 12.59 -4.72 8.96
N ARG A 140 13.57 -4.60 8.05
CA ARG A 140 14.64 -5.59 7.97
C ARG A 140 15.58 -5.48 9.17
N LYS A 141 16.13 -4.30 9.40
CA LYS A 141 17.07 -4.14 10.51
C LYS A 141 16.38 -4.07 11.87
N LYS A 142 15.11 -3.68 11.92
CA LYS A 142 14.37 -3.62 13.18
C LYS A 142 13.68 -4.94 13.53
N ASN A 143 13.91 -6.00 12.73
CA ASN A 143 13.41 -7.34 13.02
C ASN A 143 11.88 -7.37 13.11
N LEU A 144 11.22 -6.61 12.25
CA LEU A 144 9.76 -6.60 12.18
C LEU A 144 9.28 -7.53 11.07
N GLN A 145 8.12 -8.15 11.30
CA GLN A 145 7.45 -8.95 10.29
C GLN A 145 6.53 -8.05 9.48
N TYR A 146 6.57 -8.21 8.16
CA TYR A 146 5.83 -7.32 7.25
C TYR A 146 4.78 -8.09 6.48
N TYR A 147 3.64 -7.42 6.24
CA TYR A 147 2.54 -7.99 5.46
C TYR A 147 1.88 -6.89 4.63
N ASP A 148 1.68 -7.17 3.34
CA ASP A 148 0.77 -6.37 2.53
C ASP A 148 -0.65 -6.79 2.89
N ILE A 149 -1.45 -5.85 3.39
CA ILE A 149 -2.82 -6.16 3.78
C ILE A 149 -3.79 -5.17 3.14
N SER A 150 -5.06 -5.57 3.12
CA SER A 150 -6.15 -4.68 2.72
C SER A 150 -7.37 -5.07 3.53
N ALA A 151 -7.91 -4.12 4.30
CA ALA A 151 -9.13 -4.38 5.04
C ALA A 151 -10.36 -4.41 4.16
N LYS A 152 -10.26 -3.89 2.92
CA LYS A 152 -11.42 -3.85 2.05
C LYS A 152 -11.61 -5.18 1.30
N SER A 153 -10.53 -5.76 0.79
CA SER A 153 -10.61 -7.05 0.10
C SER A 153 -10.24 -8.21 0.99
N ASN A 154 -9.90 -7.96 2.26
CA ASN A 154 -9.49 -9.00 3.21
C ASN A 154 -8.23 -9.72 2.77
N TYR A 155 -7.39 -9.05 1.98
CA TYR A 155 -6.12 -9.64 1.56
C TYR A 155 -5.16 -9.68 2.75
N ASN A 156 -4.71 -10.87 3.12
CA ASN A 156 -3.76 -11.09 4.22
C ASN A 156 -4.28 -10.56 5.55
N PHE A 157 -5.60 -10.41 5.70
CA PHE A 157 -6.12 -9.71 6.87
C PHE A 157 -6.01 -10.54 8.15
N GLU A 158 -5.76 -11.85 8.04
CA GLU A 158 -5.55 -12.69 9.21
C GLU A 158 -4.07 -12.92 9.53
N LYS A 159 -3.17 -12.63 8.59
CA LYS A 159 -1.75 -12.92 8.78
C LYS A 159 -1.14 -12.21 9.98
N PRO A 160 -1.36 -10.90 10.21
CA PRO A 160 -0.71 -10.26 11.37
C PRO A 160 -1.05 -10.91 12.70
N PHE A 161 -2.30 -11.35 12.87
CA PHE A 161 -2.69 -11.96 14.14
C PHE A 161 -2.16 -13.38 14.28
N LEU A 162 -2.17 -14.15 13.18
CA LEU A 162 -1.64 -15.51 13.22
C LEU A 162 -0.15 -15.50 13.56
N TRP A 163 0.59 -14.51 13.06
CA TRP A 163 2.02 -14.43 13.34
C TRP A 163 2.27 -14.07 14.79
N LEU A 164 1.58 -13.06 15.30
CA LEU A 164 1.71 -12.70 16.71
C LEU A 164 1.26 -13.86 17.61
N ALA A 165 0.20 -14.57 17.21
CA ALA A 165 -0.25 -15.71 17.99
C ALA A 165 0.83 -16.79 18.08
N ARG A 166 1.57 -16.99 16.99
CA ARG A 166 2.59 -18.02 16.98
C ARG A 166 3.81 -17.63 17.81
N LYS A 167 4.08 -16.33 17.93
CA LYS A 167 5.22 -15.89 18.74
C LYS A 167 4.89 -15.89 20.23
N LEU A 168 3.71 -15.41 20.61
CA LEU A 168 3.35 -15.31 22.02
C LEU A 168 3.04 -16.66 22.66
N ILE A 169 2.42 -17.58 21.91
CA ILE A 169 2.18 -18.91 22.45
C ILE A 169 3.46 -19.74 22.38
N GLY A 170 4.28 -19.54 21.37
CA GLY A 170 5.54 -20.24 21.26
C GLY A 170 5.54 -21.46 20.37
N ASP A 171 4.48 -21.67 19.60
CA ASP A 171 4.45 -22.81 18.69
C ASP A 171 4.41 -22.30 17.26
N PRO A 172 5.43 -22.55 16.45
CA PRO A 172 5.42 -22.11 15.05
C PRO A 172 4.35 -22.81 14.20
N ASN A 173 3.75 -23.89 14.69
CA ASN A 173 2.78 -24.66 13.91
C ASN A 173 1.34 -24.41 14.36
N LEU A 174 1.10 -23.34 15.10
CA LEU A 174 -0.25 -22.97 15.50
C LEU A 174 -1.06 -22.56 14.27
N GLU A 175 -2.37 -22.85 14.32
CA GLU A 175 -3.24 -22.60 13.17
C GLU A 175 -4.63 -22.24 13.67
N PHE A 176 -5.35 -21.47 12.85
CA PHE A 176 -6.75 -21.15 13.13
C PHE A 176 -7.64 -22.31 12.71
N VAL A 177 -8.62 -22.63 13.55
CA VAL A 177 -9.48 -23.79 13.33
C VAL A 177 -10.94 -23.38 13.47
N ALA A 178 -11.83 -24.31 13.14
CA ALA A 178 -13.25 -24.02 13.03
C ALA A 178 -13.93 -24.19 14.39
N MET A 179 -14.61 -23.13 14.81
CA MET A 179 -15.50 -23.21 15.95
C MET A 179 -16.47 -24.38 15.75
N PRO A 180 -16.84 -25.09 16.81
CA PRO A 180 -17.95 -26.04 16.70
C PRO A 180 -19.28 -25.31 16.69
N ALA A 181 -20.21 -25.85 15.90
CA ALA A 181 -21.49 -25.20 15.64
C ALA A 181 -22.56 -25.80 16.54
N LEU A 182 -22.97 -25.05 17.56
CA LEU A 182 -24.12 -25.44 18.36
C LEU A 182 -25.36 -25.57 17.47
N ALA A 183 -26.22 -26.51 17.80
CA ALA A 183 -27.45 -26.68 17.05
C ALA A 183 -28.33 -25.44 17.23
N PRO A 184 -28.92 -24.92 16.16
CA PRO A 184 -29.68 -23.67 16.26
C PRO A 184 -31.07 -23.92 16.83
N PRO A 185 -31.60 -23.00 17.61
CA PRO A 185 -32.96 -23.12 18.15
C PRO A 185 -33.97 -23.28 17.07
N GLU A 186 -35.28 -23.27 17.37
CA GLU A 186 -36.36 -23.39 16.37
C GLU A 186 -37.59 -22.59 16.74
N LEU A 193 -47.79 -11.05 17.07
CA LEU A 193 -47.35 -9.93 17.86
C LEU A 193 -46.15 -9.28 17.24
N ALA A 194 -45.71 -9.84 16.12
CA ALA A 194 -44.58 -9.33 15.35
C ALA A 194 -45.10 -8.90 14.01
N ALA A 195 -44.96 -7.60 13.77
CA ALA A 195 -45.37 -6.93 12.56
C ALA A 195 -44.43 -5.81 12.35
N GLN A 196 -43.63 -5.53 13.36
CA GLN A 196 -42.62 -4.50 13.24
C GLN A 196 -41.39 -5.10 12.54
N TYR A 197 -41.47 -6.40 12.27
CA TYR A 197 -40.46 -7.13 11.58
C TYR A 197 -40.79 -7.03 10.12
N GLU A 198 -42.05 -6.79 9.77
CA GLU A 198 -42.38 -6.67 8.36
C GLU A 198 -42.38 -5.23 7.94
N HIS A 199 -41.94 -4.37 8.84
CA HIS A 199 -41.86 -2.97 8.58
C HIS A 199 -40.42 -2.79 8.37
N ASP A 200 -39.63 -3.19 9.34
CA ASP A 200 -38.21 -3.03 9.16
C ASP A 200 -37.74 -3.95 8.06
N LEU A 201 -38.53 -4.95 7.70
CA LEU A 201 -38.10 -5.71 6.54
C LEU A 201 -38.16 -4.87 5.27
N GLU A 202 -39.33 -4.29 4.99
CA GLU A 202 -39.50 -3.65 3.68
C GLU A 202 -38.58 -2.45 3.52
N VAL A 203 -38.28 -1.75 4.63
CA VAL A 203 -37.25 -0.72 4.59
C VAL A 203 -35.91 -1.32 4.20
N ALA A 204 -35.64 -2.57 4.57
CA ALA A 204 -34.41 -3.23 4.15
C ALA A 204 -34.44 -3.52 2.65
N GLN A 205 -35.60 -3.85 2.09
CA GLN A 205 -35.69 -4.03 0.65
C GLN A 205 -35.52 -2.72 -0.10
N THR A 206 -35.95 -1.59 0.48
CA THR A 206 -35.79 -0.30 -0.18
C THR A 206 -34.33 0.16 -0.23
N THR A 207 -33.48 -0.36 0.65
CA THR A 207 -32.09 0.09 0.75
C THR A 207 -31.21 -0.81 -0.11
N ALA A 208 -30.49 -0.20 -1.06
CA ALA A 208 -29.63 -0.97 -1.95
C ALA A 208 -28.43 -1.52 -1.20
N LEU A 209 -28.01 -2.73 -1.58
CA LEU A 209 -26.82 -3.32 -0.99
C LEU A 209 -25.58 -2.60 -1.48
N PRO A 210 -24.60 -2.37 -0.61
CA PRO A 210 -23.41 -1.62 -1.02
C PRO A 210 -22.49 -2.47 -1.90
N ASP A 211 -21.72 -1.77 -2.73
CA ASP A 211 -20.69 -2.38 -3.59
C ASP A 211 -21.29 -3.45 -4.51
N GLU A 212 -22.30 -3.05 -5.28
CA GLU A 212 -22.97 -3.98 -6.18
C GLU A 212 -22.09 -4.41 -7.35
N ASP A 213 -20.99 -3.76 -7.56
CA ASP A 213 -20.11 -4.06 -8.66
C ASP A 213 -19.05 -5.11 -8.30
N ASP A 214 -18.70 -5.19 -7.02
CA ASP A 214 -17.75 -6.14 -6.53
C ASP A 214 -18.07 -7.48 -7.05
N ASP A 215 -17.12 -8.38 -7.02
CA ASP A 215 -17.33 -9.71 -7.58
C ASP A 215 -18.24 -10.55 -6.75
N LEU A 216 -18.31 -10.23 -5.49
CA LEU A 216 -19.15 -10.98 -4.59
C LEU A 216 -19.53 -10.07 -3.45
N GLU B 20 -20.11 -32.59 12.01
CA GLU B 20 -20.07 -33.58 10.94
C GLU B 20 -21.08 -34.68 11.19
N ASP B 21 -21.96 -34.47 12.17
CA ASP B 21 -23.16 -35.29 12.33
C ASP B 21 -24.27 -34.87 11.38
N GLU B 22 -23.93 -34.13 10.33
CA GLU B 22 -24.86 -33.64 9.33
C GLU B 22 -24.40 -34.08 7.95
N GLU B 23 -25.26 -33.81 6.96
CA GLU B 23 -24.94 -34.04 5.55
C GLU B 23 -25.13 -32.72 4.80
N VAL B 24 -24.29 -32.50 3.80
CA VAL B 24 -24.27 -31.25 3.05
C VAL B 24 -25.27 -31.36 1.90
N LEU B 25 -26.38 -30.64 2.01
CA LEU B 25 -27.35 -30.60 0.92
C LEU B 25 -26.86 -29.73 -0.22
N TYR B 26 -26.28 -28.58 0.10
CA TYR B 26 -25.92 -27.58 -0.89
C TYR B 26 -24.83 -26.70 -0.33
N LYS B 27 -23.91 -26.28 -1.20
CA LYS B 27 -22.81 -25.41 -0.82
C LYS B 27 -22.68 -24.31 -1.86
N VAL B 28 -22.46 -23.08 -1.41
CA VAL B 28 -22.37 -21.94 -2.32
C VAL B 28 -21.51 -20.86 -1.69
N ARG B 29 -20.74 -20.18 -2.54
CA ARG B 29 -19.97 -19.02 -2.11
C ARG B 29 -20.89 -17.80 -2.04
N ALA B 30 -20.84 -17.08 -0.92
CA ALA B 30 -21.76 -15.98 -0.72
C ALA B 30 -21.19 -15.00 0.29
N LYS B 31 -21.78 -13.81 0.33
CA LYS B 31 -21.41 -12.75 1.26
C LYS B 31 -22.68 -12.29 1.95
N LEU B 32 -22.66 -12.31 3.28
CA LEU B 32 -23.86 -12.09 4.09
C LEU B 32 -23.86 -10.70 4.70
N PHE B 33 -25.02 -10.04 4.66
CA PHE B 33 -25.21 -8.71 5.21
C PHE B 33 -26.25 -8.74 6.33
N ARG B 34 -26.08 -7.85 7.30
N ARG B 34 -26.07 -7.86 7.31
CA ARG B 34 -27.11 -7.61 8.32
CA ARG B 34 -27.06 -7.58 8.33
C ARG B 34 -27.51 -6.14 8.26
C ARG B 34 -27.52 -6.14 8.16
N PHE B 35 -28.81 -5.90 8.41
CA PHE B 35 -29.37 -4.56 8.29
C PHE B 35 -29.40 -3.90 9.65
N ASP B 36 -28.72 -2.75 9.77
CA ASP B 36 -28.75 -1.93 10.97
C ASP B 36 -29.95 -1.00 10.85
N ALA B 37 -31.03 -1.37 11.53
CA ALA B 37 -32.25 -0.57 11.51
C ALA B 37 -31.98 0.89 11.87
N ASP B 38 -31.56 1.10 13.12
CA ASP B 38 -31.26 2.44 13.59
C ASP B 38 -30.08 3.05 12.84
N ALA B 39 -30.21 3.14 11.52
CA ALA B 39 -29.16 3.70 10.68
C ALA B 39 -29.55 3.65 9.20
N LYS B 40 -30.31 2.63 8.83
CA LYS B 40 -30.76 2.47 7.45
C LYS B 40 -29.58 2.15 6.53
N GLU B 41 -28.65 1.34 7.03
CA GLU B 41 -27.51 0.97 6.28
C GLU B 41 -27.36 -0.50 6.42
N TRP B 42 -26.84 -1.10 5.40
CA TRP B 42 -26.45 -2.50 5.42
C TRP B 42 -25.01 -2.62 5.89
N LYS B 43 -24.71 -3.71 6.58
CA LYS B 43 -23.38 -3.96 7.10
C LYS B 43 -22.95 -5.38 6.77
N GLU B 44 -21.75 -5.53 6.21
CA GLU B 44 -21.21 -6.85 5.95
C GLU B 44 -21.10 -7.64 7.24
N ARG B 45 -21.35 -8.95 7.15
CA ARG B 45 -21.21 -9.84 8.29
C ARG B 45 -20.28 -11.01 8.02
N GLY B 46 -20.07 -11.38 6.76
CA GLY B 46 -19.19 -12.49 6.46
C GLY B 46 -19.13 -12.88 5.00
N THR B 47 -17.95 -13.33 4.57
CA THR B 47 -17.74 -13.86 3.24
C THR B 47 -17.15 -15.26 3.38
N GLY B 48 -17.76 -16.23 2.70
CA GLY B 48 -17.28 -17.60 2.79
C GLY B 48 -18.28 -18.56 2.17
N ASP B 49 -18.12 -19.84 2.52
CA ASP B 49 -18.95 -20.91 1.98
C ASP B 49 -20.23 -21.02 2.80
N CYS B 50 -21.37 -20.84 2.14
CA CYS B 50 -22.67 -21.04 2.76
C CYS B 50 -23.13 -22.47 2.48
N LYS B 51 -23.46 -23.19 3.56
CA LYS B 51 -23.81 -24.60 3.48
C LYS B 51 -25.20 -24.83 4.07
N PHE B 52 -25.95 -25.74 3.43
CA PHE B 52 -27.22 -26.25 3.95
C PHE B 52 -26.93 -27.59 4.62
N LEU B 53 -27.05 -27.64 5.96
CA LEU B 53 -26.69 -28.83 6.73
C LEU B 53 -27.95 -29.49 7.27
N LYS B 54 -28.21 -30.73 6.84
CA LYS B 54 -29.30 -31.53 7.37
C LYS B 54 -28.74 -32.55 8.37
N ASN B 55 -29.27 -32.52 9.58
CA ASN B 55 -28.82 -33.42 10.64
C ASN B 55 -29.33 -34.85 10.36
N LYS B 56 -28.44 -35.83 10.50
CA LYS B 56 -28.82 -37.22 10.23
C LYS B 56 -29.74 -37.77 11.32
N LYS B 57 -29.72 -37.19 12.53
CA LYS B 57 -30.55 -37.69 13.62
C LYS B 57 -31.95 -37.10 13.58
N THR B 58 -32.07 -35.79 13.34
CA THR B 58 -33.34 -35.08 13.41
C THR B 58 -33.86 -34.60 12.06
N ASN B 59 -33.13 -34.82 10.97
CA ASN B 59 -33.53 -34.48 9.62
C ASN B 59 -33.89 -33.01 9.43
N LYS B 60 -33.59 -32.15 10.42
CA LYS B 60 -33.78 -30.72 10.26
C LYS B 60 -32.58 -30.11 9.53
N VAL B 61 -32.85 -29.13 8.68
CA VAL B 61 -31.83 -28.45 7.88
C VAL B 61 -31.60 -27.06 8.46
N ARG B 62 -30.36 -26.60 8.40
CA ARG B 62 -29.99 -25.30 8.95
C ARG B 62 -29.05 -24.57 8.00
N ILE B 63 -28.78 -23.31 8.33
CA ILE B 63 -27.79 -22.49 7.65
C ILE B 63 -26.57 -22.35 8.55
N LEU B 64 -25.41 -22.76 8.05
CA LEU B 64 -24.15 -22.49 8.71
C LEU B 64 -23.17 -21.93 7.69
N MET B 65 -22.68 -20.73 7.94
CA MET B 65 -21.76 -20.05 7.05
C MET B 65 -20.56 -19.56 7.85
N ARG B 66 -19.37 -19.93 7.40
CA ARG B 66 -18.12 -19.54 8.04
C ARG B 66 -17.37 -18.54 7.16
N ARG B 67 -16.67 -17.62 7.80
CA ARG B 67 -15.89 -16.63 7.07
C ARG B 67 -14.52 -17.19 6.70
N ASP B 68 -14.02 -16.73 5.55
CA ASP B 68 -12.77 -17.27 5.01
C ASP B 68 -11.60 -17.00 5.96
N LYS B 69 -10.72 -18.00 6.06
CA LYS B 69 -9.43 -17.91 6.75
C LYS B 69 -9.56 -17.88 8.27
N THR B 70 -10.33 -16.95 8.82
CA THR B 70 -10.55 -16.98 10.27
C THR B 70 -11.53 -18.07 10.68
N LEU B 71 -12.39 -18.53 9.77
CA LEU B 71 -13.29 -19.66 10.00
C LEU B 71 -14.28 -19.39 11.12
N LYS B 72 -14.64 -18.12 11.31
CA LYS B 72 -15.64 -17.76 12.30
C LYS B 72 -17.03 -17.80 11.68
N ILE B 73 -17.98 -18.31 12.47
CA ILE B 73 -19.38 -18.41 12.03
C ILE B 73 -19.99 -17.01 12.02
N CYS B 74 -20.69 -16.69 10.92
CA CYS B 74 -21.47 -15.47 10.84
C CYS B 74 -22.93 -15.73 10.55
N ALA B 75 -23.34 -16.99 10.41
CA ALA B 75 -24.72 -17.36 10.16
C ALA B 75 -24.95 -18.77 10.69
N ASN B 76 -25.93 -18.92 11.59
CA ASN B 76 -26.23 -20.23 12.17
C ASN B 76 -27.69 -20.22 12.63
N HIS B 77 -28.58 -20.71 11.78
CA HIS B 77 -30.00 -20.70 12.07
C HIS B 77 -30.70 -21.81 11.30
N ILE B 78 -31.90 -22.14 11.75
CA ILE B 78 -32.74 -23.14 11.10
C ILE B 78 -33.45 -22.50 9.92
N ILE B 79 -33.44 -23.18 8.78
CA ILE B 79 -34.23 -22.75 7.63
C ILE B 79 -35.70 -22.92 7.95
N ALA B 80 -36.27 -21.96 8.64
CA ALA B 80 -37.67 -22.09 9.03
C ALA B 80 -38.57 -21.99 7.80
N PRO B 81 -39.61 -22.81 7.72
CA PRO B 81 -40.56 -22.71 6.61
C PRO B 81 -41.42 -21.44 6.65
N GLU B 82 -41.30 -20.63 7.70
CA GLU B 82 -42.02 -19.37 7.78
C GLU B 82 -41.31 -18.26 7.00
N TYR B 83 -40.00 -18.37 6.82
CA TYR B 83 -39.21 -17.32 6.20
C TYR B 83 -39.54 -17.17 4.71
N THR B 84 -39.45 -15.94 4.22
CA THR B 84 -39.79 -15.61 2.83
C THR B 84 -38.61 -14.91 2.18
N LEU B 85 -38.22 -15.39 1.00
CA LEU B 85 -37.12 -14.79 0.24
C LEU B 85 -37.67 -13.71 -0.69
N LYS B 86 -37.25 -12.46 -0.46
CA LYS B 86 -37.65 -11.34 -1.29
C LYS B 86 -36.45 -10.58 -1.82
N PRO B 87 -36.52 -10.12 -3.07
CA PRO B 87 -35.33 -9.52 -3.69
C PRO B 87 -35.07 -8.12 -3.16
N ASN B 88 -33.85 -7.66 -3.40
CA ASN B 88 -33.42 -6.32 -3.05
C ASN B 88 -33.58 -5.39 -4.26
N VAL B 89 -33.77 -4.11 -3.98
CA VAL B 89 -34.10 -3.15 -5.05
C VAL B 89 -32.98 -3.08 -6.07
N GLY B 90 -31.72 -3.09 -5.63
CA GLY B 90 -30.62 -2.91 -6.55
C GLY B 90 -29.74 -4.13 -6.73
N SER B 91 -30.33 -5.30 -6.88
CA SER B 91 -29.54 -6.52 -7.04
C SER B 91 -30.40 -7.63 -7.62
N ASP B 92 -29.96 -8.18 -8.75
CA ASP B 92 -30.56 -9.35 -9.39
C ASP B 92 -30.02 -10.66 -8.82
N ARG B 93 -29.06 -10.59 -7.89
CA ARG B 93 -28.37 -11.77 -7.39
C ARG B 93 -28.34 -11.76 -5.86
N SER B 94 -29.42 -11.31 -5.24
CA SER B 94 -29.48 -11.22 -3.79
C SER B 94 -30.88 -11.54 -3.30
N TRP B 95 -30.96 -12.07 -2.09
CA TRP B 95 -32.22 -12.31 -1.40
C TRP B 95 -32.17 -11.66 -0.03
N VAL B 96 -33.34 -11.22 0.45
CA VAL B 96 -33.48 -10.63 1.77
C VAL B 96 -34.56 -11.40 2.52
N TYR B 97 -34.31 -11.68 3.80
CA TYR B 97 -35.30 -12.33 4.63
C TYR B 97 -35.06 -11.98 6.09
N ALA B 98 -36.14 -11.92 6.86
CA ALA B 98 -36.05 -11.71 8.29
C ALA B 98 -35.77 -13.02 9.00
N CYS B 99 -34.85 -12.98 9.96
CA CYS B 99 -34.48 -14.14 10.76
C CYS B 99 -34.76 -13.83 12.22
N THR B 100 -35.27 -14.82 12.96
CA THR B 100 -35.69 -14.60 14.34
C THR B 100 -34.80 -15.27 15.37
N ALA B 101 -34.11 -16.36 15.02
CA ALA B 101 -33.27 -17.10 15.97
C ALA B 101 -31.96 -17.48 15.26
N ASP B 102 -30.97 -16.60 15.34
CA ASP B 102 -29.65 -16.86 14.79
C ASP B 102 -28.63 -16.88 15.93
N ILE B 103 -27.85 -17.95 16.02
CA ILE B 103 -26.84 -18.07 17.06
C ILE B 103 -25.44 -18.11 16.47
N ALA B 104 -24.96 -17.01 15.91
CA ALA B 104 -23.65 -17.03 15.30
C ALA B 104 -22.65 -16.46 16.24
N GLU B 105 -23.04 -15.38 16.89
CA GLU B 105 -22.27 -14.76 17.92
C GLU B 105 -23.23 -15.42 18.81
N GLY B 106 -22.94 -15.66 20.08
CA GLY B 106 -23.89 -16.39 20.89
C GLY B 106 -25.15 -15.65 21.24
N GLU B 107 -26.25 -16.33 21.48
CA GLU B 107 -27.44 -15.57 21.85
C GLU B 107 -28.24 -15.48 20.55
N ALA B 108 -29.33 -16.23 20.49
CA ALA B 108 -30.18 -16.25 19.30
C ALA B 108 -31.04 -14.99 19.22
N GLU B 109 -30.61 -14.04 18.39
CA GLU B 109 -31.33 -12.79 18.22
C GLU B 109 -31.86 -12.65 16.80
N ALA B 110 -32.92 -11.84 16.65
CA ALA B 110 -33.53 -11.63 15.35
C ALA B 110 -32.67 -10.68 14.51
N PHE B 111 -32.45 -11.05 13.25
CA PHE B 111 -31.76 -10.23 12.28
C PHE B 111 -32.56 -10.21 10.98
N THR B 112 -32.42 -9.13 10.23
CA THR B 112 -32.91 -9.07 8.85
C THR B 112 -31.68 -9.17 7.94
N PHE B 113 -31.61 -10.27 7.19
CA PHE B 113 -30.38 -10.67 6.50
C PHE B 113 -30.51 -10.43 5.00
N ALA B 114 -29.40 -10.05 4.39
CA ALA B 114 -29.24 -10.10 2.94
C ALA B 114 -28.08 -11.01 2.61
N ILE B 115 -28.20 -11.76 1.51
CA ILE B 115 -27.16 -12.66 1.06
C ILE B 115 -27.01 -12.50 -0.44
N ARG B 116 -25.77 -12.34 -0.90
CA ARG B 116 -25.48 -12.11 -2.31
C ARG B 116 -24.50 -13.16 -2.80
N PHE B 117 -24.64 -13.50 -4.08
CA PHE B 117 -23.86 -14.56 -4.72
C PHE B 117 -23.14 -13.99 -5.94
N GLY B 118 -22.32 -14.83 -6.56
CA GLY B 118 -21.50 -14.39 -7.68
C GLY B 118 -22.27 -14.13 -8.96
N SER B 119 -23.52 -14.58 -9.05
CA SER B 119 -24.25 -14.49 -10.30
C SER B 119 -25.75 -14.65 -10.02
N LYS B 120 -26.55 -14.36 -11.05
CA LYS B 120 -27.98 -14.60 -10.96
C LYS B 120 -28.31 -16.08 -11.04
N GLU B 121 -27.42 -16.89 -11.63
CA GLU B 121 -27.64 -18.33 -11.67
C GLU B 121 -27.57 -18.94 -10.28
N ASN B 122 -26.60 -18.52 -9.46
CA ASN B 122 -26.44 -19.07 -8.12
C ASN B 122 -27.54 -18.59 -7.20
N ALA B 123 -27.92 -17.31 -7.31
CA ALA B 123 -28.99 -16.77 -6.47
C ALA B 123 -30.32 -17.45 -6.77
N ASP B 124 -30.52 -17.91 -8.01
CA ASP B 124 -31.72 -18.68 -8.33
C ASP B 124 -31.61 -20.10 -7.78
N LYS B 125 -30.46 -20.75 -7.99
CA LYS B 125 -30.25 -22.09 -7.46
C LYS B 125 -30.33 -22.11 -5.94
N PHE B 126 -29.87 -21.04 -5.29
CA PHE B 126 -30.06 -20.92 -3.85
C PHE B 126 -31.54 -20.89 -3.49
N LYS B 127 -32.34 -20.17 -4.28
CA LYS B 127 -33.75 -20.01 -3.93
C LYS B 127 -34.51 -21.32 -4.01
N GLU B 128 -34.10 -22.24 -4.89
CA GLU B 128 -34.79 -23.53 -4.96
C GLU B 128 -34.40 -24.43 -3.81
N GLU B 129 -33.10 -24.60 -3.57
CA GLU B 129 -32.64 -25.44 -2.47
C GLU B 129 -33.07 -24.89 -1.12
N PHE B 130 -33.24 -23.56 -1.03
CA PHE B 130 -33.78 -22.97 0.20
C PHE B 130 -35.24 -23.37 0.41
N GLU B 131 -36.00 -23.52 -0.67
CA GLU B 131 -37.39 -23.95 -0.55
C GLU B 131 -37.48 -25.46 -0.36
N LYS B 132 -36.61 -26.22 -1.04
CA LYS B 132 -36.61 -27.67 -0.87
C LYS B 132 -36.22 -28.05 0.56
N ALA B 133 -35.32 -27.27 1.16
CA ALA B 133 -34.96 -27.50 2.55
C ALA B 133 -36.08 -27.10 3.49
N GLN B 134 -36.90 -26.12 3.10
CA GLN B 134 -38.00 -25.67 3.95
C GLN B 134 -39.07 -26.74 4.07
N GLU B 135 -39.29 -27.53 3.02
CA GLU B 135 -40.27 -28.62 3.09
C GLU B 135 -39.81 -29.70 4.07
N ILE B 136 -38.63 -30.27 3.83
CA ILE B 136 -38.01 -31.29 4.66
C ILE B 136 -38.07 -30.89 6.13
N ASN B 137 -37.93 -29.60 6.40
CA ASN B 137 -37.82 -29.12 7.78
C ASN B 137 -39.09 -29.34 8.59
N LYS B 138 -40.24 -29.52 7.94
CA LYS B 138 -41.50 -29.65 8.66
C LYS B 138 -42.05 -31.07 8.72
N LYS B 139 -41.57 -31.97 7.87
CA LYS B 139 -41.97 -33.37 7.98
C LYS B 139 -41.52 -33.96 9.31
N ASP C 13 -6.51 20.85 46.23
CA ASP C 13 -5.66 20.20 45.26
C ASP C 13 -5.99 18.74 45.09
N LEU C 14 -5.09 18.08 44.38
CA LEU C 14 -5.16 16.69 43.96
C LEU C 14 -5.20 15.57 44.97
N ASP C 15 -6.19 14.70 44.82
CA ASP C 15 -6.38 13.53 45.65
C ASP C 15 -5.55 12.47 44.99
N ILE C 16 -4.33 12.41 45.38
CA ILE C 16 -3.40 11.56 44.65
C ILE C 16 -3.87 10.11 44.67
N ALA C 17 -4.41 9.65 45.80
CA ALA C 17 -4.88 8.27 45.89
C ALA C 17 -6.05 8.02 44.94
N LEU C 18 -6.88 9.04 44.68
CA LEU C 18 -7.91 8.91 43.65
C LEU C 18 -7.28 8.74 42.28
N LEU C 19 -6.21 9.50 42.00
CA LEU C 19 -5.53 9.38 40.73
C LEU C 19 -5.03 7.96 40.50
N ASP C 20 -4.32 7.40 41.48
CA ASP C 20 -3.76 6.05 41.36
C ASP C 20 -4.84 4.98 41.18
N GLN C 21 -6.11 5.32 41.37
CA GLN C 21 -7.19 4.40 41.04
C GLN C 21 -7.76 4.67 39.65
N VAL C 22 -7.84 5.94 39.25
CA VAL C 22 -8.19 6.25 37.86
C VAL C 22 -7.26 5.54 36.90
N VAL C 23 -5.95 5.65 37.15
CA VAL C 23 -4.97 5.07 36.24
C VAL C 23 -5.03 3.54 36.29
N SER C 24 -5.36 2.96 37.44
CA SER C 24 -5.43 1.50 37.53
C SER C 24 -6.71 0.95 36.90
N THR C 25 -7.82 1.67 37.03
CA THR C 25 -9.02 1.29 36.30
C THR C 25 -8.81 1.37 34.79
N PHE C 26 -7.89 2.24 34.36
CA PHE C 26 -7.65 2.42 32.93
C PHE C 26 -6.78 1.30 32.36
N TYR C 27 -5.66 1.00 33.01
CA TYR C 27 -4.74 0.01 32.48
C TYR C 27 -5.20 -1.43 32.74
N GLN C 28 -5.70 -1.70 33.95
CA GLN C 28 -6.05 -3.05 34.35
C GLN C 28 -7.55 -3.33 34.34
N GLY C 29 -8.38 -2.33 34.02
CA GLY C 29 -9.82 -2.49 34.05
C GLY C 29 -10.40 -2.92 32.71
N SER C 30 -11.72 -2.84 32.63
CA SER C 30 -12.45 -3.30 31.45
C SER C 30 -13.78 -2.57 31.35
N GLY C 31 -14.44 -2.75 30.21
CA GLY C 31 -15.79 -2.27 30.00
C GLY C 31 -15.93 -0.76 30.03
N VAL C 32 -17.15 -0.32 30.37
CA VAL C 32 -17.45 1.11 30.43
C VAL C 32 -16.63 1.78 31.52
N GLN C 33 -16.27 1.04 32.57
CA GLN C 33 -15.45 1.61 33.63
C GLN C 33 -14.10 2.08 33.10
N GLN C 34 -13.50 1.31 32.19
CA GLN C 34 -12.24 1.73 31.59
C GLN C 34 -12.46 2.88 30.61
N LYS C 35 -13.59 2.88 29.90
CA LYS C 35 -13.84 3.92 28.92
C LYS C 35 -14.06 5.28 29.57
N GLN C 36 -14.64 5.31 30.78
CA GLN C 36 -14.81 6.59 31.46
C GLN C 36 -13.50 7.06 32.08
N ALA C 37 -12.78 6.16 32.75
CA ALA C 37 -11.45 6.50 33.26
C ALA C 37 -10.53 6.95 32.14
N GLN C 38 -10.77 6.47 30.93
CA GLN C 38 -10.00 6.91 29.77
C GLN C 38 -10.23 8.40 29.52
N GLU C 39 -11.49 8.82 29.38
CA GLU C 39 -11.79 10.18 28.98
C GLU C 39 -11.51 11.21 30.08
N ILE C 40 -11.26 10.80 31.31
CA ILE C 40 -10.94 11.77 32.36
C ILE C 40 -9.43 11.82 32.55
N LEU C 41 -8.74 10.71 32.30
CA LEU C 41 -7.27 10.76 32.32
C LEU C 41 -6.73 11.61 31.19
N THR C 42 -7.41 11.64 30.05
CA THR C 42 -7.03 12.56 28.98
C THR C 42 -7.32 14.00 29.38
N LYS C 43 -8.46 14.23 30.05
CA LYS C 43 -8.80 15.59 30.49
C LYS C 43 -7.79 16.10 31.51
N PHE C 44 -7.30 15.21 32.38
CA PHE C 44 -6.26 15.62 33.33
C PHE C 44 -4.95 15.91 32.62
N GLN C 45 -4.64 15.16 31.57
CA GLN C 45 -3.35 15.31 30.90
C GLN C 45 -3.30 16.59 30.08
N ASP C 46 -4.42 16.98 29.46
CA ASP C 46 -4.44 18.13 28.57
C ASP C 46 -4.95 19.39 29.24
N ASN C 47 -5.16 19.37 30.56
CA ASN C 47 -5.31 20.62 31.29
C ASN C 47 -4.02 21.42 31.17
N PRO C 48 -4.08 22.69 30.77
CA PRO C 48 -2.83 23.42 30.47
C PRO C 48 -1.90 23.60 31.66
N ASP C 49 -2.39 23.52 32.89
CA ASP C 49 -1.56 23.75 34.06
C ASP C 49 -1.41 22.51 34.93
N ALA C 50 -1.66 21.31 34.36
CA ALA C 50 -1.43 20.08 35.10
C ALA C 50 0.05 19.82 35.35
N TRP C 51 0.94 20.45 34.59
CA TRP C 51 2.37 20.28 34.79
C TRP C 51 2.81 20.78 36.16
N GLN C 52 2.06 21.72 36.75
CA GLN C 52 2.41 22.23 38.07
C GLN C 52 2.22 21.16 39.13
N LYS C 53 1.31 20.21 38.91
CA LYS C 53 1.06 19.14 39.86
C LYS C 53 1.89 17.89 39.60
N ALA C 54 2.74 17.90 38.56
CA ALA C 54 3.72 16.84 38.39
C ALA C 54 4.75 16.85 39.50
N ASP C 55 4.87 17.98 40.22
CA ASP C 55 5.70 18.05 41.43
C ASP C 55 5.30 16.96 42.42
N GLN C 56 3.99 16.80 42.64
CA GLN C 56 3.50 15.92 43.69
C GLN C 56 3.50 14.46 43.26
N ILE C 57 3.00 14.18 42.05
CA ILE C 57 2.83 12.79 41.62
C ILE C 57 4.16 12.06 41.56
N LEU C 58 5.21 12.73 41.08
CA LEU C 58 6.50 12.07 40.92
C LEU C 58 7.12 11.64 42.25
N GLN C 59 6.73 12.27 43.35
CA GLN C 59 7.36 12.06 44.65
C GLN C 59 6.46 11.37 45.67
N PHE C 60 5.15 11.59 45.60
CA PHE C 60 4.22 11.00 46.55
C PHE C 60 3.65 9.65 46.09
N SER C 61 3.48 9.47 44.78
CA SER C 61 2.65 8.37 44.27
C SER C 61 3.33 7.02 44.46
N THR C 62 2.49 5.98 44.53
CA THR C 62 2.93 4.60 44.63
C THR C 62 2.79 3.85 43.31
N ASN C 63 2.14 4.45 42.31
CA ASN C 63 1.85 3.77 41.05
C ASN C 63 2.82 4.25 39.99
N PRO C 64 3.59 3.36 39.36
CA PRO C 64 4.51 3.81 38.31
C PRO C 64 3.80 4.32 37.06
N GLN C 65 2.60 3.83 36.78
CA GLN C 65 1.87 4.33 35.62
C GLN C 65 1.46 5.79 35.79
N SER C 66 1.19 6.22 37.03
CA SER C 66 0.92 7.62 37.27
C SER C 66 2.18 8.47 37.11
N LYS C 67 3.32 7.94 37.56
CA LYS C 67 4.58 8.64 37.36
C LYS C 67 4.96 8.70 35.89
N PHE C 68 4.54 7.71 35.09
CA PHE C 68 4.75 7.79 33.65
C PHE C 68 3.87 8.86 33.02
N ILE C 69 2.59 8.87 33.37
CA ILE C 69 1.67 9.86 32.82
C ILE C 69 2.11 11.27 33.20
N ALA C 70 2.60 11.45 34.42
CA ALA C 70 3.03 12.78 34.84
C ALA C 70 4.28 13.23 34.09
N LEU C 71 5.20 12.30 33.83
CA LEU C 71 6.36 12.63 33.00
C LEU C 71 5.92 12.97 31.57
N SER C 72 4.80 12.41 31.11
CA SER C 72 4.25 12.81 29.82
C SER C 72 3.80 14.27 29.84
N ILE C 73 3.12 14.67 30.92
CA ILE C 73 2.67 16.06 31.05
C ILE C 73 3.87 17.00 31.11
N LEU C 74 4.95 16.56 31.75
CA LEU C 74 6.18 17.37 31.77
C LEU C 74 6.77 17.53 30.38
N ASP C 75 6.82 16.43 29.61
CA ASP C 75 7.48 16.47 28.31
C ASP C 75 6.79 17.46 27.36
N LYS C 76 5.47 17.51 27.37
CA LYS C 76 4.77 18.50 26.56
C LYS C 76 5.07 19.92 27.05
N LEU C 77 5.22 20.09 28.36
CA LEU C 77 5.60 21.39 28.89
C LEU C 77 7.00 21.78 28.46
N ILE C 78 7.91 20.81 28.40
CA ILE C 78 9.31 21.10 28.11
C ILE C 78 9.51 21.37 26.61
N THR C 79 8.80 20.64 25.75
CA THR C 79 9.06 20.76 24.31
C THR C 79 8.39 21.97 23.68
N ARG C 80 7.36 22.53 24.30
CA ARG C 80 6.58 23.56 23.63
C ARG C 80 6.43 24.86 24.40
N LYS C 81 6.59 24.85 25.73
CA LYS C 81 6.41 26.07 26.51
C LYS C 81 7.56 26.31 27.49
N TRP C 82 8.74 25.73 27.22
CA TRP C 82 9.87 25.84 28.14
C TRP C 82 10.29 27.30 28.32
N LYS C 83 10.60 27.98 27.22
CA LYS C 83 11.19 29.31 27.29
C LYS C 83 10.19 30.38 27.73
N LEU C 84 8.91 30.04 27.86
CA LEU C 84 7.93 30.96 28.42
C LEU C 84 7.90 30.93 29.94
N LEU C 85 8.51 29.92 30.56
CA LEU C 85 8.49 29.81 32.01
C LEU C 85 9.38 30.89 32.65
N PRO C 86 9.03 31.33 33.86
CA PRO C 86 10.00 32.10 34.64
C PRO C 86 11.22 31.24 34.97
N ASN C 87 12.39 31.88 34.95
CA ASN C 87 13.66 31.16 34.95
C ASN C 87 13.72 30.08 36.04
N ASP C 88 13.28 30.42 37.25
CA ASP C 88 13.48 29.50 38.37
C ASP C 88 12.52 28.31 38.33
N HIS C 89 11.47 28.35 37.53
CA HIS C 89 10.75 27.11 37.22
C HIS C 89 11.60 26.20 36.36
N ARG C 90 12.35 26.78 35.40
CA ARG C 90 13.19 25.98 34.51
C ARG C 90 14.27 25.24 35.28
N ILE C 91 14.75 25.80 36.39
CA ILE C 91 15.76 25.11 37.20
C ILE C 91 15.15 24.27 38.31
N GLY C 92 13.91 24.56 38.72
CA GLY C 92 13.23 23.69 39.66
C GLY C 92 12.86 22.36 39.04
N ILE C 93 12.44 22.38 37.77
CA ILE C 93 12.13 21.13 37.06
C ILE C 93 13.41 20.38 36.71
N ARG C 94 14.45 21.10 36.31
CA ARG C 94 15.71 20.44 35.95
C ARG C 94 16.29 19.70 37.14
N ASN C 95 16.46 20.40 38.24
CA ASN C 95 17.08 19.82 39.39
C ASN C 95 16.30 18.69 39.96
N PHE C 96 15.00 18.76 39.83
CA PHE C 96 14.16 17.69 40.21
C PHE C 96 14.58 16.47 39.44
N VAL C 97 14.20 16.38 38.17
CA VAL C 97 14.53 15.27 37.30
C VAL C 97 15.89 14.70 37.53
N VAL C 98 16.88 15.51 37.61
CA VAL C 98 18.21 14.98 37.91
C VAL C 98 18.19 14.25 39.25
N GLY C 99 17.47 14.80 40.24
CA GLY C 99 17.44 14.18 41.55
C GLY C 99 16.63 12.89 41.57
N MET C 100 15.53 12.85 40.81
CA MET C 100 14.71 11.64 40.78
C MET C 100 15.46 10.48 40.11
N ILE C 101 16.21 10.78 39.05
CA ILE C 101 16.97 9.72 38.37
C ILE C 101 18.03 9.15 39.30
N ILE C 102 18.80 10.03 39.96
CA ILE C 102 19.78 9.57 40.94
C ILE C 102 19.11 8.74 42.02
N SER C 103 17.92 9.16 42.45
CA SER C 103 17.22 8.45 43.51
C SER C 103 16.84 7.05 43.07
N MET C 104 16.39 6.89 41.82
CA MET C 104 15.97 5.57 41.36
C MET C 104 17.14 4.67 40.98
N CYS C 105 18.37 5.16 41.00
CA CYS C 105 19.51 4.32 40.63
C CYS C 105 20.18 3.65 41.81
N GLN C 106 19.91 4.11 43.04
CA GLN C 106 20.46 3.48 44.22
C GLN C 106 19.54 2.41 44.81
N ASP C 107 18.23 2.56 44.62
CA ASP C 107 17.26 1.55 45.03
C ASP C 107 17.31 0.41 44.03
N ASP C 108 18.00 -0.68 44.38
CA ASP C 108 18.12 -1.80 43.46
C ASP C 108 16.79 -2.47 43.16
N GLU C 109 15.74 -2.19 43.94
CA GLU C 109 14.43 -2.74 43.63
C GLU C 109 13.72 -1.91 42.58
N VAL C 110 13.83 -0.58 42.65
CA VAL C 110 13.18 0.25 41.65
C VAL C 110 13.95 0.19 40.32
N PHE C 111 15.27 -0.05 40.37
CA PHE C 111 16.06 0.01 39.15
C PHE C 111 15.89 -1.24 38.29
N LYS C 112 15.47 -2.36 38.89
CA LYS C 112 15.28 -3.60 38.14
C LYS C 112 13.83 -3.90 37.81
N THR C 113 12.87 -3.28 38.52
CA THR C 113 11.46 -3.55 38.29
C THR C 113 10.69 -2.39 37.66
N GLN C 114 11.30 -1.22 37.52
N GLN C 114 11.30 -1.21 37.53
CA GLN C 114 10.64 -0.03 36.98
CA GLN C 114 10.62 -0.05 36.96
C GLN C 114 11.46 0.55 35.83
C GLN C 114 11.45 0.54 35.83
N LYS C 115 11.80 -0.30 34.85
CA LYS C 115 12.60 0.16 33.72
C LYS C 115 11.83 1.19 32.88
N ASN C 116 10.52 0.97 32.69
CA ASN C 116 9.73 1.91 31.92
C ASN C 116 9.80 3.32 32.51
N LEU C 117 9.80 3.42 33.84
CA LEU C 117 9.81 4.72 34.48
C LEU C 117 11.17 5.40 34.39
N ILE C 118 12.26 4.63 34.45
CA ILE C 118 13.59 5.23 34.38
C ILE C 118 13.90 5.66 32.96
N ASN C 119 13.51 4.87 31.96
CA ASN C 119 13.70 5.27 30.57
C ASN C 119 12.89 6.51 30.23
N LYS C 120 11.64 6.57 30.70
CA LYS C 120 10.84 7.77 30.53
C LYS C 120 11.44 8.96 31.28
N SER C 121 12.15 8.69 32.38
CA SER C 121 12.81 9.77 33.11
C SER C 121 14.04 10.25 32.36
N ASP C 122 14.82 9.34 31.77
CA ASP C 122 15.97 9.73 30.99
C ASP C 122 15.56 10.52 29.75
N LEU C 123 14.44 10.14 29.13
CA LEU C 123 13.95 10.88 27.97
C LEU C 123 13.60 12.31 28.35
N THR C 124 12.98 12.50 29.52
CA THR C 124 12.61 13.84 29.96
C THR C 124 13.86 14.67 30.24
N LEU C 125 14.90 14.06 30.80
CA LEU C 125 16.17 14.76 30.99
C LEU C 125 16.76 15.17 29.64
N VAL C 126 16.65 14.31 28.63
CA VAL C 126 17.18 14.62 27.31
C VAL C 126 16.39 15.76 26.66
N GLN C 127 15.08 15.85 26.93
CA GLN C 127 14.31 16.99 26.45
C GLN C 127 14.83 18.30 27.04
N ILE C 128 15.29 18.27 28.29
CA ILE C 128 15.84 19.47 28.91
C ILE C 128 17.18 19.83 28.29
N LEU C 129 18.03 18.83 28.06
CA LEU C 129 19.33 19.09 27.42
C LEU C 129 19.15 19.74 26.06
N LYS C 130 18.16 19.28 25.28
CA LYS C 130 17.89 19.91 24.00
C LYS C 130 17.58 21.39 24.15
N GLN C 131 16.93 21.78 25.25
CA GLN C 131 16.59 23.18 25.45
C GLN C 131 17.73 23.96 26.10
N GLU C 132 18.47 23.34 27.02
CA GLU C 132 19.41 24.06 27.87
C GLU C 132 20.87 23.75 27.61
N TRP C 133 21.19 22.63 26.98
CA TRP C 133 22.58 22.22 26.91
C TRP C 133 23.19 22.56 25.55
N PRO C 134 24.47 22.96 25.49
CA PRO C 134 25.39 23.15 26.61
C PRO C 134 25.53 24.59 27.09
N GLN C 135 24.77 25.51 26.47
CA GLN C 135 24.96 26.93 26.77
C GLN C 135 24.62 27.26 28.23
N ASN C 136 23.70 26.51 28.85
CA ASN C 136 23.32 26.73 30.23
C ASN C 136 23.58 25.51 31.10
N TRP C 137 24.51 24.65 30.69
CA TRP C 137 24.80 23.41 31.41
C TRP C 137 26.13 22.84 30.94
N PRO C 138 27.22 23.64 30.95
CA PRO C 138 28.47 23.18 30.34
C PRO C 138 29.13 22.03 31.08
N GLU C 139 28.68 21.72 32.29
CA GLU C 139 29.29 20.71 33.14
C GLU C 139 28.71 19.32 32.95
N PHE C 140 27.70 19.17 32.09
CA PHE C 140 26.90 17.93 32.08
C PHE C 140 27.77 16.71 31.76
N ILE C 141 28.52 16.74 30.67
CA ILE C 141 29.26 15.57 30.22
C ILE C 141 30.38 15.25 31.21
N PRO C 142 31.23 16.20 31.63
CA PRO C 142 32.23 15.85 32.64
C PRO C 142 31.61 15.37 33.94
N GLU C 143 30.45 15.91 34.32
CA GLU C 143 29.77 15.47 35.53
C GLU C 143 29.20 14.07 35.37
N LEU C 144 28.61 13.79 34.20
CA LEU C 144 28.02 12.48 33.95
C LEU C 144 29.06 11.36 34.03
N ILE C 145 30.30 11.68 33.71
CA ILE C 145 31.36 10.67 33.68
C ILE C 145 31.98 10.44 35.06
N GLY C 146 31.99 11.47 35.92
CA GLY C 146 32.36 11.23 37.31
C GLY C 146 31.37 10.33 38.03
N SER C 147 30.08 10.51 37.73
CA SER C 147 29.05 9.68 38.35
C SER C 147 29.12 8.23 37.90
N SER C 148 29.76 7.96 36.76
CA SER C 148 29.79 6.61 36.23
C SER C 148 30.66 5.68 37.08
N SER C 149 31.65 6.23 37.79
CA SER C 149 32.51 5.44 38.64
C SER C 149 31.92 5.20 40.02
N SER C 150 30.83 5.88 40.38
CA SER C 150 30.28 5.76 41.72
C SER C 150 29.41 4.52 41.86
N SER C 151 28.69 4.14 40.81
CA SER C 151 27.76 3.02 40.89
C SER C 151 27.65 2.36 39.52
N VAL C 152 27.56 1.03 39.52
CA VAL C 152 27.33 0.32 38.27
C VAL C 152 25.94 0.63 37.72
N ASN C 153 24.96 0.83 38.61
CA ASN C 153 23.61 1.17 38.15
C ASN C 153 23.57 2.54 37.50
N VAL C 154 24.36 3.50 38.00
CA VAL C 154 24.38 4.82 37.40
C VAL C 154 25.15 4.80 36.09
N CYS C 155 26.23 4.03 36.02
CA CYS C 155 26.98 3.91 34.77
C CYS C 155 26.10 3.36 33.65
N GLU C 156 25.29 2.34 33.95
CA GLU C 156 24.40 1.78 32.93
C GLU C 156 23.35 2.79 32.50
N ASN C 157 22.71 3.45 33.46
CA ASN C 157 21.65 4.40 33.11
C ASN C 157 22.20 5.63 32.39
N ASN C 158 23.45 5.99 32.65
CA ASN C 158 24.07 7.08 31.90
C ASN C 158 24.31 6.68 30.45
N MET C 159 24.53 5.38 30.20
CA MET C 159 24.58 4.90 28.82
C MET C 159 23.22 5.01 28.14
N ILE C 160 22.13 4.84 28.91
CA ILE C 160 20.80 5.07 28.35
C ILE C 160 20.60 6.56 28.06
N VAL C 161 21.15 7.42 28.91
CA VAL C 161 21.05 8.87 28.66
C VAL C 161 21.80 9.23 27.40
N LEU C 162 22.98 8.66 27.20
CA LEU C 162 23.80 9.03 26.05
C LEU C 162 23.24 8.43 24.77
N LYS C 163 22.68 7.22 24.84
CA LYS C 163 22.05 6.64 23.66
C LYS C 163 20.86 7.47 23.20
N LEU C 164 20.01 7.88 24.14
CA LEU C 164 18.86 8.71 23.79
C LEU C 164 19.28 10.08 23.28
N LEU C 165 20.42 10.59 23.76
CA LEU C 165 20.88 11.90 23.32
C LEU C 165 21.37 11.86 21.87
N SER C 166 22.19 10.86 21.54
CA SER C 166 22.62 10.69 20.17
C SER C 166 21.44 10.45 19.23
N GLU C 167 20.39 9.78 19.72
CA GLU C 167 19.21 9.55 18.90
C GLU C 167 18.49 10.85 18.56
N GLU C 168 18.25 11.69 19.56
CA GLU C 168 17.50 12.92 19.33
C GLU C 168 18.30 13.96 18.56
N VAL C 169 19.62 13.86 18.56
CA VAL C 169 20.47 14.88 17.94
C VAL C 169 20.83 14.53 16.50
N PHE C 170 21.09 13.26 16.20
CA PHE C 170 21.53 12.87 14.87
C PHE C 170 20.52 12.07 14.07
N ASP C 171 19.60 11.35 14.74
CA ASP C 171 18.72 10.42 14.05
C ASP C 171 17.29 10.90 13.90
N PHE C 172 16.80 11.78 14.78
CA PHE C 172 15.42 12.26 14.70
C PHE C 172 15.36 13.78 14.83
N SER C 173 16.41 14.48 14.40
CA SER C 173 16.45 15.92 14.57
C SER C 173 15.94 16.68 13.35
N ALA C 174 16.08 16.12 12.15
CA ALA C 174 15.79 16.88 10.94
C ALA C 174 14.33 17.33 10.90
N GLU C 175 13.41 16.50 11.38
CA GLU C 175 12.00 16.87 11.37
C GLU C 175 11.61 17.74 12.56
N GLN C 176 12.28 17.57 13.70
CA GLN C 176 11.78 18.07 14.98
C GLN C 176 12.36 19.40 15.41
N MET C 177 13.54 19.80 14.91
CA MET C 177 14.14 21.07 15.29
C MET C 177 14.64 21.80 14.06
N THR C 178 14.85 23.11 14.23
CA THR C 178 15.35 23.93 13.14
C THR C 178 16.78 23.53 12.78
N GLN C 179 17.19 23.94 11.57
CA GLN C 179 18.53 23.59 11.09
C GLN C 179 19.60 24.19 11.99
N ALA C 180 19.39 25.41 12.47
CA ALA C 180 20.37 26.04 13.34
C ALA C 180 20.44 25.32 14.69
N LYS C 181 19.29 24.99 15.26
CA LYS C 181 19.28 24.32 16.56
C LYS C 181 19.91 22.93 16.49
N ALA C 182 19.61 22.17 15.44
CA ALA C 182 20.18 20.83 15.30
C ALA C 182 21.68 20.90 15.04
N LEU C 183 22.13 21.84 14.20
CA LEU C 183 23.55 22.00 13.94
C LEU C 183 24.30 22.36 15.21
N HIS C 184 23.72 23.23 16.04
CA HIS C 184 24.35 23.59 17.30
C HIS C 184 24.55 22.37 18.19
N LEU C 185 23.54 21.50 18.28
CA LEU C 185 23.63 20.33 19.14
C LEU C 185 24.59 19.30 18.56
N LYS C 186 24.58 19.11 17.24
CA LYS C 186 25.52 18.19 16.61
C LYS C 186 26.96 18.63 16.86
N ASN C 187 27.23 19.93 16.74
CA ASN C 187 28.56 20.43 17.01
C ASN C 187 28.93 20.27 18.49
N SER C 188 27.95 20.44 19.37
CA SER C 188 28.23 20.32 20.81
C SER C 188 28.65 18.91 21.17
N MET C 189 27.94 17.90 20.65
CA MET C 189 28.30 16.51 20.94
C MET C 189 29.63 16.14 20.27
N SER C 190 29.88 16.68 19.07
CA SER C 190 31.11 16.37 18.37
C SER C 190 32.33 16.85 19.13
N LYS C 191 32.23 18.03 19.77
CA LYS C 191 33.36 18.56 20.52
C LYS C 191 33.58 17.79 21.82
N GLU C 192 32.53 17.18 22.36
CA GLU C 192 32.59 16.51 23.65
C GLU C 192 32.66 15.00 23.54
N PHE C 193 32.96 14.44 22.36
CA PHE C 193 32.82 13.01 22.20
C PHE C 193 34.06 12.25 22.68
N GLU C 194 35.26 12.83 22.49
CA GLU C 194 36.47 12.17 22.98
C GLU C 194 36.35 11.76 24.43
N GLN C 195 35.63 12.56 25.23
CA GLN C 195 35.41 12.21 26.62
C GLN C 195 34.43 11.05 26.75
N ILE C 196 33.35 11.06 25.97
CA ILE C 196 32.35 9.99 26.05
C ILE C 196 32.94 8.67 25.58
N PHE C 197 33.77 8.71 24.53
CA PHE C 197 34.31 7.48 23.98
C PHE C 197 35.33 6.85 24.93
N LYS C 198 36.05 7.65 25.71
CA LYS C 198 36.97 7.11 26.70
C LYS C 198 36.22 6.29 27.74
N LEU C 199 35.10 6.82 28.24
CA LEU C 199 34.31 6.09 29.22
C LEU C 199 33.66 4.86 28.60
N CYS C 200 33.14 4.98 27.38
CA CYS C 200 32.50 3.84 26.72
CA CYS C 200 32.49 3.84 26.73
C CYS C 200 33.49 2.72 26.46
N PHE C 201 34.72 3.07 26.11
CA PHE C 201 35.73 2.03 25.84
C PHE C 201 36.20 1.38 27.13
N GLN C 202 36.26 2.14 28.24
CA GLN C 202 36.67 1.56 29.51
C GLN C 202 35.69 0.50 29.97
N VAL C 203 34.39 0.80 29.89
CA VAL C 203 33.36 -0.14 30.34
C VAL C 203 33.41 -1.42 29.51
N LEU C 204 33.74 -1.31 28.22
CA LEU C 204 33.71 -2.49 27.35
C LEU C 204 34.88 -3.43 27.60
N GLU C 205 36.00 -2.94 28.12
CA GLU C 205 37.16 -3.80 28.33
C GLU C 205 37.29 -4.30 29.76
N GLN C 206 36.74 -3.59 30.74
CA GLN C 206 36.82 -4.00 32.13
C GLN C 206 35.61 -4.80 32.59
N GLY C 207 34.67 -5.11 31.69
CA GLY C 207 33.47 -5.83 32.05
C GLY C 207 32.71 -5.12 33.16
N SER C 208 31.92 -5.89 33.89
CA SER C 208 31.69 -7.31 33.60
C SER C 208 30.19 -7.59 33.72
N SER C 209 29.49 -6.62 34.30
CA SER C 209 28.03 -6.69 34.35
C SER C 209 27.46 -6.70 32.94
N SER C 210 26.72 -7.77 32.63
CA SER C 210 26.16 -7.93 31.29
C SER C 210 25.15 -6.82 30.99
N SER C 211 24.30 -6.49 31.97
CA SER C 211 23.31 -5.44 31.76
C SER C 211 23.97 -4.09 31.52
N LEU C 212 25.16 -3.87 32.10
CA LEU C 212 25.92 -2.66 31.81
C LEU C 212 26.62 -2.74 30.47
N ILE C 213 27.07 -3.94 30.07
CA ILE C 213 27.77 -4.08 28.79
C ILE C 213 26.81 -3.89 27.63
N VAL C 214 25.59 -4.44 27.74
CA VAL C 214 24.63 -4.32 26.65
C VAL C 214 24.17 -2.87 26.50
N ALA C 215 23.91 -2.19 27.61
CA ALA C 215 23.52 -0.78 27.54
C ALA C 215 24.63 0.06 26.92
N THR C 216 25.88 -0.31 27.13
CA THR C 216 26.99 0.39 26.50
C THR C 216 27.03 0.11 25.00
N LEU C 217 26.82 -1.15 24.61
CA LEU C 217 26.84 -1.49 23.19
C LEU C 217 25.67 -0.86 22.44
N GLU C 218 24.48 -0.85 23.05
N GLU C 218 24.48 -0.84 23.05
CA GLU C 218 23.32 -0.24 22.42
CA GLU C 218 23.33 -0.25 22.38
C GLU C 218 23.55 1.23 22.13
C GLU C 218 23.55 1.24 22.13
N SER C 219 24.38 1.89 22.95
CA SER C 219 24.69 3.30 22.71
C SER C 219 25.83 3.44 21.69
N LEU C 220 26.74 2.48 21.65
CA LEU C 220 27.78 2.49 20.62
C LEU C 220 27.18 2.32 19.24
N LEU C 221 26.11 1.52 19.13
CA LEU C 221 25.42 1.38 17.86
C LEU C 221 24.92 2.72 17.35
N ARG C 222 24.49 3.60 18.26
CA ARG C 222 23.99 4.90 17.84
C ARG C 222 25.12 5.82 17.40
N TYR C 223 26.29 5.74 18.07
CA TYR C 223 27.40 6.60 17.72
C TYR C 223 27.92 6.30 16.32
N LEU C 224 27.96 5.02 15.94
CA LEU C 224 28.53 4.64 14.65
C LEU C 224 27.79 5.29 13.48
N HIS C 225 26.61 5.82 13.75
CA HIS C 225 25.81 6.47 12.70
C HIS C 225 26.44 7.81 12.28
N TRP C 226 27.67 8.08 12.70
CA TRP C 226 28.30 9.34 12.33
C TRP C 226 29.71 9.59 12.88
N ILE C 227 29.97 9.20 14.13
CA ILE C 227 31.28 9.44 14.72
C ILE C 227 32.38 9.25 13.66
N PRO C 228 33.49 10.08 13.77
CA PRO C 228 34.51 9.85 12.74
C PRO C 228 34.95 8.38 12.71
N TYR C 229 35.71 8.00 11.69
CA TYR C 229 36.15 6.62 11.58
C TYR C 229 37.36 6.30 12.46
N ARG C 230 38.17 7.30 12.80
CA ARG C 230 39.40 7.04 13.54
C ARG C 230 39.14 6.42 14.91
N TYR C 231 37.95 6.60 15.48
CA TYR C 231 37.64 6.00 16.77
C TYR C 231 37.47 4.49 16.69
N ILE C 232 37.19 3.95 15.51
CA ILE C 232 36.89 2.55 15.35
C ILE C 232 38.09 1.75 14.84
N TYR C 233 38.81 2.29 13.86
CA TYR C 233 39.92 1.57 13.26
C TYR C 233 41.25 1.81 13.96
N GLU C 234 41.38 2.90 14.72
CA GLU C 234 42.62 3.23 15.40
C GLU C 234 42.53 3.04 16.91
N THR C 235 41.62 2.17 17.34
CA THR C 235 41.61 1.66 18.71
C THR C 235 41.51 0.14 18.66
N ASN C 236 41.33 -0.51 19.80
CA ASN C 236 41.17 -1.96 19.85
C ASN C 236 39.70 -2.37 19.87
N ILE C 237 38.79 -1.48 19.48
CA ILE C 237 37.37 -1.76 19.62
C ILE C 237 36.88 -2.76 18.59
N LEU C 238 37.57 -2.91 17.46
CA LEU C 238 37.10 -3.84 16.44
C LEU C 238 37.33 -5.29 16.87
N GLU C 239 38.49 -5.58 17.45
CA GLU C 239 38.75 -6.94 17.92
C GLU C 239 37.89 -7.29 19.13
N LEU C 240 37.50 -6.30 19.94
CA LEU C 240 36.57 -6.56 21.02
C LEU C 240 35.21 -7.00 20.49
N LEU C 241 34.66 -6.25 19.53
CA LEU C 241 33.36 -6.60 18.97
C LEU C 241 33.41 -7.90 18.18
N SER C 242 34.52 -8.15 17.48
CA SER C 242 34.60 -9.33 16.62
C SER C 242 35.00 -10.59 17.37
N THR C 243 35.34 -10.51 18.66
CA THR C 243 35.74 -11.69 19.40
C THR C 243 35.06 -11.79 20.75
N LYS C 244 35.41 -10.90 21.69
CA LYS C 244 34.95 -11.04 23.07
C LYS C 244 33.43 -11.04 23.16
N PHE C 245 32.76 -10.18 22.40
CA PHE C 245 31.33 -9.98 22.55
C PHE C 245 30.50 -10.84 21.62
N MET C 246 31.12 -11.61 20.73
CA MET C 246 30.38 -12.54 19.90
C MET C 246 30.11 -13.86 20.62
N THR C 247 30.81 -14.12 21.73
CA THR C 247 30.70 -15.40 22.41
C THR C 247 29.49 -15.47 23.33
N SER C 248 29.06 -14.34 23.91
CA SER C 248 27.92 -14.47 24.83
C SER C 248 26.62 -14.10 24.11
N PRO C 249 25.58 -14.92 24.22
CA PRO C 249 24.31 -14.60 23.54
C PRO C 249 23.63 -13.36 24.07
N ASP C 250 24.09 -12.79 25.18
CA ASP C 250 23.53 -11.53 25.65
C ASP C 250 23.99 -10.36 24.79
N THR C 251 25.28 -10.31 24.48
CA THR C 251 25.84 -9.22 23.70
C THR C 251 25.90 -9.51 22.20
N ARG C 252 25.57 -10.74 21.78
CA ARG C 252 25.78 -11.13 20.39
C ARG C 252 24.89 -10.33 19.44
N ALA C 253 23.60 -10.23 19.76
CA ALA C 253 22.65 -9.60 18.84
C ALA C 253 23.01 -8.13 18.58
N ILE C 254 23.32 -7.39 19.64
CA ILE C 254 23.64 -5.97 19.47
C ILE C 254 25.04 -5.79 18.88
N THR C 255 25.97 -6.68 19.21
CA THR C 255 27.29 -6.61 18.60
C THR C 255 27.21 -6.81 17.10
N LEU C 256 26.35 -7.73 16.65
CA LEU C 256 26.21 -7.98 15.22
C LEU C 256 25.68 -6.76 14.49
N LYS C 257 24.77 -6.01 15.14
CA LYS C 257 24.25 -4.79 14.53
C LYS C 257 25.32 -3.69 14.49
N CYS C 258 26.25 -3.70 15.44
CA CYS C 258 27.32 -2.71 15.41
C CYS C 258 28.33 -3.00 14.31
N LEU C 259 28.70 -4.27 14.14
CA LEU C 259 29.59 -4.63 13.04
C LEU C 259 28.89 -4.46 11.69
N THR C 260 27.56 -4.52 11.66
CA THR C 260 26.84 -4.20 10.44
C THR C 260 26.95 -2.72 10.11
N GLU C 261 26.81 -1.85 11.11
CA GLU C 261 26.96 -0.42 10.88
C GLU C 261 28.39 -0.05 10.54
N VAL C 262 29.37 -0.81 11.03
CA VAL C 262 30.76 -0.50 10.73
C VAL C 262 31.06 -0.78 9.26
N SER C 263 30.44 -1.81 8.69
CA SER C 263 30.60 -2.13 7.28
C SER C 263 29.99 -1.08 6.35
N ASN C 264 29.53 0.07 6.86
CA ASN C 264 28.91 1.11 6.05
C ASN C 264 29.53 2.48 6.34
N LEU C 265 30.72 2.52 6.93
CA LEU C 265 31.25 3.74 7.50
C LEU C 265 32.15 4.50 6.54
N LYS C 266 32.53 5.69 6.91
CA LYS C 266 33.45 6.45 6.12
C LYS C 266 34.85 5.94 6.32
N GLN C 269 39.80 5.49 3.18
CA GLN C 269 39.67 4.17 2.58
C GLN C 269 40.53 3.89 1.34
N ASP C 270 41.84 3.99 1.57
CA ASP C 270 42.87 3.76 0.56
C ASP C 270 44.02 3.11 1.32
N ASN C 271 44.16 3.48 2.59
CA ASN C 271 45.19 2.93 3.44
C ASN C 271 45.13 1.41 3.33
N ASP C 272 46.28 0.78 3.34
CA ASP C 272 46.37 -0.63 3.22
C ASP C 272 46.20 -1.30 4.50
N LEU C 273 46.04 -0.54 5.56
CA LEU C 273 45.93 -1.14 6.85
C LEU C 273 44.56 -1.14 7.36
N ILE C 274 43.72 -0.29 6.80
CA ILE C 274 42.34 -0.23 7.22
C ILE C 274 41.77 -1.37 6.51
N LYS C 275 42.33 -1.70 5.40
CA LYS C 275 41.82 -2.85 4.66
C LYS C 275 42.06 -4.15 5.43
N ARG C 276 43.20 -4.27 6.09
CA ARG C 276 43.47 -5.49 6.85
C ARG C 276 42.62 -5.55 8.12
N GLN C 277 42.29 -4.40 8.70
CA GLN C 277 41.35 -4.38 9.82
C GLN C 277 39.95 -4.74 9.37
N THR C 278 39.55 -4.29 8.18
CA THR C 278 38.25 -4.68 7.63
C THR C 278 38.21 -6.16 7.30
N VAL C 279 39.34 -6.74 6.88
CA VAL C 279 39.38 -8.19 6.72
C VAL C 279 39.46 -8.88 8.07
N LEU C 280 40.09 -8.24 9.06
CA LEU C 280 40.34 -8.91 10.34
C LEU C 280 39.04 -9.13 11.11
N PHE C 281 38.23 -8.07 11.30
CA PHE C 281 37.04 -8.24 12.12
C PHE C 281 36.02 -9.14 11.43
N PHE C 282 36.04 -9.19 10.10
CA PHE C 282 35.20 -10.16 9.40
C PHE C 282 35.69 -11.58 9.66
N GLN C 283 37.00 -11.78 9.67
CA GLN C 283 37.56 -13.10 9.94
C GLN C 283 37.21 -13.58 11.34
N ASN C 284 37.40 -12.70 12.34
CA ASN C 284 37.11 -13.08 13.73
C ASN C 284 35.63 -13.38 13.91
N THR C 285 34.76 -12.58 13.28
CA THR C 285 33.33 -12.72 13.52
C THR C 285 32.81 -14.07 13.05
N LEU C 286 33.20 -14.49 11.84
CA LEU C 286 32.67 -15.73 11.30
C LEU C 286 33.31 -16.97 11.90
N GLN C 287 34.51 -16.85 12.47
CA GLN C 287 35.05 -17.97 13.23
C GLN C 287 34.28 -18.16 14.53
N GLN C 288 33.94 -17.06 15.21
CA GLN C 288 33.11 -17.16 16.41
C GLN C 288 31.74 -17.76 16.08
N ILE C 289 31.15 -17.35 14.95
CA ILE C 289 29.90 -17.95 14.50
C ILE C 289 30.08 -19.45 14.30
N ALA C 290 31.22 -19.87 13.74
CA ALA C 290 31.44 -21.28 13.46
C ALA C 290 31.57 -22.09 14.75
N THR C 291 32.27 -21.57 15.75
CA THR C 291 32.55 -22.34 16.95
C THR C 291 31.52 -22.15 18.05
N SER C 292 30.84 -21.01 18.09
CA SER C 292 29.95 -20.70 19.21
C SER C 292 28.46 -20.70 18.86
N VAL C 293 28.10 -20.71 17.58
CA VAL C 293 26.68 -20.66 17.23
C VAL C 293 26.27 -21.89 16.42
N MET C 294 26.78 -22.02 15.19
CA MET C 294 26.49 -23.22 14.40
C MET C 294 27.48 -23.30 13.25
N PRO C 295 27.81 -24.49 12.78
CA PRO C 295 28.75 -24.64 11.67
C PRO C 295 28.10 -24.33 10.32
N VAL C 296 28.96 -24.26 9.29
CA VAL C 296 28.53 -23.82 7.97
C VAL C 296 27.57 -24.80 7.31
N THR C 297 27.57 -26.06 7.72
CA THR C 297 26.71 -27.07 7.11
C THR C 297 25.39 -27.25 7.85
N ALA C 298 25.16 -26.51 8.93
CA ALA C 298 23.89 -26.62 9.65
C ALA C 298 22.74 -26.17 8.77
N ASP C 299 21.61 -26.87 8.89
CA ASP C 299 20.43 -26.56 8.09
C ASP C 299 19.65 -25.44 8.77
N LEU C 300 19.93 -24.20 8.36
CA LEU C 300 19.28 -23.03 8.95
C LEU C 300 17.80 -22.96 8.63
N LYS C 301 17.32 -23.72 7.64
CA LYS C 301 15.89 -23.74 7.34
C LYS C 301 15.10 -24.34 8.51
N ALA C 302 15.62 -25.41 9.11
CA ALA C 302 14.93 -26.03 10.25
C ALA C 302 15.09 -25.20 11.51
N THR C 303 16.27 -24.62 11.72
CA THR C 303 16.48 -23.76 12.88
C THR C 303 15.49 -22.59 12.88
N TYR C 304 15.34 -21.93 11.74
CA TYR C 304 14.42 -20.80 11.65
C TYR C 304 12.98 -21.27 11.83
N ALA C 305 12.65 -22.46 11.32
CA ALA C 305 11.28 -22.95 11.43
C ALA C 305 10.91 -23.33 12.86
N ASN C 306 11.89 -23.72 13.68
CA ASN C 306 11.61 -24.10 15.06
C ASN C 306 11.41 -22.90 15.97
N ALA C 307 11.98 -21.74 15.63
CA ALA C 307 11.72 -20.47 16.30
C ALA C 307 12.10 -20.50 17.79
N ASN C 308 13.18 -21.20 18.12
CA ASN C 308 13.62 -21.29 19.51
C ASN C 308 14.32 -19.99 19.93
N GLY C 309 13.83 -19.37 21.00
CA GLY C 309 14.51 -18.21 21.55
C GLY C 309 14.56 -17.06 20.56
N ASN C 310 15.76 -16.51 20.37
CA ASN C 310 16.00 -15.44 19.42
C ASN C 310 16.68 -15.93 18.15
N ASP C 311 16.48 -17.21 17.81
CA ASP C 311 17.13 -17.78 16.63
C ASP C 311 16.70 -17.04 15.36
N GLN C 312 15.42 -16.73 15.24
CA GLN C 312 14.94 -16.03 14.04
C GLN C 312 15.55 -14.65 13.93
N SER C 313 15.61 -13.91 15.05
CA SER C 313 16.20 -12.58 15.02
C SER C 313 17.69 -12.64 14.72
N PHE C 314 18.39 -13.64 15.26
CA PHE C 314 19.82 -13.76 14.98
C PHE C 314 20.06 -14.08 13.52
N LEU C 315 19.31 -15.06 12.97
CA LEU C 315 19.47 -15.42 11.57
C LEU C 315 19.16 -14.24 10.65
N GLN C 316 18.19 -13.41 11.04
CA GLN C 316 17.89 -12.21 10.25
C GLN C 316 19.05 -11.21 10.31
N ASP C 317 19.71 -11.12 11.47
CA ASP C 317 20.82 -10.18 11.61
C ASP C 317 22.09 -10.70 10.94
N LEU C 318 22.29 -12.03 10.92
CA LEU C 318 23.43 -12.58 10.20
C LEU C 318 23.31 -12.33 8.71
N ALA C 319 22.10 -12.48 8.16
CA ALA C 319 21.89 -12.21 6.74
C ALA C 319 22.15 -10.74 6.43
N MET C 320 21.73 -9.84 7.33
CA MET C 320 21.96 -8.42 7.10
C MET C 320 23.44 -8.07 7.22
N PHE C 321 24.15 -8.69 8.16
CA PHE C 321 25.57 -8.39 8.34
C PHE C 321 26.39 -8.91 7.18
N LEU C 322 26.16 -10.17 6.78
CA LEU C 322 26.94 -10.76 5.70
C LEU C 322 26.77 -9.97 4.41
N THR C 323 25.51 -9.76 3.98
CA THR C 323 25.28 -9.06 2.73
C THR C 323 25.84 -7.65 2.74
N THR C 324 25.70 -6.93 3.87
CA THR C 324 26.22 -5.57 3.94
C THR C 324 27.72 -5.54 3.76
N TYR C 325 28.45 -6.39 4.50
CA TYR C 325 29.90 -6.43 4.38
C TYR C 325 30.33 -6.95 3.01
N LEU C 326 29.67 -8.00 2.52
CA LEU C 326 30.08 -8.60 1.25
C LEU C 326 29.81 -7.67 0.08
N ALA C 327 28.73 -6.90 0.12
CA ALA C 327 28.45 -5.99 -0.99
C ALA C 327 29.45 -4.85 -1.07
N ARG C 328 30.10 -4.49 0.03
N ARG C 328 30.13 -4.54 0.04
CA ARG C 328 31.06 -3.40 0.03
CA ARG C 328 31.03 -3.39 0.11
C ARG C 328 32.51 -3.88 -0.09
C ARG C 328 32.51 -3.75 0.12
N ASN C 329 32.88 -4.92 0.66
CA ASN C 329 34.28 -5.31 0.79
C ASN C 329 34.59 -6.68 0.18
N ARG C 330 33.78 -7.14 -0.77
CA ARG C 330 34.02 -8.45 -1.38
C ARG C 330 35.38 -8.51 -2.05
N ALA C 331 35.82 -7.39 -2.65
CA ALA C 331 37.08 -7.40 -3.39
C ALA C 331 38.28 -7.64 -2.49
N LEU C 332 38.17 -7.27 -1.20
CA LEU C 332 39.28 -7.49 -0.27
C LEU C 332 39.59 -8.97 -0.08
N LEU C 333 38.65 -9.86 -0.39
CA LEU C 333 38.83 -11.29 -0.14
C LEU C 333 39.05 -12.10 -1.39
N GLU C 334 38.94 -11.52 -2.58
CA GLU C 334 38.97 -12.29 -3.81
C GLU C 334 40.37 -12.47 -4.39
N SER C 335 41.34 -11.64 -3.98
CA SER C 335 42.68 -11.73 -4.53
C SER C 335 43.56 -12.68 -3.71
N ASP C 336 43.78 -12.35 -2.44
CA ASP C 336 44.61 -13.19 -1.57
C ASP C 336 44.01 -14.59 -1.45
N GLU C 337 44.88 -15.60 -1.53
CA GLU C 337 44.45 -16.98 -1.44
C GLU C 337 44.30 -17.48 -0.01
N SER C 338 44.91 -16.79 0.96
CA SER C 338 44.65 -17.10 2.36
C SER C 338 43.24 -16.73 2.78
N LEU C 339 42.58 -15.86 2.02
CA LEU C 339 41.22 -15.42 2.33
C LEU C 339 40.16 -16.12 1.49
N ARG C 340 40.54 -17.09 0.66
CA ARG C 340 39.57 -17.75 -0.21
C ARG C 340 38.56 -18.57 0.58
N GLU C 341 39.03 -19.31 1.59
CA GLU C 341 38.10 -20.10 2.40
C GLU C 341 37.17 -19.19 3.18
N LEU C 342 37.67 -18.06 3.68
CA LEU C 342 36.81 -17.10 4.36
C LEU C 342 35.74 -16.57 3.42
N LEU C 343 36.10 -16.27 2.18
CA LEU C 343 35.15 -15.71 1.24
C LEU C 343 34.02 -16.68 0.95
N LEU C 344 34.37 -17.92 0.56
CA LEU C 344 33.33 -18.88 0.17
C LEU C 344 32.55 -19.41 1.37
N ASN C 345 33.16 -19.45 2.56
CA ASN C 345 32.40 -19.84 3.74
C ASN C 345 31.31 -18.82 4.05
N ALA C 346 31.66 -17.52 3.98
CA ALA C 346 30.65 -16.49 4.15
C ALA C 346 29.52 -16.65 3.14
N HIS C 347 29.85 -17.01 1.91
CA HIS C 347 28.82 -17.19 0.89
C HIS C 347 28.04 -18.48 1.11
N GLN C 348 28.65 -19.49 1.72
CA GLN C 348 27.91 -20.72 2.01
C GLN C 348 26.91 -20.51 3.14
N TYR C 349 27.22 -19.60 4.08
CA TYR C 349 26.21 -19.21 5.06
C TYR C 349 25.02 -18.55 4.37
N LEU C 350 25.29 -17.65 3.42
CA LEU C 350 24.20 -17.02 2.66
C LEU C 350 23.37 -18.05 1.93
N ILE C 351 24.02 -19.04 1.30
CA ILE C 351 23.29 -20.11 0.63
C ILE C 351 22.33 -20.79 1.59
N GLN C 352 22.83 -21.13 2.79
CA GLN C 352 21.98 -21.79 3.78
C GLN C 352 20.88 -20.86 4.27
N LEU C 353 21.19 -19.58 4.45
CA LEU C 353 20.16 -18.62 4.84
C LEU C 353 19.11 -18.45 3.74
N SER C 354 19.48 -18.71 2.48
CA SER C 354 18.56 -18.51 1.36
C SER C 354 17.48 -19.58 1.29
N LYS C 355 17.64 -20.71 1.96
CA LYS C 355 16.65 -21.77 1.92
C LYS C 355 15.62 -21.67 3.03
N ILE C 356 15.71 -20.63 3.87
CA ILE C 356 14.73 -20.38 4.91
C ILE C 356 13.42 -19.96 4.27
N GLU C 357 12.33 -20.63 4.62
CA GLU C 357 11.02 -20.22 4.10
C GLU C 357 10.51 -19.08 4.97
N GLU C 358 10.91 -17.87 4.57
CA GLU C 358 10.42 -16.63 5.19
C GLU C 358 10.64 -15.56 4.13
N ARG C 359 9.54 -15.09 3.51
CA ARG C 359 9.67 -14.37 2.25
C ARG C 359 10.42 -13.06 2.40
N GLU C 360 10.21 -12.33 3.49
CA GLU C 360 10.89 -11.06 3.66
C GLU C 360 12.40 -11.25 3.78
N LEU C 361 12.83 -12.33 4.43
CA LEU C 361 14.25 -12.63 4.52
C LEU C 361 14.80 -13.05 3.17
N PHE C 362 14.04 -13.85 2.41
CA PHE C 362 14.48 -14.29 1.10
C PHE C 362 14.71 -13.11 0.16
N LYS C 363 13.87 -12.07 0.26
CA LYS C 363 14.11 -10.87 -0.54
C LYS C 363 15.39 -10.17 -0.12
N THR C 364 15.81 -10.32 1.14
CA THR C 364 17.05 -9.68 1.59
C THR C 364 18.26 -10.33 0.93
N THR C 365 18.32 -11.67 0.94
CA THR C 365 19.47 -12.34 0.35
C THR C 365 19.44 -12.27 -1.17
N LEU C 366 18.24 -12.34 -1.77
CA LEU C 366 18.14 -12.30 -3.22
C LEU C 366 18.64 -10.96 -3.78
N ASP C 367 18.49 -9.88 -3.01
CA ASP C 367 19.04 -8.61 -3.46
C ASP C 367 20.56 -8.67 -3.53
N TYR C 368 21.20 -9.39 -2.62
CA TYR C 368 22.65 -9.52 -2.66
C TYR C 368 23.08 -10.42 -3.81
N TRP C 369 22.43 -11.57 -3.96
CA TRP C 369 22.76 -12.47 -5.06
C TRP C 369 22.73 -11.74 -6.39
N HIS C 370 21.72 -10.88 -6.58
CA HIS C 370 21.68 -10.02 -7.76
C HIS C 370 22.94 -9.17 -7.86
N ASN C 371 23.33 -8.53 -6.76
CA ASN C 371 24.57 -7.76 -6.75
C ASN C 371 25.76 -8.63 -7.12
N LEU C 372 25.76 -9.89 -6.68
CA LEU C 372 26.91 -10.76 -6.95
C LEU C 372 26.94 -11.19 -8.42
N VAL C 373 25.86 -11.82 -8.90
CA VAL C 373 25.89 -12.41 -10.22
C VAL C 373 25.95 -11.36 -11.33
N ALA C 374 25.51 -10.13 -11.06
CA ALA C 374 25.75 -9.04 -12.00
C ALA C 374 27.24 -8.76 -12.13
N ASP C 375 27.93 -8.68 -10.99
CA ASP C 375 29.38 -8.44 -11.00
C ASP C 375 30.12 -9.54 -11.73
N LEU C 376 29.72 -10.80 -11.54
CA LEU C 376 30.41 -11.90 -12.21
C LEU C 376 30.17 -11.87 -13.71
N PHE C 377 29.00 -11.39 -14.14
CA PHE C 377 28.65 -11.33 -15.54
C PHE C 377 29.37 -10.20 -16.28
N TYR C 378 29.86 -9.19 -15.56
CA TYR C 378 30.53 -8.04 -16.16
C TYR C 378 32.00 -7.94 -15.79
N GLU C 379 32.37 -8.16 -14.53
CA GLU C 379 33.77 -7.99 -14.14
C GLU C 379 34.60 -9.19 -14.57
N PRO C 380 35.80 -8.96 -15.12
CA PRO C 380 36.61 -10.06 -15.62
C PRO C 380 37.28 -10.87 -14.50
N LEU C 381 37.53 -12.14 -14.80
CA LEU C 381 38.34 -13.03 -13.97
C LEU C 381 37.76 -13.24 -12.58
N LYS C 382 36.43 -13.11 -12.45
CA LYS C 382 35.76 -13.28 -11.16
C LYS C 382 34.93 -14.54 -11.06
N LYS C 383 34.22 -14.92 -12.12
CA LYS C 383 33.19 -15.93 -12.03
C LYS C 383 33.73 -17.33 -11.72
N HIS C 384 35.01 -17.59 -12.01
CA HIS C 384 35.57 -18.90 -11.67
C HIS C 384 35.68 -19.11 -10.17
N ILE C 385 35.72 -18.03 -9.38
CA ILE C 385 35.84 -18.16 -7.94
C ILE C 385 34.57 -18.75 -7.33
N TYR C 386 33.41 -18.37 -7.87
CA TYR C 386 32.12 -18.69 -7.26
C TYR C 386 31.37 -19.79 -8.02
N GLU C 387 32.09 -20.71 -8.67
CA GLU C 387 31.42 -21.72 -9.47
C GLU C 387 30.57 -22.65 -8.61
N GLU C 388 31.08 -23.08 -7.47
CA GLU C 388 30.30 -23.93 -6.58
C GLU C 388 29.22 -23.14 -5.85
N ILE C 389 29.49 -21.88 -5.53
CA ILE C 389 28.45 -21.03 -4.94
C ILE C 389 27.30 -20.84 -5.94
N CYS C 390 27.64 -20.53 -7.19
CA CYS C 390 26.61 -20.31 -8.20
C CYS C 390 25.85 -21.60 -8.52
N SER C 391 26.54 -22.74 -8.50
CA SER C 391 25.88 -24.01 -8.78
C SER C 391 24.79 -24.30 -7.74
N GLN C 392 25.05 -23.99 -6.47
CA GLN C 392 24.03 -24.15 -5.45
C GLN C 392 22.93 -23.12 -5.62
N LEU C 393 23.31 -21.86 -5.86
CA LEU C 393 22.32 -20.80 -6.03
C LEU C 393 21.34 -21.13 -7.14
N ARG C 394 21.78 -21.83 -8.19
CA ARG C 394 20.88 -22.23 -9.26
C ARG C 394 19.72 -23.04 -8.73
N LEU C 395 20.01 -24.06 -7.91
CA LEU C 395 18.95 -24.92 -7.40
C LEU C 395 18.07 -24.16 -6.40
N VAL C 396 18.66 -23.28 -5.60
CA VAL C 396 17.89 -22.55 -4.58
C VAL C 396 16.77 -21.75 -5.22
N ILE C 397 17.04 -21.13 -6.37
CA ILE C 397 16.06 -20.24 -6.99
C ILE C 397 15.05 -21.03 -7.82
N ILE C 398 15.51 -22.09 -8.51
CA ILE C 398 14.59 -22.92 -9.27
C ILE C 398 13.52 -23.53 -8.36
N GLU C 399 13.87 -23.83 -7.11
CA GLU C 399 12.93 -24.44 -6.18
C GLU C 399 12.05 -23.44 -5.45
N ASN C 400 12.35 -22.15 -5.53
CA ASN C 400 11.54 -21.12 -4.89
C ASN C 400 10.93 -20.15 -5.90
N MET C 401 10.79 -20.57 -7.16
CA MET C 401 10.21 -19.71 -8.18
C MET C 401 8.76 -19.39 -7.85
N VAL C 402 8.40 -18.13 -7.92
CA VAL C 402 7.07 -17.68 -7.59
C VAL C 402 6.25 -17.52 -8.86
N ARG C 403 4.94 -17.39 -8.71
CA ARG C 403 4.05 -17.25 -9.87
C ARG C 403 4.25 -15.88 -10.51
N PRO C 404 4.43 -15.82 -11.84
CA PRO C 404 4.58 -14.56 -12.58
C PRO C 404 3.24 -13.87 -12.88
N THR C 427 4.09 -12.34 -5.67
CA THR C 427 4.32 -10.93 -5.98
C THR C 427 4.91 -10.78 -7.38
N ILE C 428 4.44 -9.76 -8.11
CA ILE C 428 4.97 -9.49 -9.44
C ILE C 428 6.40 -8.97 -9.36
N GLN C 429 6.73 -8.23 -8.30
CA GLN C 429 8.07 -7.65 -8.18
C GLN C 429 9.11 -8.70 -7.81
N LEU C 430 8.75 -9.67 -6.96
CA LEU C 430 9.70 -10.71 -6.58
C LEU C 430 10.04 -11.62 -7.75
N TYR C 431 9.09 -11.84 -8.67
CA TYR C 431 9.37 -12.69 -9.82
C TYR C 431 10.41 -12.06 -10.73
N LYS C 432 10.28 -10.76 -11.01
CA LYS C 432 11.24 -10.09 -11.87
C LYS C 432 12.65 -10.14 -11.29
N SER C 433 12.77 -10.14 -9.97
CA SER C 433 14.09 -10.28 -9.35
C SER C 433 14.59 -11.71 -9.45
N GLU C 434 13.71 -12.69 -9.24
CA GLU C 434 14.11 -14.09 -9.38
C GLU C 434 14.50 -14.42 -10.81
N ARG C 435 13.80 -13.83 -11.78
CA ARG C 435 14.14 -14.06 -13.18
C ARG C 435 15.47 -13.41 -13.53
N GLU C 436 15.69 -12.19 -13.06
CA GLU C 436 16.94 -11.48 -13.38
C GLU C 436 18.16 -12.26 -12.89
N VAL C 437 18.10 -12.76 -11.65
CA VAL C 437 19.23 -13.51 -11.11
C VAL C 437 19.42 -14.81 -11.88
N LEU C 438 18.32 -15.54 -12.13
CA LEU C 438 18.41 -16.83 -12.81
C LEU C 438 18.92 -16.66 -14.24
N VAL C 439 18.52 -15.59 -14.91
CA VAL C 439 19.00 -15.34 -16.26
C VAL C 439 20.50 -15.07 -16.26
N TYR C 440 20.98 -14.29 -15.28
CA TYR C 440 22.42 -14.06 -15.14
C TYR C 440 23.16 -15.37 -14.92
N LEU C 441 22.60 -16.26 -14.08
CA LEU C 441 23.27 -17.52 -13.79
C LEU C 441 23.30 -18.44 -15.00
N THR C 442 22.31 -18.34 -15.88
CA THR C 442 22.33 -19.14 -17.10
C THR C 442 23.42 -18.66 -18.05
N HIS C 443 23.62 -17.34 -18.13
CA HIS C 443 24.73 -16.82 -18.94
C HIS C 443 26.07 -17.28 -18.38
N LEU C 444 26.22 -17.29 -17.05
CA LEU C 444 27.49 -17.67 -16.45
C LEU C 444 27.84 -19.13 -16.75
N ASN C 445 26.84 -20.00 -16.83
CA ASN C 445 27.08 -21.40 -17.20
C ASN C 445 25.76 -22.00 -17.67
N VAL C 446 25.59 -22.07 -19.00
CA VAL C 446 24.36 -22.59 -19.58
C VAL C 446 24.19 -24.07 -19.22
N ILE C 447 25.30 -24.82 -19.21
CA ILE C 447 25.21 -26.28 -19.18
C ILE C 447 24.67 -26.76 -17.84
N ASP C 448 25.10 -26.14 -16.73
CA ASP C 448 24.62 -26.58 -15.42
C ASP C 448 23.15 -26.25 -15.23
N THR C 449 22.72 -25.04 -15.64
CA THR C 449 21.32 -24.69 -15.55
C THR C 449 20.45 -25.66 -16.33
N GLU C 450 20.93 -26.10 -17.51
CA GLU C 450 20.16 -27.01 -18.33
C GLU C 450 19.94 -28.36 -17.64
N GLU C 451 20.98 -28.89 -16.98
CA GLU C 451 20.87 -30.22 -16.39
C GLU C 451 20.09 -30.21 -15.09
N ILE C 452 20.20 -29.14 -14.29
CA ILE C 452 19.40 -29.06 -13.07
C ILE C 452 17.92 -29.08 -13.40
N MET C 453 17.51 -28.36 -14.45
CA MET C 453 16.11 -28.34 -14.84
C MET C 453 15.66 -29.68 -15.40
N ILE C 454 16.52 -30.33 -16.20
CA ILE C 454 16.18 -31.64 -16.74
C ILE C 454 16.16 -32.70 -15.64
N SER C 455 17.11 -32.60 -14.70
CA SER C 455 17.12 -33.53 -13.57
C SER C 455 15.88 -33.33 -12.70
N LYS C 456 15.55 -32.07 -12.40
CA LYS C 456 14.34 -31.79 -11.63
C LYS C 456 13.10 -32.25 -12.36
N LEU C 457 13.11 -32.20 -13.70
CA LEU C 457 11.97 -32.68 -14.47
C LEU C 457 11.86 -34.20 -14.39
N ALA C 458 12.99 -34.90 -14.46
CA ALA C 458 12.96 -36.36 -14.36
C ALA C 458 12.42 -36.80 -13.01
N ARG C 459 12.83 -36.13 -11.93
CA ARG C 459 12.31 -36.47 -10.61
C ARG C 459 10.83 -36.15 -10.47
N GLN C 460 10.26 -35.35 -11.38
CA GLN C 460 8.81 -35.21 -11.46
C GLN C 460 8.18 -36.42 -12.14
N ILE C 461 8.86 -36.97 -13.15
CA ILE C 461 8.29 -38.07 -13.91
C ILE C 461 8.31 -39.36 -13.10
N ASP C 462 9.41 -39.63 -12.39
CA ASP C 462 9.45 -40.83 -11.56
C ASP C 462 8.55 -40.71 -10.34
N GLY C 463 8.20 -39.49 -9.93
CA GLY C 463 7.19 -39.28 -8.91
C GLY C 463 7.71 -39.01 -7.51
N SER C 464 9.03 -38.91 -7.32
CA SER C 464 9.56 -38.70 -5.98
C SER C 464 9.25 -37.30 -5.47
N GLU C 465 9.37 -36.29 -6.34
CA GLU C 465 9.08 -34.90 -5.97
C GLU C 465 7.82 -34.37 -6.65
N TRP C 466 6.93 -35.26 -7.07
CA TRP C 466 5.75 -34.83 -7.82
C TRP C 466 4.77 -34.10 -6.91
N SER C 467 4.40 -32.89 -7.33
CA SER C 467 3.36 -32.13 -6.64
C SER C 467 2.83 -31.09 -7.61
N TRP C 468 1.55 -30.73 -7.43
CA TRP C 468 0.99 -29.62 -8.18
C TRP C 468 1.83 -28.36 -8.01
N HIS C 469 2.27 -28.09 -6.77
CA HIS C 469 3.08 -26.92 -6.51
C HIS C 469 4.48 -27.07 -7.09
N ASN C 470 5.03 -28.27 -7.08
CA ASN C 470 6.41 -28.47 -7.55
C ASN C 470 6.50 -28.46 -9.07
N ILE C 471 5.47 -28.93 -9.78
CA ILE C 471 5.50 -28.91 -11.24
C ILE C 471 5.22 -27.50 -11.76
N ASN C 472 4.45 -26.69 -11.02
CA ASN C 472 4.19 -25.33 -11.43
C ASN C 472 5.44 -24.47 -11.31
N THR C 473 6.11 -24.53 -10.15
CA THR C 473 7.31 -23.73 -9.95
C THR C 473 8.41 -24.10 -10.94
N LEU C 474 8.52 -25.39 -11.26
CA LEU C 474 9.52 -25.81 -12.23
C LEU C 474 9.24 -25.25 -13.61
N SER C 475 7.97 -25.20 -14.01
CA SER C 475 7.62 -24.62 -15.29
C SER C 475 7.94 -23.13 -15.32
N TRP C 476 7.64 -22.41 -14.23
CA TRP C 476 7.93 -20.99 -14.17
C TRP C 476 9.43 -20.74 -14.30
N ALA C 477 10.25 -21.63 -13.74
CA ALA C 477 11.70 -21.50 -13.87
C ALA C 477 12.13 -21.76 -15.32
N ILE C 478 11.67 -22.87 -15.90
CA ILE C 478 11.99 -23.20 -17.29
C ILE C 478 11.55 -22.10 -18.23
N GLY C 479 10.46 -21.41 -17.89
CA GLY C 479 9.99 -20.32 -18.74
C GLY C 479 10.73 -19.01 -18.54
N SER C 480 11.38 -18.82 -17.39
CA SER C 480 11.97 -17.52 -17.08
C SER C 480 13.29 -17.28 -17.79
N ILE C 481 14.04 -18.33 -18.11
CA ILE C 481 15.36 -18.17 -18.70
C ILE C 481 15.28 -18.08 -20.21
N SER C 482 14.06 -17.99 -20.73
CA SER C 482 13.84 -17.98 -22.17
C SER C 482 14.60 -16.84 -22.84
N GLY C 483 15.26 -17.14 -23.96
CA GLY C 483 15.96 -16.15 -24.73
C GLY C 483 17.40 -15.89 -24.32
N THR C 484 17.95 -16.69 -23.41
CA THR C 484 19.34 -16.52 -22.99
C THR C 484 20.27 -17.59 -23.54
N MET C 485 19.76 -18.78 -23.82
CA MET C 485 20.55 -19.79 -24.51
C MET C 485 20.70 -19.41 -25.98
N SER C 486 21.70 -20.02 -26.62
CA SER C 486 21.83 -19.88 -28.07
C SER C 486 20.60 -20.49 -28.75
N GLU C 487 20.31 -20.01 -29.96
CA GLU C 487 19.06 -20.39 -30.61
C GLU C 487 18.99 -21.89 -30.88
N ASP C 488 20.12 -22.53 -31.16
CA ASP C 488 20.11 -23.95 -31.45
C ASP C 488 20.17 -24.82 -30.20
N THR C 489 20.82 -24.33 -29.13
CA THR C 489 20.71 -25.03 -27.85
C THR C 489 19.31 -24.88 -27.28
N GLU C 490 18.75 -23.67 -27.33
CA GLU C 490 17.37 -23.45 -26.90
C GLU C 490 16.41 -24.35 -27.68
N LYS C 491 16.71 -24.60 -28.96
CA LYS C 491 15.87 -25.50 -29.75
C LYS C 491 15.87 -26.90 -29.16
N ARG C 492 17.06 -27.47 -28.92
CA ARG C 492 17.16 -28.82 -28.38
C ARG C 492 16.64 -28.90 -26.95
N PHE C 493 16.74 -27.82 -26.19
CA PHE C 493 16.28 -27.84 -24.80
C PHE C 493 14.77 -27.78 -24.72
N VAL C 494 14.13 -26.94 -25.55
CA VAL C 494 12.68 -26.80 -25.51
C VAL C 494 12.01 -28.13 -25.85
N VAL C 495 12.47 -28.77 -26.93
CA VAL C 495 11.84 -30.03 -27.36
C VAL C 495 11.99 -31.10 -26.30
N THR C 496 13.14 -31.14 -25.61
CA THR C 496 13.33 -32.11 -24.55
C THR C 496 12.33 -31.88 -23.42
N VAL C 497 12.18 -30.63 -22.98
CA VAL C 497 11.25 -30.32 -21.89
C VAL C 497 9.81 -30.59 -22.33
N ILE C 498 9.45 -30.15 -23.54
CA ILE C 498 8.07 -30.33 -24.01
C ILE C 498 7.76 -31.80 -24.23
N LYS C 499 8.71 -32.55 -24.77
CA LYS C 499 8.49 -33.98 -25.01
C LYS C 499 8.22 -34.73 -23.70
N ASP C 500 9.07 -34.53 -22.70
CA ASP C 500 8.90 -35.21 -21.43
C ASP C 500 7.68 -34.70 -20.67
N LEU C 501 7.33 -33.42 -20.83
CA LEU C 501 6.13 -32.90 -20.19
C LEU C 501 4.87 -33.55 -20.77
N LEU C 502 4.91 -33.94 -22.05
CA LEU C 502 3.75 -34.57 -22.66
C LEU C 502 3.53 -35.98 -22.11
N GLY C 503 4.60 -36.72 -21.86
CA GLY C 503 4.47 -38.03 -21.26
C GLY C 503 3.95 -37.98 -19.85
N LEU C 504 4.24 -36.89 -19.12
CA LEU C 504 3.65 -36.69 -17.80
C LEU C 504 2.12 -36.64 -17.87
N CYS C 505 1.58 -35.96 -18.88
CA CYS C 505 0.14 -35.87 -19.00
C CYS C 505 -0.48 -37.19 -19.43
N GLU C 506 0.21 -37.94 -20.30
CA GLU C 506 -0.28 -39.26 -20.67
C GLU C 506 -0.35 -40.18 -19.45
N GLN C 507 0.62 -40.07 -18.54
CA GLN C 507 0.75 -41.01 -17.44
C GLN C 507 -0.20 -40.71 -16.28
N LYS C 508 -0.66 -39.47 -16.14
CA LYS C 508 -1.54 -39.10 -15.05
C LYS C 508 -3.00 -39.48 -15.36
N ARG C 509 -3.75 -39.77 -14.31
N ARG C 509 -3.82 -39.41 -14.35
CA ARG C 509 -5.18 -40.08 -14.41
CA ARG C 509 -5.12 -39.98 -14.48
C ARG C 509 -5.97 -39.01 -13.67
C ARG C 509 -6.03 -39.13 -13.63
N GLY C 510 -7.06 -38.57 -14.26
CA GLY C 510 -7.84 -37.63 -13.50
C GLY C 510 -7.68 -36.29 -14.12
N LYS C 511 -8.73 -35.50 -14.18
CA LYS C 511 -8.66 -34.20 -14.80
C LYS C 511 -7.89 -33.17 -14.01
N ASP C 512 -8.04 -33.21 -12.71
CA ASP C 512 -7.33 -32.29 -11.86
C ASP C 512 -5.86 -32.46 -12.08
N ASN C 513 -5.43 -33.66 -12.43
CA ASN C 513 -4.02 -33.92 -12.62
C ASN C 513 -3.57 -33.58 -13.99
N LYS C 514 -4.40 -33.89 -14.97
CA LYS C 514 -4.09 -33.58 -16.37
C LYS C 514 -4.22 -32.10 -16.67
N ALA C 515 -5.12 -31.39 -15.97
CA ALA C 515 -5.26 -29.95 -16.20
C ALA C 515 -4.06 -29.17 -15.71
N VAL C 516 -3.44 -29.61 -14.61
CA VAL C 516 -2.25 -28.92 -14.09
C VAL C 516 -1.10 -29.04 -15.07
N VAL C 517 -0.89 -30.23 -15.63
CA VAL C 517 0.23 -30.42 -16.55
C VAL C 517 -0.06 -29.74 -17.89
N ALA C 518 -1.30 -29.83 -18.37
CA ALA C 518 -1.65 -29.17 -19.62
C ALA C 518 -1.44 -27.66 -19.53
N SER C 519 -1.77 -27.06 -18.38
CA SER C 519 -1.53 -25.64 -18.19
C SER C 519 -0.04 -25.31 -18.24
N ASP C 520 0.78 -26.17 -17.63
CA ASP C 520 2.22 -25.91 -17.58
C ASP C 520 2.86 -26.06 -18.95
N ILE C 521 2.36 -26.98 -19.78
CA ILE C 521 2.87 -27.09 -21.15
C ILE C 521 2.59 -25.80 -21.90
N MET C 522 1.35 -25.32 -21.83
CA MET C 522 0.99 -24.10 -22.54
C MET C 522 1.76 -22.89 -22.01
N TYR C 523 2.06 -22.87 -20.71
CA TYR C 523 2.87 -21.78 -20.19
C TYR C 523 4.27 -21.80 -20.77
N VAL C 524 4.85 -22.99 -20.90
CA VAL C 524 6.22 -23.10 -21.40
C VAL C 524 6.28 -22.73 -22.88
N VAL C 525 5.39 -23.30 -23.68
CA VAL C 525 5.40 -23.01 -25.12
C VAL C 525 5.11 -21.54 -25.37
N GLY C 526 4.28 -20.91 -24.53
CA GLY C 526 4.06 -19.48 -24.67
C GLY C 526 5.27 -18.66 -24.28
N GLN C 527 6.12 -19.21 -23.41
CA GLN C 527 7.30 -18.49 -22.94
C GLN C 527 8.45 -18.50 -23.93
N TYR C 528 8.40 -19.36 -24.95
CA TYR C 528 9.49 -19.50 -25.92
C TYR C 528 9.01 -19.13 -27.32
N PRO C 529 8.79 -17.84 -27.58
CA PRO C 529 8.28 -17.45 -28.90
C PRO C 529 9.29 -17.63 -30.02
N ARG C 530 10.58 -17.38 -29.73
CA ARG C 530 11.62 -17.51 -30.74
C ARG C 530 11.72 -18.93 -31.28
N PHE C 531 11.25 -19.93 -30.52
CA PHE C 531 11.17 -21.29 -31.05
C PHE C 531 9.92 -21.46 -31.91
N LEU C 532 8.80 -20.86 -31.51
CA LEU C 532 7.57 -20.99 -32.28
C LEU C 532 7.67 -20.31 -33.64
N LYS C 533 8.41 -19.19 -33.70
CA LYS C 533 8.48 -18.42 -34.94
C LYS C 533 9.18 -19.20 -36.05
N ALA C 534 10.10 -20.10 -35.69
CA ALA C 534 10.91 -20.79 -36.68
C ALA C 534 10.35 -22.14 -37.10
N HIS C 535 9.29 -22.64 -36.45
CA HIS C 535 8.70 -23.95 -36.76
C HIS C 535 7.19 -23.76 -36.89
N TRP C 536 6.74 -23.36 -38.08
CA TRP C 536 5.34 -22.98 -38.25
C TRP C 536 4.39 -24.15 -37.98
N ASN C 537 4.76 -25.35 -38.41
CA ASN C 537 3.86 -26.50 -38.24
C ASN C 537 3.58 -26.77 -36.77
N PHE C 538 4.56 -26.57 -35.91
CA PHE C 538 4.34 -26.72 -34.48
C PHE C 538 3.47 -25.59 -33.93
N LEU C 539 3.74 -24.35 -34.37
CA LEU C 539 2.92 -23.22 -33.96
C LEU C 539 1.46 -23.42 -34.36
N ARG C 540 1.24 -23.86 -35.60
CA ARG C 540 -0.12 -24.12 -36.07
C ARG C 540 -0.82 -25.15 -35.19
N THR C 541 -0.08 -26.14 -34.68
CA THR C 541 -0.69 -27.18 -33.85
C THR C 541 -1.09 -26.63 -32.48
N VAL C 542 -0.25 -25.77 -31.90
CA VAL C 542 -0.52 -25.24 -30.55
C VAL C 542 -1.81 -24.41 -30.56
N ILE C 543 -1.95 -23.55 -31.57
CA ILE C 543 -3.12 -22.67 -31.64
C ILE C 543 -4.40 -23.50 -31.77
N LEU C 544 -4.38 -24.51 -32.66
CA LEU C 544 -5.53 -25.38 -32.79
C LEU C 544 -5.82 -26.11 -31.49
N LYS C 545 -4.80 -26.31 -30.65
CA LYS C 545 -5.00 -26.94 -29.36
C LYS C 545 -5.63 -25.96 -28.37
N LEU C 546 -5.17 -24.71 -28.37
CA LEU C 546 -5.79 -23.69 -27.52
C LEU C 546 -7.26 -23.52 -27.87
N PHE C 547 -7.59 -23.53 -29.16
CA PHE C 547 -8.98 -23.50 -29.59
C PHE C 547 -9.74 -24.71 -29.04
N GLU C 548 -9.08 -25.87 -29.01
CA GLU C 548 -9.70 -27.06 -28.43
C GLU C 548 -9.99 -26.86 -26.94
N PHE C 549 -9.00 -26.37 -26.20
CA PHE C 549 -9.17 -26.18 -24.76
C PHE C 549 -10.21 -25.13 -24.41
N MET C 550 -10.68 -24.35 -25.39
CA MET C 550 -11.68 -23.32 -25.12
C MET C 550 -13.08 -23.90 -24.93
N HIS C 551 -13.33 -25.11 -25.44
CA HIS C 551 -14.59 -25.80 -25.19
C HIS C 551 -14.54 -26.65 -23.93
N GLU C 552 -13.49 -26.54 -23.13
CA GLU C 552 -13.34 -27.35 -21.93
C GLU C 552 -14.05 -26.67 -20.75
N THR C 553 -14.95 -27.40 -20.11
CA THR C 553 -15.75 -26.86 -19.02
C THR C 553 -14.98 -26.77 -17.70
N HIS C 554 -13.83 -27.45 -17.59
CA HIS C 554 -13.08 -27.46 -16.35
C HIS C 554 -12.66 -26.04 -15.95
N GLU C 555 -12.35 -25.88 -14.67
CA GLU C 555 -12.12 -24.56 -14.09
C GLU C 555 -10.74 -24.04 -14.47
N GLY C 556 -10.71 -22.79 -14.97
CA GLY C 556 -9.47 -22.11 -15.29
C GLY C 556 -8.85 -22.45 -16.63
N VAL C 557 -9.25 -23.56 -17.25
CA VAL C 557 -8.63 -23.98 -18.50
C VAL C 557 -8.93 -22.99 -19.62
N GLN C 558 -10.19 -22.57 -19.73
CA GLN C 558 -10.55 -21.58 -20.75
C GLN C 558 -9.83 -20.26 -20.51
N ASP C 559 -9.69 -19.86 -19.24
CA ASP C 559 -8.93 -18.67 -18.92
C ASP C 559 -7.45 -18.86 -19.25
N MET C 560 -6.94 -20.08 -19.04
CA MET C 560 -5.55 -20.37 -19.43
C MET C 560 -5.41 -20.37 -20.95
N ALA C 561 -6.40 -20.93 -21.65
CA ALA C 561 -6.32 -21.01 -23.11
C ALA C 561 -6.33 -19.63 -23.75
N CYS C 562 -7.17 -18.71 -23.23
CA CYS C 562 -7.24 -17.37 -23.81
C CYS C 562 -6.01 -16.55 -23.46
N ASP C 563 -5.55 -16.63 -22.20
CA ASP C 563 -4.37 -15.87 -21.81
C ASP C 563 -3.14 -16.28 -22.61
N THR C 564 -2.98 -17.59 -22.84
CA THR C 564 -1.85 -18.06 -23.64
C THR C 564 -2.00 -17.69 -25.10
N PHE C 565 -3.23 -17.69 -25.61
CA PHE C 565 -3.46 -17.36 -27.01
C PHE C 565 -3.01 -15.92 -27.30
N ILE C 566 -3.52 -14.96 -26.54
CA ILE C 566 -3.16 -13.56 -26.76
C ILE C 566 -1.69 -13.31 -26.42
N LYS C 567 -1.11 -14.13 -25.53
CA LYS C 567 0.30 -13.99 -25.20
C LYS C 567 1.19 -14.45 -26.36
N ILE C 568 0.76 -15.50 -27.06
CA ILE C 568 1.50 -15.99 -28.23
C ILE C 568 1.31 -15.04 -29.41
N VAL C 569 0.15 -14.39 -29.49
CA VAL C 569 -0.14 -13.52 -30.63
C VAL C 569 0.73 -12.26 -30.59
N GLN C 570 0.93 -11.69 -29.41
CA GLN C 570 1.72 -10.47 -29.30
C GLN C 570 3.15 -10.67 -29.78
N LYS C 571 3.69 -11.88 -29.61
CA LYS C 571 5.09 -12.15 -29.92
C LYS C 571 5.28 -12.83 -31.29
N CYS C 572 4.21 -13.33 -31.90
CA CYS C 572 4.30 -14.00 -33.20
C CYS C 572 3.25 -13.47 -34.18
N LYS C 573 2.88 -12.20 -34.03
CA LYS C 573 1.85 -11.60 -34.87
C LYS C 573 2.12 -11.80 -36.35
N TYR C 574 3.38 -11.66 -36.75
CA TYR C 574 3.74 -11.66 -38.17
C TYR C 574 3.43 -13.00 -38.84
N HIS C 575 3.51 -14.10 -38.09
CA HIS C 575 3.35 -15.41 -38.70
C HIS C 575 1.89 -15.79 -38.93
N PHE C 576 0.94 -14.96 -38.48
CA PHE C 576 -0.47 -15.16 -38.79
C PHE C 576 -0.95 -14.26 -39.93
N VAL C 577 -0.17 -13.26 -40.33
CA VAL C 577 -0.64 -12.26 -41.27
C VAL C 577 -0.10 -12.54 -42.68
N ILE C 578 1.05 -13.20 -42.76
CA ILE C 578 1.60 -13.58 -44.06
C ILE C 578 1.13 -14.97 -44.42
N GLN C 579 1.22 -15.29 -45.71
CA GLN C 579 0.88 -16.62 -46.20
C GLN C 579 2.05 -17.55 -45.90
N GLN C 580 1.89 -18.36 -44.85
CA GLN C 580 2.96 -19.26 -44.46
C GLN C 580 3.23 -20.26 -45.58
N PRO C 581 4.50 -20.58 -45.85
CA PRO C 581 4.82 -21.54 -46.92
C PRO C 581 4.01 -22.82 -46.82
N ARG C 582 3.53 -23.28 -47.97
CA ARG C 582 2.75 -24.52 -48.14
C ARG C 582 1.37 -24.45 -47.47
N GLU C 583 0.78 -23.26 -47.40
CA GLU C 583 -0.64 -23.10 -47.11
C GLU C 583 -1.22 -22.05 -48.04
N SER C 584 -2.55 -22.01 -48.11
CA SER C 584 -3.23 -21.26 -49.16
C SER C 584 -3.58 -19.83 -48.76
N GLU C 585 -3.62 -19.51 -47.47
CA GLU C 585 -4.09 -18.19 -47.03
C GLU C 585 -3.44 -17.86 -45.70
N PRO C 586 -3.33 -16.58 -45.35
CA PRO C 586 -2.87 -16.22 -44.01
C PRO C 586 -3.74 -16.87 -42.95
N PHE C 587 -3.10 -17.41 -41.91
CA PHE C 587 -3.82 -18.15 -40.89
C PHE C 587 -4.84 -17.30 -40.15
N ILE C 588 -4.72 -15.96 -40.24
CA ILE C 588 -5.70 -15.10 -39.59
C ILE C 588 -7.07 -15.28 -40.22
N GLN C 589 -7.12 -15.43 -41.55
CA GLN C 589 -8.39 -15.66 -42.23
C GLN C 589 -9.02 -16.98 -41.80
N THR C 590 -8.19 -17.99 -41.52
CA THR C 590 -8.71 -19.26 -41.01
C THR C 590 -9.27 -19.08 -39.59
N ILE C 591 -8.56 -18.35 -38.74
CA ILE C 591 -9.05 -18.08 -37.39
C ILE C 591 -10.36 -17.33 -37.44
N ILE C 592 -10.45 -16.32 -38.30
CA ILE C 592 -11.61 -15.44 -38.34
C ILE C 592 -12.86 -16.20 -38.75
N ARG C 593 -12.75 -17.08 -39.76
CA ARG C 593 -13.95 -17.55 -40.42
C ARG C 593 -14.75 -18.52 -39.57
N ASP C 594 -14.10 -19.27 -38.68
CA ASP C 594 -14.80 -20.13 -37.73
C ASP C 594 -14.63 -19.62 -36.30
N ILE C 595 -14.69 -18.29 -36.15
CA ILE C 595 -14.58 -17.66 -34.84
C ILE C 595 -15.82 -17.96 -34.00
N GLN C 596 -16.97 -18.16 -34.64
CA GLN C 596 -18.19 -18.36 -33.87
C GLN C 596 -18.21 -19.71 -33.18
N LYS C 597 -17.74 -20.76 -33.86
CA LYS C 597 -17.68 -22.07 -33.21
C LYS C 597 -16.48 -22.18 -32.28
N THR C 598 -15.40 -21.45 -32.58
CA THR C 598 -14.24 -21.46 -31.70
C THR C 598 -14.55 -20.82 -30.35
N THR C 599 -15.23 -19.67 -30.36
CA THR C 599 -15.59 -18.97 -29.13
C THR C 599 -16.99 -19.32 -28.64
N ALA C 600 -17.55 -20.46 -29.06
CA ALA C 600 -18.96 -20.73 -28.83
C ALA C 600 -19.29 -20.92 -27.36
N ASP C 601 -18.33 -21.39 -26.55
CA ASP C 601 -18.62 -21.74 -25.16
C ASP C 601 -17.78 -20.93 -24.18
N LEU C 602 -17.27 -19.78 -24.59
CA LEU C 602 -16.56 -18.90 -23.68
C LEU C 602 -17.51 -17.91 -23.03
N GLN C 603 -17.04 -17.30 -21.95
CA GLN C 603 -17.76 -16.19 -21.35
C GLN C 603 -17.50 -14.93 -22.15
N PRO C 604 -18.38 -13.92 -22.04
CA PRO C 604 -18.18 -12.69 -22.81
C PRO C 604 -16.81 -12.05 -22.63
N GLN C 605 -16.30 -11.99 -21.39
CA GLN C 605 -14.97 -11.42 -21.18
C GLN C 605 -13.89 -12.23 -21.89
N GLN C 606 -14.06 -13.55 -21.99
CA GLN C 606 -13.10 -14.36 -22.74
C GLN C 606 -13.23 -14.12 -24.23
N VAL C 607 -14.47 -13.92 -24.72
CA VAL C 607 -14.67 -13.61 -26.13
C VAL C 607 -14.02 -12.28 -26.49
N HIS C 608 -14.11 -11.30 -25.58
CA HIS C 608 -13.53 -9.98 -25.83
C HIS C 608 -12.00 -10.07 -25.93
N THR C 609 -11.38 -10.93 -25.12
CA THR C 609 -9.94 -11.14 -25.24
C THR C 609 -9.59 -11.73 -26.60
N PHE C 610 -10.37 -12.71 -27.06
CA PHE C 610 -10.11 -13.33 -28.36
C PHE C 610 -10.15 -12.29 -29.48
N TYR C 611 -11.18 -11.45 -29.49
CA TYR C 611 -11.28 -10.43 -30.53
C TYR C 611 -10.12 -9.44 -30.44
N LYS C 612 -9.73 -9.07 -29.22
CA LYS C 612 -8.56 -8.21 -29.05
C LYS C 612 -7.31 -8.87 -29.62
N ALA C 613 -7.21 -10.20 -29.49
CA ALA C 613 -6.06 -10.90 -30.05
C ALA C 613 -6.04 -10.82 -31.57
N CYS C 614 -7.19 -11.03 -32.21
CA CYS C 614 -7.26 -10.94 -33.66
C CYS C 614 -6.94 -9.52 -34.13
N GLY C 615 -7.35 -8.51 -33.36
CA GLY C 615 -7.00 -7.14 -33.70
C GLY C 615 -5.50 -6.91 -33.73
N ILE C 616 -4.76 -7.59 -32.85
CA ILE C 616 -3.30 -7.48 -32.86
C ILE C 616 -2.74 -7.98 -34.17
N ILE C 617 -3.26 -9.11 -34.65
CA ILE C 617 -2.77 -9.70 -35.90
C ILE C 617 -3.07 -8.78 -37.08
N ILE C 618 -4.31 -8.26 -37.13
CA ILE C 618 -4.76 -7.48 -38.28
C ILE C 618 -3.95 -6.19 -38.43
N SER C 619 -3.52 -5.60 -37.31
CA SER C 619 -2.70 -4.40 -37.38
C SER C 619 -1.35 -4.66 -38.03
N GLU C 620 -0.89 -5.91 -38.06
CA GLU C 620 0.37 -6.25 -38.73
C GLU C 620 0.28 -6.14 -40.25
N GLU C 621 -0.94 -6.20 -40.79
CA GLU C 621 -1.14 -6.09 -42.23
C GLU C 621 -1.08 -4.62 -42.61
N ARG C 622 -0.07 -4.23 -43.39
CA ARG C 622 0.17 -2.84 -43.70
C ARG C 622 -0.45 -2.40 -45.02
N SER C 623 -1.11 -3.30 -45.75
CA SER C 623 -1.90 -2.90 -46.91
C SER C 623 -3.27 -2.46 -46.43
N VAL C 624 -3.63 -1.20 -46.75
CA VAL C 624 -4.83 -0.59 -46.17
C VAL C 624 -6.08 -1.40 -46.54
N ALA C 625 -6.29 -1.64 -47.84
CA ALA C 625 -7.48 -2.35 -48.27
C ALA C 625 -7.52 -3.78 -47.73
N GLU C 626 -6.35 -4.42 -47.61
CA GLU C 626 -6.32 -5.76 -47.04
C GLU C 626 -6.54 -5.74 -45.54
N ARG C 627 -6.07 -4.69 -44.86
CA ARG C 627 -6.33 -4.58 -43.43
C ARG C 627 -7.78 -4.23 -43.15
N ASN C 628 -8.36 -3.34 -43.96
CA ASN C 628 -9.73 -2.91 -43.73
C ASN C 628 -10.74 -4.03 -43.97
N ARG C 629 -10.41 -5.02 -44.80
CA ARG C 629 -11.37 -6.09 -45.02
C ARG C 629 -11.21 -7.21 -44.00
N LEU C 630 -9.98 -7.51 -43.55
CA LEU C 630 -9.83 -8.37 -42.39
C LEU C 630 -10.60 -7.81 -41.20
N LEU C 631 -10.58 -6.48 -41.05
CA LEU C 631 -11.36 -5.83 -40.01
C LEU C 631 -12.85 -6.05 -40.21
N SER C 632 -13.32 -5.95 -41.48
CA SER C 632 -14.73 -6.17 -41.76
C SER C 632 -15.12 -7.61 -41.46
N ASP C 633 -14.30 -8.57 -41.87
CA ASP C 633 -14.63 -9.97 -41.63
C ASP C 633 -14.63 -10.31 -40.14
N LEU C 634 -13.70 -9.73 -39.39
CA LEU C 634 -13.63 -10.01 -37.96
C LEU C 634 -14.85 -9.48 -37.23
N MET C 635 -15.29 -8.26 -37.56
CA MET C 635 -16.41 -7.62 -36.89
C MET C 635 -17.77 -8.06 -37.42
N GLN C 636 -17.82 -9.11 -38.26
CA GLN C 636 -19.06 -9.45 -38.94
C GLN C 636 -20.15 -9.84 -37.95
N LEU C 637 -19.86 -10.78 -37.05
CA LEU C 637 -20.88 -11.22 -36.09
C LEU C 637 -21.38 -10.09 -35.20
N PRO C 638 -20.54 -9.30 -34.54
CA PRO C 638 -21.09 -8.19 -33.75
C PRO C 638 -21.72 -7.10 -34.61
N ASN C 639 -21.27 -6.92 -35.85
CA ASN C 639 -21.91 -5.95 -36.74
C ASN C 639 -23.31 -6.42 -37.13
N MET C 640 -23.49 -7.73 -37.31
CA MET C 640 -24.82 -8.25 -37.63
C MET C 640 -25.78 -8.05 -36.45
N ALA C 641 -25.36 -8.46 -35.25
CA ALA C 641 -26.20 -8.29 -34.08
C ALA C 641 -26.46 -6.82 -33.79
N TRP C 642 -25.50 -5.94 -34.11
CA TRP C 642 -25.69 -4.51 -33.91
C TRP C 642 -26.77 -3.98 -34.85
N ASP C 643 -26.79 -4.42 -36.06
CA ASP C 643 -27.77 -3.93 -36.96
C ASP C 643 -29.19 -4.26 -36.71
N THR C 644 -29.47 -5.43 -36.22
CA THR C 644 -30.81 -5.80 -35.92
C THR C 644 -31.19 -4.91 -34.78
N ILE C 645 -30.53 -5.05 -33.70
CA ILE C 645 -30.82 -4.21 -32.59
C ILE C 645 -30.98 -2.73 -32.86
N VAL C 646 -30.25 -2.09 -33.74
CA VAL C 646 -30.48 -0.67 -33.88
C VAL C 646 -31.83 -0.56 -34.50
N GLU C 647 -32.05 -1.41 -35.47
CA GLU C 647 -33.30 -1.51 -36.17
C GLU C 647 -34.44 -1.73 -35.20
N GLN C 648 -34.58 -2.95 -34.76
CA GLN C 648 -35.61 -3.31 -33.85
C GLN C 648 -35.35 -2.77 -32.50
N SER C 649 -35.31 -1.47 -32.42
CA SER C 649 -35.07 -0.83 -31.14
C SER C 649 -35.25 0.62 -31.28
N THR C 650 -35.04 1.10 -32.48
CA THR C 650 -35.21 2.48 -32.78
C THR C 650 -36.69 2.45 -32.94
N ALA C 651 -37.10 1.64 -33.88
CA ALA C 651 -38.49 1.43 -34.12
C ALA C 651 -39.01 0.49 -33.05
N ASN C 652 -39.51 1.08 -31.99
CA ASN C 652 -40.07 0.41 -30.87
C ASN C 652 -40.09 1.52 -29.82
N PRO C 653 -39.20 1.67 -28.74
CA PRO C 653 -38.15 0.69 -28.53
C PRO C 653 -38.52 -0.20 -27.38
N THR C 654 -38.62 0.38 -26.19
CA THR C 654 -39.01 -0.36 -25.01
C THR C 654 -38.22 -1.65 -24.95
N LEU C 655 -37.85 -2.16 -26.10
CA LEU C 655 -36.98 -3.33 -26.05
C LEU C 655 -35.79 -3.14 -25.14
N LEU C 656 -35.38 -1.90 -24.87
CA LEU C 656 -34.20 -1.67 -24.03
C LEU C 656 -34.52 -1.73 -22.55
N LEU C 657 -35.77 -2.00 -22.17
CA LEU C 657 -36.07 -2.43 -20.82
C LEU C 657 -35.75 -3.90 -20.62
N ASP C 658 -35.63 -4.65 -21.72
CA ASP C 658 -35.23 -6.05 -21.65
C ASP C 658 -33.87 -6.18 -20.99
N SER C 659 -33.82 -6.99 -19.93
CA SER C 659 -32.53 -7.30 -19.34
C SER C 659 -31.59 -7.92 -20.36
N GLU C 660 -32.13 -8.79 -21.23
CA GLU C 660 -31.29 -9.53 -22.16
C GLU C 660 -30.82 -8.67 -23.34
N THR C 661 -31.67 -7.75 -23.81
CA THR C 661 -31.25 -6.87 -24.91
C THR C 661 -30.15 -5.92 -24.46
N VAL C 662 -30.24 -5.40 -23.23
CA VAL C 662 -29.21 -4.52 -22.71
C VAL C 662 -27.87 -5.26 -22.63
N LYS C 663 -27.88 -6.52 -22.20
CA LYS C 663 -26.64 -7.29 -22.13
C LYS C 663 -26.06 -7.53 -23.51
N ILE C 664 -26.92 -7.81 -24.50
CA ILE C 664 -26.42 -8.04 -25.87
C ILE C 664 -25.77 -6.77 -26.42
N ILE C 665 -26.35 -5.61 -26.11
CA ILE C 665 -25.78 -4.35 -26.61
C ILE C 665 -24.44 -4.08 -25.95
N ALA C 666 -24.37 -4.19 -24.62
CA ALA C 666 -23.15 -3.88 -23.90
C ALA C 666 -21.99 -4.73 -24.41
N ASN C 667 -22.23 -6.02 -24.63
CA ASN C 667 -21.17 -6.90 -25.12
C ASN C 667 -20.82 -6.64 -26.58
N ILE C 668 -21.74 -6.10 -27.38
CA ILE C 668 -21.38 -5.67 -28.73
C ILE C 668 -20.43 -4.49 -28.67
N ILE C 669 -20.73 -3.49 -27.83
N ILE C 669 -20.73 -3.49 -27.83
CA ILE C 669 -19.86 -2.34 -27.69
CA ILE C 669 -19.86 -2.34 -27.69
C ILE C 669 -18.53 -2.75 -27.06
C ILE C 669 -18.53 -2.75 -27.06
N LYS C 670 -18.57 -3.61 -26.04
CA LYS C 670 -17.34 -4.06 -25.40
C LYS C 670 -16.43 -4.78 -26.40
N THR C 671 -17.01 -5.58 -27.30
CA THR C 671 -16.21 -6.22 -28.33
C THR C 671 -15.55 -5.19 -29.23
N ASN C 672 -16.25 -4.09 -29.54
CA ASN C 672 -15.62 -3.00 -30.28
C ASN C 672 -14.50 -2.36 -29.48
N VAL C 673 -14.69 -2.19 -28.17
CA VAL C 673 -13.64 -1.62 -27.32
C VAL C 673 -12.41 -2.52 -27.33
N ALA C 674 -12.61 -3.83 -27.31
CA ALA C 674 -11.48 -4.75 -27.31
C ALA C 674 -10.67 -4.64 -28.59
N VAL C 675 -11.34 -4.59 -29.74
CA VAL C 675 -10.62 -4.55 -31.01
C VAL C 675 -9.98 -3.19 -31.22
N CYS C 676 -10.69 -2.11 -30.85
CA CYS C 676 -10.11 -0.77 -30.97
C CYS C 676 -8.90 -0.61 -30.06
N THR C 677 -8.89 -1.32 -28.93
CA THR C 677 -7.77 -1.22 -27.99
C THR C 677 -6.44 -1.59 -28.65
N SER C 678 -6.43 -2.68 -29.43
CA SER C 678 -5.21 -3.19 -30.02
C SER C 678 -4.94 -2.68 -31.43
N MET C 679 -5.92 -2.04 -32.08
CA MET C 679 -5.73 -1.55 -33.43
C MET C 679 -5.49 -0.05 -33.51
N GLY C 680 -6.02 0.73 -32.56
CA GLY C 680 -5.79 2.15 -32.51
C GLY C 680 -6.29 2.92 -33.72
N ALA C 681 -5.39 3.62 -34.41
CA ALA C 681 -5.78 4.43 -35.55
C ALA C 681 -6.33 3.60 -36.70
N ASP C 682 -5.98 2.31 -36.76
CA ASP C 682 -6.47 1.43 -37.81
C ASP C 682 -7.92 1.00 -37.60
N PHE C 683 -8.54 1.40 -36.50
CA PHE C 683 -9.91 1.02 -36.19
C PHE C 683 -10.95 1.92 -36.85
N TYR C 684 -10.51 3.05 -37.44
CA TYR C 684 -11.44 4.07 -37.92
C TYR C 684 -12.52 3.56 -38.86
N PRO C 685 -12.26 2.69 -39.84
CA PRO C 685 -13.36 2.23 -40.70
C PRO C 685 -14.51 1.58 -39.93
N GLN C 686 -14.22 0.78 -38.92
CA GLN C 686 -15.29 0.15 -38.14
C GLN C 686 -16.04 1.17 -37.30
N LEU C 687 -15.33 2.18 -36.78
CA LEU C 687 -15.98 3.20 -35.97
C LEU C 687 -17.04 3.95 -36.77
N GLY C 688 -16.71 4.31 -38.01
CA GLY C 688 -17.68 5.02 -38.85
C GLY C 688 -18.89 4.18 -39.20
N HIS C 689 -18.73 2.85 -39.28
CA HIS C 689 -19.85 1.97 -39.57
C HIS C 689 -20.92 2.05 -38.50
N ILE C 690 -20.55 2.41 -37.27
CA ILE C 690 -21.46 2.38 -36.14
C ILE C 690 -21.56 3.70 -35.39
N TYR C 691 -20.79 4.72 -35.79
CA TYR C 691 -20.64 5.91 -34.97
C TYR C 691 -21.97 6.62 -34.75
N TYR C 692 -22.65 7.00 -35.84
CA TYR C 692 -23.85 7.82 -35.72
C TYR C 692 -24.98 7.06 -35.03
N ASN C 693 -25.15 5.78 -35.34
CA ASN C 693 -26.17 5.00 -34.64
C ASN C 693 -25.81 4.79 -33.18
N MET C 694 -24.51 4.67 -32.87
CA MET C 694 -24.10 4.53 -31.48
C MET C 694 -24.45 5.78 -30.68
N LEU C 695 -24.18 6.96 -31.25
CA LEU C 695 -24.53 8.20 -30.58
C LEU C 695 -26.04 8.34 -30.43
N GLN C 696 -26.81 7.80 -31.36
CA GLN C 696 -28.26 7.80 -31.22
C GLN C 696 -28.69 6.88 -30.10
N LEU C 697 -28.12 5.67 -30.06
CA LEU C 697 -28.36 4.77 -28.94
C LEU C 697 -27.99 5.43 -27.62
N TYR C 698 -26.89 6.18 -27.60
CA TYR C 698 -26.52 6.92 -26.40
C TYR C 698 -27.63 7.87 -25.98
N ARG C 699 -28.25 8.56 -26.95
CA ARG C 699 -29.35 9.48 -26.64
C ARG C 699 -30.55 8.72 -26.08
N ALA C 700 -30.91 7.60 -26.70
CA ALA C 700 -32.09 6.85 -26.28
C ALA C 700 -31.92 6.29 -24.87
N VAL C 701 -30.74 5.77 -24.56
CA VAL C 701 -30.47 5.24 -23.22
C VAL C 701 -30.50 6.36 -22.20
N SER C 702 -30.11 7.57 -22.60
CA SER C 702 -30.16 8.72 -21.69
C SER C 702 -31.59 9.08 -21.32
N SER C 703 -32.54 8.85 -22.22
CA SER C 703 -33.94 9.16 -21.92
C SER C 703 -34.50 8.19 -20.89
N MET C 704 -34.31 6.89 -21.10
CA MET C 704 -34.92 5.89 -20.23
C MET C 704 -34.38 5.99 -18.81
N ILE C 705 -33.09 6.28 -18.65
CA ILE C 705 -32.56 6.50 -17.31
C ILE C 705 -33.25 7.68 -16.64
N SER C 706 -33.42 8.78 -17.38
CA SER C 706 -34.17 9.92 -16.86
C SER C 706 -35.63 9.56 -16.59
N ALA C 707 -36.21 8.69 -17.42
CA ALA C 707 -37.60 8.31 -17.24
C ALA C 707 -37.78 7.52 -15.94
N GLN C 708 -36.98 6.48 -15.73
CA GLN C 708 -37.13 5.65 -14.54
C GLN C 708 -36.65 6.36 -13.28
N VAL C 709 -35.80 7.39 -13.40
CA VAL C 709 -35.54 8.25 -12.25
C VAL C 709 -36.80 9.04 -11.88
N ALA C 710 -37.55 9.47 -12.90
CA ALA C 710 -38.78 10.21 -12.63
C ALA C 710 -39.89 9.31 -12.13
N ALA C 711 -39.92 8.04 -12.57
CA ALA C 711 -41.00 7.15 -12.21
C ALA C 711 -40.80 6.48 -10.85
N GLU C 712 -39.54 6.27 -10.44
CA GLU C 712 -39.25 5.54 -9.23
C GLU C 712 -38.32 6.26 -8.26
N GLY C 713 -37.80 7.42 -8.62
CA GLY C 713 -36.97 8.21 -7.72
C GLY C 713 -35.49 7.96 -7.94
N LEU C 714 -34.70 8.46 -6.99
CA LEU C 714 -33.25 8.31 -7.06
C LEU C 714 -32.81 6.87 -6.86
N ILE C 715 -33.60 6.05 -6.18
CA ILE C 715 -33.22 4.66 -5.96
C ILE C 715 -33.19 3.87 -7.26
N ALA C 716 -33.81 4.38 -8.32
CA ALA C 716 -33.77 3.69 -9.60
C ALA C 716 -32.34 3.57 -10.12
N THR C 717 -31.49 4.56 -9.84
CA THR C 717 -30.10 4.51 -10.27
C THR C 717 -29.36 3.30 -9.70
N LYS C 718 -29.87 2.69 -8.64
CA LYS C 718 -29.25 1.52 -8.06
C LYS C 718 -29.82 0.21 -8.58
N THR C 719 -31.01 0.26 -9.19
CA THR C 719 -31.66 -0.95 -9.67
C THR C 719 -30.87 -1.60 -10.81
N PRO C 720 -30.97 -2.93 -10.95
CA PRO C 720 -30.22 -3.59 -12.03
C PRO C 720 -30.55 -3.09 -13.42
N LYS C 721 -31.81 -2.77 -13.68
CA LYS C 721 -32.21 -2.36 -15.02
C LYS C 721 -31.53 -1.06 -15.43
N VAL C 722 -31.52 -0.07 -14.53
CA VAL C 722 -30.87 1.20 -14.84
C VAL C 722 -29.35 1.04 -14.89
N ARG C 723 -28.80 0.20 -14.01
CA ARG C 723 -27.36 -0.02 -14.02
C ARG C 723 -26.90 -0.69 -15.30
N GLY C 724 -27.75 -1.52 -15.91
CA GLY C 724 -27.45 -2.04 -17.23
C GLY C 724 -27.45 -0.97 -18.30
N LEU C 725 -28.32 0.04 -18.16
CA LEU C 725 -28.37 1.13 -19.12
C LEU C 725 -27.15 2.02 -19.00
N ARG C 726 -26.75 2.36 -17.77
CA ARG C 726 -25.58 3.20 -17.58
C ARG C 726 -24.32 2.51 -18.09
N THR C 727 -24.30 1.16 -18.10
CA THR C 727 -23.17 0.45 -18.66
C THR C 727 -23.03 0.68 -20.16
N ILE C 728 -24.15 0.71 -20.88
CA ILE C 728 -24.11 1.01 -22.31
C ILE C 728 -23.49 2.38 -22.55
N LYS C 729 -23.91 3.38 -21.77
CA LYS C 729 -23.36 4.73 -21.94
C LYS C 729 -21.87 4.76 -21.61
N LYS C 730 -21.47 4.14 -20.50
CA LYS C 730 -20.06 4.14 -20.11
C LYS C 730 -19.21 3.40 -21.15
N GLU C 731 -19.74 2.31 -21.72
CA GLU C 731 -18.98 1.58 -22.72
C GLU C 731 -18.91 2.32 -24.04
N ILE C 732 -19.95 3.06 -24.41
CA ILE C 732 -19.89 3.88 -25.62
C ILE C 732 -18.84 4.97 -25.46
N LEU C 733 -18.87 5.67 -24.32
CA LEU C 733 -17.86 6.70 -24.07
C LEU C 733 -16.46 6.11 -24.07
N LYS C 734 -16.27 4.95 -23.45
CA LYS C 734 -14.96 4.31 -23.43
C LYS C 734 -14.45 4.03 -24.83
N LEU C 735 -15.32 3.56 -25.73
CA LEU C 735 -14.91 3.30 -27.10
C LEU C 735 -14.44 4.57 -27.79
N VAL C 736 -15.17 5.67 -27.61
CA VAL C 736 -14.79 6.93 -28.24
C VAL C 736 -13.49 7.47 -27.63
N GLU C 737 -13.35 7.37 -26.30
CA GLU C 737 -12.09 7.79 -25.67
C GLU C 737 -10.92 6.93 -26.16
N THR C 738 -11.12 5.61 -26.26
CA THR C 738 -10.04 4.74 -26.68
C THR C 738 -9.54 5.09 -28.07
N TYR C 739 -10.46 5.42 -28.99
CA TYR C 739 -10.01 5.75 -30.34
C TYR C 739 -9.27 7.08 -30.37
N ILE C 740 -9.90 8.15 -29.86
CA ILE C 740 -9.32 9.48 -29.98
C ILE C 740 -7.95 9.54 -29.32
N SER C 741 -7.80 8.87 -28.18
CA SER C 741 -6.51 8.83 -27.50
C SER C 741 -5.41 8.22 -28.36
N LYS C 742 -5.77 7.42 -29.36
CA LYS C 742 -4.78 6.78 -30.23
C LYS C 742 -4.87 7.26 -31.68
N ALA C 743 -5.74 8.21 -32.00
CA ALA C 743 -5.94 8.62 -33.38
C ALA C 743 -4.70 9.32 -33.92
N ARG C 744 -4.45 9.13 -35.22
CA ARG C 744 -3.40 9.82 -35.93
C ARG C 744 -3.92 10.91 -36.85
N ASN C 745 -5.00 10.64 -37.57
CA ASN C 745 -5.66 11.66 -38.40
C ASN C 745 -6.50 12.53 -37.48
N LEU C 746 -5.90 13.63 -37.02
CA LEU C 746 -6.59 14.53 -36.11
C LEU C 746 -7.61 15.41 -36.82
N ASP C 747 -7.44 15.62 -38.13
CA ASP C 747 -8.43 16.41 -38.87
C ASP C 747 -9.77 15.68 -38.94
N ASP C 748 -9.74 14.36 -39.08
CA ASP C 748 -10.97 13.58 -39.04
C ASP C 748 -11.63 13.67 -37.67
N VAL C 749 -10.84 13.62 -36.59
CA VAL C 749 -11.40 13.69 -35.25
C VAL C 749 -12.22 14.95 -35.08
N VAL C 750 -11.67 16.10 -35.50
CA VAL C 750 -12.38 17.36 -35.34
C VAL C 750 -13.56 17.44 -36.30
N LYS C 751 -13.38 16.99 -37.54
CA LYS C 751 -14.36 17.27 -38.58
C LYS C 751 -15.64 16.44 -38.41
N VAL C 752 -15.51 15.16 -38.05
CA VAL C 752 -16.67 14.28 -38.06
C VAL C 752 -16.97 13.72 -36.68
N LEU C 753 -15.96 13.64 -35.80
CA LEU C 753 -16.18 12.96 -34.52
C LEU C 753 -16.61 13.88 -33.39
N VAL C 754 -15.99 15.06 -33.25
CA VAL C 754 -16.17 15.86 -32.04
C VAL C 754 -17.58 16.43 -31.97
N GLU C 755 -18.06 17.05 -33.06
CA GLU C 755 -19.31 17.80 -32.96
C GLU C 755 -20.55 16.94 -32.76
N PRO C 756 -20.66 15.72 -33.33
CA PRO C 756 -21.82 14.90 -32.96
C PRO C 756 -21.71 14.34 -31.56
N LEU C 757 -20.48 14.15 -31.08
CA LEU C 757 -20.28 13.63 -29.72
C LEU C 757 -20.67 14.66 -28.67
N LEU C 758 -20.28 15.93 -28.88
CA LEU C 758 -20.57 16.96 -27.89
C LEU C 758 -22.07 17.19 -27.75
N ASN C 759 -22.80 17.17 -28.88
CA ASN C 759 -24.24 17.36 -28.81
C ASN C 759 -24.92 16.22 -28.06
N ALA C 760 -24.38 15.02 -28.15
CA ALA C 760 -25.03 13.86 -27.54
C ALA C 760 -24.81 13.77 -26.04
N VAL C 761 -23.69 14.27 -25.53
CA VAL C 761 -23.28 13.97 -24.17
C VAL C 761 -23.31 15.18 -23.23
N LEU C 762 -23.05 16.39 -23.74
CA LEU C 762 -22.90 17.54 -22.84
C LEU C 762 -24.25 17.98 -22.26
N GLU C 763 -25.25 18.16 -23.12
CA GLU C 763 -26.55 18.62 -22.63
C GLU C 763 -27.20 17.58 -21.73
N ASP C 764 -27.07 16.30 -22.07
CA ASP C 764 -27.62 15.25 -21.23
C ASP C 764 -26.95 15.25 -19.85
N TYR C 765 -25.66 15.56 -19.80
CA TYR C 765 -24.97 15.67 -18.52
C TYR C 765 -25.46 16.87 -17.72
N MET C 766 -25.64 18.01 -18.38
CA MET C 766 -25.96 19.25 -17.68
C MET C 766 -27.36 19.23 -17.08
N ASN C 767 -28.31 18.56 -17.74
CA ASN C 767 -29.72 18.65 -17.36
C ASN C 767 -30.22 17.40 -16.65
N ASN C 768 -29.32 16.56 -16.15
CA ASN C 768 -29.68 15.44 -15.30
C ASN C 768 -29.44 15.78 -13.84
N VAL C 769 -30.18 15.10 -12.95
CA VAL C 769 -29.97 15.26 -11.52
C VAL C 769 -28.55 14.78 -11.21
N PRO C 770 -27.90 15.34 -10.17
CA PRO C 770 -26.49 14.96 -9.93
C PRO C 770 -26.27 13.47 -9.73
N ASP C 771 -27.27 12.73 -9.26
CA ASP C 771 -27.13 11.31 -9.01
C ASP C 771 -27.35 10.46 -10.25
N ALA C 772 -27.49 11.08 -11.42
CA ALA C 772 -27.54 10.35 -12.68
C ALA C 772 -26.50 10.83 -13.68
N ARG C 773 -25.64 11.77 -13.29
CA ARG C 773 -24.57 12.24 -14.17
C ARG C 773 -23.39 11.27 -14.14
N ASP C 774 -22.99 10.81 -15.31
CA ASP C 774 -21.89 9.86 -15.42
C ASP C 774 -20.56 10.62 -15.38
N ALA C 775 -19.75 10.34 -14.36
CA ALA C 775 -18.44 10.99 -14.25
C ALA C 775 -17.53 10.65 -15.42
N GLU C 776 -17.81 9.56 -16.13
CA GLU C 776 -17.04 9.21 -17.32
C GLU C 776 -17.19 10.26 -18.42
N VAL C 777 -18.26 11.06 -18.38
CA VAL C 777 -18.40 12.16 -19.35
C VAL C 777 -17.25 13.15 -19.18
N LEU C 778 -16.89 13.47 -17.94
CA LEU C 778 -15.73 14.33 -17.70
C LEU C 778 -14.45 13.70 -18.23
N ASN C 779 -14.29 12.39 -18.02
CA ASN C 779 -13.08 11.72 -18.46
C ASN C 779 -12.98 11.68 -19.98
N CYS C 780 -14.12 11.52 -20.67
CA CYS C 780 -14.12 11.55 -22.13
C CYS C 780 -13.71 12.93 -22.64
N MET C 781 -14.28 13.99 -22.05
CA MET C 781 -13.93 15.34 -22.48
C MET C 781 -12.48 15.66 -22.21
N THR C 782 -11.90 15.07 -21.17
CA THR C 782 -10.48 15.28 -20.89
C THR C 782 -9.62 14.69 -22.01
N THR C 783 -9.97 13.48 -22.48
CA THR C 783 -9.22 12.87 -23.57
C THR C 783 -9.37 13.67 -24.86
N VAL C 784 -10.58 14.14 -25.15
CA VAL C 784 -10.81 14.94 -26.35
C VAL C 784 -9.98 16.21 -26.31
N VAL C 785 -10.03 16.93 -25.19
CA VAL C 785 -9.30 18.20 -25.08
C VAL C 785 -7.80 17.97 -25.11
N GLU C 786 -7.33 16.87 -24.53
CA GLU C 786 -5.89 16.65 -24.44
C GLU C 786 -5.26 16.44 -25.82
N LYS C 787 -5.98 15.81 -26.75
CA LYS C 787 -5.41 15.48 -28.05
C LYS C 787 -5.73 16.51 -29.13
N VAL C 788 -6.93 17.08 -29.13
CA VAL C 788 -7.34 17.98 -30.21
C VAL C 788 -7.85 19.31 -29.64
N GLY C 789 -7.59 19.55 -28.35
CA GLY C 789 -8.13 20.75 -27.72
C GLY C 789 -7.62 22.04 -28.33
N HIS C 790 -6.38 22.05 -28.82
CA HIS C 790 -5.85 23.25 -29.45
C HIS C 790 -6.56 23.60 -30.75
N MET C 791 -7.32 22.66 -31.33
CA MET C 791 -7.99 22.85 -32.60
C MET C 791 -9.49 23.12 -32.46
N ILE C 792 -10.02 23.14 -31.24
CA ILE C 792 -11.47 23.28 -31.05
C ILE C 792 -11.75 24.32 -29.96
N PRO C 793 -11.39 25.59 -30.14
CA PRO C 793 -11.62 26.56 -29.05
C PRO C 793 -13.09 26.73 -28.70
N GLN C 794 -13.99 26.79 -29.68
CA GLN C 794 -15.41 26.89 -29.37
C GLN C 794 -15.94 25.62 -28.73
N GLY C 795 -15.32 24.47 -29.02
CA GLY C 795 -15.73 23.24 -28.36
C GLY C 795 -15.32 23.20 -26.91
N VAL C 796 -14.17 23.79 -26.58
CA VAL C 796 -13.75 23.87 -25.18
C VAL C 796 -14.65 24.80 -24.41
N ILE C 797 -15.06 25.92 -25.02
CA ILE C 797 -15.96 26.86 -24.35
C ILE C 797 -17.28 26.16 -24.00
N LEU C 798 -17.79 25.33 -24.90
CA LEU C 798 -19.07 24.68 -24.64
C LEU C 798 -18.91 23.54 -23.64
N ILE C 799 -17.71 22.97 -23.52
CA ILE C 799 -17.48 21.97 -22.47
C ILE C 799 -17.51 22.62 -21.10
N LEU C 800 -16.84 23.77 -20.96
CA LEU C 800 -16.86 24.49 -19.69
C LEU C 800 -18.27 24.92 -19.32
N GLN C 801 -19.00 25.49 -20.29
CA GLN C 801 -20.34 26.01 -20.01
C GLN C 801 -21.29 24.93 -19.53
N SER C 802 -21.10 23.69 -19.98
CA SER C 802 -22.05 22.63 -19.69
C SER C 802 -21.71 21.82 -18.43
N VAL C 803 -20.44 21.77 -18.03
CA VAL C 803 -20.05 20.92 -16.92
C VAL C 803 -19.38 21.66 -15.78
N PHE C 804 -18.89 22.88 -15.96
CA PHE C 804 -18.12 23.53 -14.91
C PHE C 804 -18.98 23.86 -13.70
N GLU C 805 -19.97 24.74 -13.86
CA GLU C 805 -20.69 25.26 -12.71
C GLU C 805 -21.54 24.18 -12.03
N CYS C 806 -22.13 23.27 -12.81
CA CYS C 806 -23.03 22.29 -12.21
C CYS C 806 -22.26 21.16 -11.53
N THR C 807 -21.05 20.82 -12.00
CA THR C 807 -20.25 19.84 -11.29
C THR C 807 -19.58 20.44 -10.06
N LEU C 808 -19.17 21.70 -10.14
CA LEU C 808 -18.56 22.37 -8.99
C LEU C 808 -19.52 22.39 -7.81
N ASP C 809 -20.82 22.55 -8.07
CA ASP C 809 -21.79 22.55 -6.97
C ASP C 809 -22.04 21.16 -6.42
N MET C 810 -21.68 20.11 -7.17
CA MET C 810 -21.80 18.75 -6.65
C MET C 810 -20.76 18.47 -5.58
N ILE C 811 -19.59 19.13 -5.65
CA ILE C 811 -18.42 18.75 -4.88
C ILE C 811 -17.93 19.86 -3.97
N ASN C 812 -18.71 20.92 -3.78
CA ASN C 812 -18.27 22.05 -2.98
C ASN C 812 -19.05 22.20 -1.67
N LYS C 813 -19.68 21.12 -1.20
CA LYS C 813 -20.31 21.12 0.11
C LYS C 813 -19.57 20.27 1.13
N ASP C 814 -18.71 19.37 0.70
CA ASP C 814 -17.92 18.51 1.58
C ASP C 814 -16.74 17.98 0.79
N PHE C 815 -15.95 17.11 1.43
CA PHE C 815 -14.83 16.46 0.76
C PHE C 815 -15.09 14.98 0.50
N THR C 816 -16.35 14.55 0.55
CA THR C 816 -16.69 13.14 0.53
C THR C 816 -17.55 12.74 -0.67
N GLU C 817 -18.66 13.44 -0.90
CA GLU C 817 -19.63 13.02 -1.89
C GLU C 817 -19.06 13.11 -3.30
N TYR C 818 -19.41 12.11 -4.12
CA TYR C 818 -18.98 11.99 -5.51
C TYR C 818 -17.46 12.03 -5.62
N PRO C 819 -16.76 11.01 -5.10
CA PRO C 819 -15.29 10.99 -5.26
C PRO C 819 -14.85 10.85 -6.70
N GLU C 820 -15.68 10.26 -7.56
CA GLU C 820 -15.31 10.06 -8.95
C GLU C 820 -15.41 11.36 -9.75
N HIS C 821 -16.52 12.10 -9.58
CA HIS C 821 -16.66 13.39 -10.24
C HIS C 821 -15.59 14.36 -9.75
N ARG C 822 -15.25 14.29 -8.46
CA ARG C 822 -14.22 15.15 -7.89
C ARG C 822 -12.90 15.01 -8.64
N VAL C 823 -12.41 13.78 -8.78
CA VAL C 823 -11.12 13.55 -9.41
C VAL C 823 -11.17 13.95 -10.89
N GLU C 824 -12.19 13.51 -11.60
CA GLU C 824 -12.28 13.81 -13.03
C GLU C 824 -12.51 15.30 -13.28
N PHE C 825 -13.19 15.99 -12.36
CA PHE C 825 -13.40 17.42 -12.52
C PHE C 825 -12.07 18.16 -12.62
N TYR C 826 -11.12 17.82 -11.75
CA TYR C 826 -9.85 18.55 -11.72
C TYR C 826 -8.84 18.01 -12.74
N LYS C 827 -9.02 16.79 -13.24
CA LYS C 827 -8.26 16.37 -14.40
C LYS C 827 -8.68 17.17 -15.63
N LEU C 828 -9.97 17.50 -15.73
CA LEU C 828 -10.47 18.25 -16.88
C LEU C 828 -10.02 19.71 -16.81
N LEU C 829 -10.14 20.34 -15.64
CA LEU C 829 -9.68 21.71 -15.48
C LEU C 829 -8.17 21.83 -15.70
N LYS C 830 -7.42 20.77 -15.36
CA LYS C 830 -5.97 20.82 -15.52
C LYS C 830 -5.59 20.87 -16.99
N VAL C 831 -6.18 20.00 -17.81
CA VAL C 831 -5.81 19.94 -19.21
C VAL C 831 -6.38 21.12 -19.98
N ILE C 832 -7.56 21.61 -19.59
CA ILE C 832 -8.11 22.81 -20.22
C ILE C 832 -7.21 24.01 -19.94
N ASN C 833 -6.69 24.10 -18.73
CA ASN C 833 -5.77 25.18 -18.39
C ASN C 833 -4.42 25.02 -19.08
N GLU C 834 -4.10 23.83 -19.58
CA GLU C 834 -2.86 23.59 -20.30
C GLU C 834 -2.99 23.78 -21.80
N LYS C 835 -4.14 23.45 -22.38
CA LYS C 835 -4.28 23.35 -23.83
C LYS C 835 -5.14 24.44 -24.45
N SER C 836 -6.13 24.97 -23.72
N SER C 836 -6.14 24.95 -23.74
CA SER C 836 -7.04 25.98 -24.24
CA SER C 836 -7.01 26.00 -24.27
C SER C 836 -7.32 27.01 -23.15
C SER C 836 -7.31 27.01 -23.16
N PHE C 837 -6.27 27.70 -22.71
CA PHE C 837 -6.43 28.69 -21.64
C PHE C 837 -7.32 29.85 -22.05
N ALA C 838 -7.46 30.12 -23.35
CA ALA C 838 -8.38 31.17 -23.80
C ALA C 838 -9.80 30.91 -23.36
N ALA C 839 -10.15 29.66 -23.03
CA ALA C 839 -11.51 29.35 -22.61
C ALA C 839 -11.84 29.98 -21.27
N PHE C 840 -10.84 30.15 -20.40
CA PHE C 840 -11.07 30.81 -19.12
C PHE C 840 -11.16 32.32 -19.24
N LEU C 841 -10.61 32.90 -20.30
CA LEU C 841 -10.72 34.34 -20.52
C LEU C 841 -12.08 34.75 -21.05
N GLU C 842 -12.80 33.84 -21.70
CA GLU C 842 -14.16 34.10 -22.15
C GLU C 842 -15.20 33.75 -21.10
N LEU C 843 -14.78 33.46 -19.87
CA LEU C 843 -15.75 33.25 -18.80
C LEU C 843 -16.21 34.60 -18.24
N PRO C 844 -17.49 34.73 -17.89
CA PRO C 844 -17.92 35.94 -17.19
C PRO C 844 -17.15 36.09 -15.89
N PRO C 845 -17.00 37.33 -15.40
CA PRO C 845 -16.23 37.53 -14.15
C PRO C 845 -16.74 36.74 -12.97
N ALA C 846 -18.06 36.57 -12.83
CA ALA C 846 -18.58 35.76 -11.74
C ALA C 846 -18.16 34.31 -11.89
N ALA C 847 -18.09 33.81 -13.13
CA ALA C 847 -17.67 32.44 -13.37
C ALA C 847 -16.16 32.27 -13.18
N PHE C 848 -15.37 33.26 -13.60
CA PHE C 848 -13.93 33.19 -13.36
C PHE C 848 -13.64 33.17 -11.86
N LYS C 849 -14.43 33.91 -11.08
CA LYS C 849 -14.26 33.86 -9.63
C LYS C 849 -14.54 32.46 -9.09
N LEU C 850 -15.48 31.75 -9.70
CA LEU C 850 -15.74 30.36 -9.29
C LEU C 850 -14.59 29.43 -9.66
N PHE C 851 -13.92 29.71 -10.77
CA PHE C 851 -12.75 28.91 -11.15
C PHE C 851 -11.65 29.00 -10.09
N VAL C 852 -11.41 30.20 -9.56
CA VAL C 852 -10.38 30.39 -8.56
C VAL C 852 -10.78 29.73 -7.24
N ASP C 853 -12.06 29.84 -6.87
CA ASP C 853 -12.52 29.18 -5.65
C ASP C 853 -12.36 27.67 -5.75
N ALA C 854 -12.56 27.10 -6.94
CA ALA C 854 -12.42 25.67 -7.11
C ALA C 854 -10.96 25.24 -7.02
N ILE C 855 -10.03 26.08 -7.45
CA ILE C 855 -8.61 25.75 -7.35
C ILE C 855 -8.18 25.76 -5.89
N CYS C 856 -8.62 26.75 -5.12
CA CYS C 856 -8.30 26.78 -3.70
C CYS C 856 -9.05 25.67 -2.96
N TRP C 857 -10.27 25.38 -3.39
CA TRP C 857 -11.00 24.23 -2.84
C TRP C 857 -10.19 22.95 -2.96
N ALA C 858 -9.49 22.78 -4.08
CA ALA C 858 -8.70 21.57 -4.27
C ALA C 858 -7.50 21.53 -3.34
N PHE C 859 -6.95 22.69 -2.96
CA PHE C 859 -5.82 22.72 -2.02
C PHE C 859 -6.16 21.99 -0.73
N LYS C 860 -7.39 22.17 -0.23
CA LYS C 860 -7.76 21.70 1.09
C LYS C 860 -8.14 20.23 1.13
N HIS C 861 -8.20 19.55 -0.02
CA HIS C 861 -8.47 18.12 -0.01
C HIS C 861 -7.27 17.37 0.56
N ASN C 862 -7.57 16.25 1.23
CA ASN C 862 -6.55 15.29 1.61
C ASN C 862 -6.39 14.19 0.58
N ASN C 863 -7.44 13.92 -0.20
CA ASN C 863 -7.37 13.05 -1.36
C ASN C 863 -6.17 13.43 -2.22
N ARG C 864 -5.29 12.45 -2.48
CA ARG C 864 -4.00 12.74 -3.08
C ARG C 864 -4.14 13.23 -4.52
N ASP C 865 -4.98 12.58 -5.32
CA ASP C 865 -5.09 12.94 -6.73
C ASP C 865 -5.68 14.33 -6.89
N VAL C 866 -6.68 14.70 -6.08
CA VAL C 866 -7.29 16.02 -6.20
C VAL C 866 -6.31 17.11 -5.80
N GLU C 867 -5.56 16.88 -4.71
CA GLU C 867 -4.73 17.94 -4.15
C GLU C 867 -3.57 18.30 -5.09
N VAL C 868 -2.93 17.30 -5.71
CA VAL C 868 -1.81 17.62 -6.59
C VAL C 868 -2.29 18.21 -7.90
N ASN C 869 -3.48 17.81 -8.37
CA ASN C 869 -4.06 18.49 -9.52
C ASN C 869 -4.39 19.94 -9.18
N GLY C 870 -4.83 20.17 -7.94
CA GLY C 870 -5.17 21.53 -7.54
C GLY C 870 -3.96 22.45 -7.54
N LEU C 871 -2.87 22.02 -6.90
CA LEU C 871 -1.66 22.86 -6.87
C LEU C 871 -1.07 23.02 -8.26
N GLN C 872 -1.19 22.00 -9.12
CA GLN C 872 -0.68 22.13 -10.48
C GLN C 872 -1.46 23.19 -11.25
N ILE C 873 -2.79 23.18 -11.14
CA ILE C 873 -3.60 24.15 -11.88
C ILE C 873 -3.25 25.56 -11.47
N ALA C 874 -3.02 25.79 -10.17
CA ALA C 874 -2.63 27.12 -9.71
C ALA C 874 -1.29 27.53 -10.31
N LEU C 875 -0.31 26.64 -10.27
CA LEU C 875 1.01 26.96 -10.81
C LEU C 875 0.96 27.18 -12.31
N ASP C 876 0.21 26.33 -13.03
CA ASP C 876 0.03 26.55 -14.45
C ASP C 876 -0.76 27.82 -14.74
N LEU C 877 -1.56 28.30 -13.79
CA LEU C 877 -2.39 29.48 -14.04
C LEU C 877 -1.59 30.76 -13.89
N VAL C 878 -0.71 30.86 -12.89
CA VAL C 878 0.09 32.07 -12.75
C VAL C 878 1.06 32.21 -13.91
N LYS C 879 1.58 31.08 -14.43
CA LYS C 879 2.41 31.16 -15.63
C LYS C 879 1.58 31.55 -16.85
N ASN C 880 0.31 31.14 -16.90
CA ASN C 880 -0.57 31.58 -17.98
C ASN C 880 -0.81 33.08 -17.91
N ILE C 881 -0.94 33.61 -16.69
CA ILE C 881 -1.13 35.06 -16.52
C ILE C 881 0.19 35.80 -16.73
N GLU C 882 1.31 35.19 -16.36
CA GLU C 882 2.61 35.84 -16.55
C GLU C 882 2.90 36.08 -18.03
N ARG C 883 2.71 35.06 -18.86
CA ARG C 883 3.04 35.18 -20.27
C ARG C 883 2.07 36.07 -21.04
N MET C 884 1.01 36.58 -20.41
CA MET C 884 0.15 37.56 -21.06
C MET C 884 0.78 38.95 -21.11
N GLY C 885 1.71 39.24 -20.20
CA GLY C 885 2.36 40.53 -20.19
C GLY C 885 1.63 41.59 -19.41
N ASN C 886 1.80 42.85 -19.80
CA ASN C 886 1.22 44.01 -19.10
C ASN C 886 -0.09 44.39 -19.80
N VAL C 887 -1.13 43.60 -19.51
CA VAL C 887 -2.42 43.74 -20.18
C VAL C 887 -3.52 43.79 -19.11
N PRO C 888 -4.59 44.58 -19.30
CA PRO C 888 -5.67 44.67 -18.31
C PRO C 888 -6.07 43.39 -17.59
N PHE C 889 -6.18 42.26 -18.30
CA PHE C 889 -6.58 41.02 -17.65
C PHE C 889 -5.55 40.58 -16.62
N ALA C 890 -4.27 40.61 -16.99
CA ALA C 890 -3.21 40.20 -16.07
C ALA C 890 -3.16 41.11 -14.86
N ASN C 891 -3.28 42.43 -15.07
CA ASN C 891 -3.25 43.37 -13.95
C ASN C 891 -4.41 43.12 -13.00
N GLU C 892 -5.62 42.99 -13.54
CA GLU C 892 -6.80 42.76 -12.70
C GLU C 892 -6.71 41.43 -11.97
N PHE C 893 -6.10 40.42 -12.58
CA PHE C 893 -5.93 39.14 -11.91
C PHE C 893 -5.08 39.29 -10.66
N HIS C 894 -4.00 40.05 -10.74
CA HIS C 894 -3.15 40.26 -9.58
C HIS C 894 -3.85 41.09 -8.51
N LYS C 895 -4.65 42.07 -8.93
CA LYS C 895 -5.39 42.89 -7.97
C LYS C 895 -6.41 42.05 -7.20
N ASN C 896 -7.06 41.10 -7.88
CA ASN C 896 -8.18 40.38 -7.32
C ASN C 896 -7.78 39.09 -6.62
N TYR C 897 -6.75 38.39 -7.10
CA TYR C 897 -6.51 37.02 -6.69
C TYR C 897 -5.09 36.70 -6.25
N PHE C 898 -4.14 37.64 -6.36
CA PHE C 898 -2.78 37.33 -5.95
C PHE C 898 -2.71 36.97 -4.48
N PHE C 899 -3.22 37.83 -3.61
CA PHE C 899 -3.10 37.59 -2.18
C PHE C 899 -3.97 36.43 -1.72
N ILE C 900 -5.08 36.18 -2.42
CA ILE C 900 -5.87 34.99 -2.12
C ILE C 900 -5.02 33.74 -2.29
N PHE C 901 -4.24 33.68 -3.38
CA PHE C 901 -3.38 32.52 -3.61
C PHE C 901 -2.23 32.47 -2.62
N VAL C 902 -1.69 33.63 -2.24
CA VAL C 902 -0.59 33.65 -1.27
C VAL C 902 -1.08 33.14 0.08
N SER C 903 -2.29 33.56 0.49
CA SER C 903 -2.79 33.19 1.81
C SER C 903 -3.36 31.78 1.84
N GLU C 904 -3.97 31.32 0.74
CA GLU C 904 -4.48 29.95 0.71
C GLU C 904 -3.33 28.95 0.69
N THR C 905 -2.23 29.29 0.02
CA THR C 905 -1.05 28.42 0.04
C THR C 905 -0.41 28.43 1.41
N PHE C 906 -0.38 29.59 2.07
CA PHE C 906 0.17 29.65 3.42
C PHE C 906 -0.67 28.85 4.41
N PHE C 907 -1.97 28.73 4.14
CA PHE C 907 -2.85 28.02 5.07
C PHE C 907 -2.59 26.52 5.04
N VAL C 908 -2.54 25.93 3.84
CA VAL C 908 -2.28 24.50 3.74
C VAL C 908 -0.84 24.16 4.14
N LEU C 909 0.08 25.14 4.08
CA LEU C 909 1.45 24.87 4.44
C LEU C 909 1.63 24.72 5.94
N THR C 910 0.79 25.38 6.74
CA THR C 910 1.07 25.58 8.16
C THR C 910 0.00 24.98 9.07
N ASP C 911 -0.81 24.05 8.57
CA ASP C 911 -1.90 23.47 9.36
C ASP C 911 -1.72 21.99 9.66
N SER C 912 -0.58 21.40 9.26
CA SER C 912 -0.22 20.03 9.63
C SER C 912 -1.16 18.96 9.08
N ASP C 913 -2.15 19.36 8.28
CA ASP C 913 -3.12 18.41 7.74
C ASP C 913 -2.96 18.19 6.24
N HIS C 914 -1.92 18.75 5.62
CA HIS C 914 -1.67 18.61 4.19
C HIS C 914 -0.19 18.42 3.91
N LYS C 915 0.51 17.71 4.79
CA LYS C 915 1.96 17.63 4.66
C LYS C 915 2.43 16.72 3.53
N SER C 916 1.51 16.01 2.87
CA SER C 916 1.90 15.22 1.71
C SER C 916 2.23 16.10 0.50
N GLY C 917 1.72 17.33 0.46
CA GLY C 917 1.96 18.21 -0.66
C GLY C 917 2.87 19.38 -0.34
N PHE C 918 3.81 19.17 0.58
CA PHE C 918 4.70 20.25 0.99
C PHE C 918 5.55 20.75 -0.17
N SER C 919 6.00 19.83 -1.04
CA SER C 919 6.87 20.23 -2.14
C SER C 919 6.14 21.14 -3.13
N LYS C 920 4.94 20.75 -3.55
CA LYS C 920 4.21 21.57 -4.51
C LYS C 920 3.71 22.87 -3.87
N GLN C 921 3.40 22.85 -2.58
CA GLN C 921 3.00 24.08 -1.90
C GLN C 921 4.15 25.07 -1.86
N ALA C 922 5.34 24.61 -1.47
CA ALA C 922 6.50 25.49 -1.40
C ALA C 922 6.84 26.09 -2.75
N LEU C 923 6.72 25.30 -3.81
CA LEU C 923 7.07 25.78 -5.15
C LEU C 923 6.07 26.82 -5.63
N LEU C 924 4.78 26.54 -5.46
CA LEU C 924 3.77 27.53 -5.82
C LEU C 924 3.95 28.82 -5.03
N LEU C 925 4.26 28.71 -3.73
CA LEU C 925 4.50 29.90 -2.93
C LEU C 925 5.71 30.66 -3.45
N MET C 926 6.75 29.95 -3.87
CA MET C 926 7.96 30.62 -4.33
C MET C 926 7.71 31.37 -5.64
N LYS C 927 6.94 30.78 -6.55
CA LYS C 927 6.60 31.49 -7.79
C LYS C 927 5.79 32.74 -7.49
N LEU C 928 4.91 32.68 -6.49
CA LEU C 928 4.11 33.85 -6.12
C LEU C 928 4.99 34.95 -5.54
N ILE C 929 5.93 34.59 -4.67
CA ILE C 929 6.78 35.60 -4.05
C ILE C 929 7.76 36.19 -5.05
N SER C 930 8.38 35.33 -5.86
CA SER C 930 9.35 35.82 -6.84
C SER C 930 8.72 36.75 -7.86
N LEU C 931 7.43 36.55 -8.16
CA LEU C 931 6.72 37.45 -9.09
C LEU C 931 6.83 38.90 -8.64
N VAL C 932 6.81 39.14 -7.33
CA VAL C 932 6.81 40.51 -6.83
C VAL C 932 8.23 41.06 -6.74
N TYR C 933 9.19 40.22 -6.37
CA TYR C 933 10.58 40.66 -6.28
C TYR C 933 11.30 40.65 -7.63
N ASP C 934 10.56 40.47 -8.72
CA ASP C 934 11.08 40.69 -10.06
C ASP C 934 10.30 41.77 -10.80
N ASN C 935 9.33 42.41 -10.14
CA ASN C 935 8.53 43.49 -10.74
C ASN C 935 7.81 43.02 -12.00
N LYS C 936 7.29 41.79 -11.96
CA LYS C 936 6.45 41.28 -13.03
C LYS C 936 5.00 41.68 -12.86
N ILE C 937 4.61 42.14 -11.68
CA ILE C 937 3.28 42.68 -11.43
C ILE C 937 3.40 44.20 -11.55
N SER C 938 2.87 44.74 -12.66
CA SER C 938 3.05 46.16 -12.94
C SER C 938 2.14 47.03 -12.08
N VAL C 939 0.89 46.63 -11.89
CA VAL C 939 -0.03 47.38 -11.04
C VAL C 939 0.44 47.30 -9.60
N PRO C 940 0.14 48.30 -8.78
CA PRO C 940 0.31 48.12 -7.33
C PRO C 940 -0.76 47.19 -6.78
N LEU C 941 -0.35 46.31 -5.88
CA LEU C 941 -1.24 45.30 -5.33
C LEU C 941 -2.18 45.84 -4.25
N TYR C 942 -1.98 47.09 -3.91
CA TYR C 942 -2.77 47.73 -2.89
C TYR C 942 -3.61 48.78 -3.49
N GLN C 943 -4.52 49.27 -2.70
CA GLN C 943 -5.38 50.33 -3.11
C GLN C 943 -4.75 51.63 -2.66
N GLU C 944 -4.54 52.53 -3.61
CA GLU C 944 -3.91 53.80 -3.36
C GLU C 944 -4.37 54.46 -2.10
N ALA C 945 -5.57 54.12 -1.71
CA ALA C 945 -6.16 54.66 -0.54
C ALA C 945 -5.60 54.09 0.74
N GLU C 946 -4.65 53.18 0.67
CA GLU C 946 -4.15 52.56 1.89
C GLU C 946 -2.70 52.56 2.17
N VAL C 947 -1.96 53.41 1.52
CA VAL C 947 -0.54 53.46 1.76
C VAL C 947 0.10 54.52 0.90
N PRO C 948 1.24 55.08 1.46
CA PRO C 948 1.83 56.14 0.67
C PRO C 948 2.08 55.75 -0.76
N GLN C 949 1.89 56.71 -1.66
CA GLN C 949 2.11 56.45 -3.08
C GLN C 949 3.59 56.16 -3.35
N GLY C 950 3.82 55.44 -4.44
CA GLY C 950 5.17 55.05 -4.81
C GLY C 950 5.74 53.87 -4.03
N THR C 951 4.98 53.33 -3.08
CA THR C 951 5.45 52.17 -2.32
C THR C 951 5.54 50.96 -3.23
N SER C 952 6.67 50.26 -3.17
CA SER C 952 6.90 49.11 -4.05
C SER C 952 6.04 47.92 -3.61
N ASN C 953 5.72 47.06 -4.58
CA ASN C 953 4.98 45.84 -4.28
C ASN C 953 5.74 44.97 -3.28
N GLN C 954 7.08 45.04 -3.30
CA GLN C 954 7.87 44.26 -2.35
C GLN C 954 7.58 44.68 -0.91
N VAL C 955 7.52 45.99 -0.66
CA VAL C 955 7.33 46.48 0.70
C VAL C 955 5.92 46.14 1.20
N TYR C 956 4.91 46.35 0.36
CA TYR C 956 3.55 46.02 0.78
C TYR C 956 3.38 44.52 0.98
N LEU C 957 4.09 43.71 0.20
CA LEU C 957 4.00 42.26 0.39
C LEU C 957 4.53 41.84 1.74
N SER C 958 5.66 42.42 2.17
CA SER C 958 6.20 42.09 3.49
C SER C 958 5.27 42.56 4.61
N GLN C 959 4.45 43.59 4.33
CA GLN C 959 3.51 44.06 5.35
C GLN C 959 2.26 43.19 5.39
N TYR C 960 1.69 42.88 4.22
CA TYR C 960 0.56 41.96 4.18
C TYR C 960 0.92 40.62 4.81
N LEU C 961 2.11 40.11 4.50
CA LEU C 961 2.53 38.83 5.07
C LEU C 961 2.78 38.96 6.58
N ALA C 962 3.39 40.08 7.01
CA ALA C 962 3.64 40.25 8.43
C ALA C 962 2.34 40.33 9.22
N ASN C 963 1.33 41.02 8.69
CA ASN C 963 0.06 41.08 9.40
C ASN C 963 -0.66 39.73 9.38
N MET C 964 -0.61 39.04 8.25
CA MET C 964 -1.32 37.77 8.11
C MET C 964 -0.78 36.74 9.11
N LEU C 965 0.54 36.62 9.22
CA LEU C 965 1.10 35.63 10.13
C LEU C 965 0.87 36.01 11.59
N SER C 966 0.76 37.31 11.89
CA SER C 966 0.52 37.72 13.27
C SER C 966 -0.88 37.35 13.73
N ASN C 967 -1.87 37.51 12.86
CA ASN C 967 -3.24 37.14 13.22
C ASN C 967 -3.43 35.63 13.25
N ALA C 968 -2.66 34.89 12.44
CA ALA C 968 -2.79 33.45 12.37
C ALA C 968 -1.97 32.73 13.42
N PHE C 969 -0.87 33.34 13.88
CA PHE C 969 0.03 32.73 14.86
C PHE C 969 0.41 33.78 15.89
N PRO C 970 -0.49 34.11 16.82
CA PRO C 970 -0.25 35.25 17.71
C PRO C 970 0.87 35.03 18.72
N HIS C 971 1.24 33.78 19.01
CA HIS C 971 2.33 33.53 19.95
C HIS C 971 3.70 33.80 19.36
N LEU C 972 3.80 34.03 18.05
CA LEU C 972 5.07 34.40 17.46
C LEU C 972 5.40 35.86 17.79
N THR C 973 6.67 36.12 18.08
CA THR C 973 7.10 37.48 18.31
C THR C 973 7.19 38.24 16.97
N SER C 974 7.33 39.56 17.07
CA SER C 974 7.44 40.37 15.87
C SER C 974 8.77 40.16 15.16
N GLU C 975 9.83 39.87 15.92
CA GLU C 975 11.14 39.64 15.30
C GLU C 975 11.19 38.31 14.57
N GLN C 976 10.48 37.30 15.06
CA GLN C 976 10.39 36.03 14.35
C GLN C 976 9.79 36.21 12.96
N ILE C 977 8.59 36.79 12.91
CA ILE C 977 7.89 36.99 11.64
C ILE C 977 8.71 37.86 10.70
N ALA C 978 9.43 38.84 11.23
CA ALA C 978 10.22 39.73 10.37
C ALA C 978 11.43 39.00 9.79
N SER C 979 12.12 38.21 10.61
CA SER C 979 13.31 37.52 10.12
C SER C 979 12.93 36.36 9.20
N PHE C 980 11.85 35.65 9.51
CA PHE C 980 11.38 34.59 8.63
C PHE C 980 11.04 35.15 7.25
N LEU C 981 10.27 36.23 7.22
CA LEU C 981 9.90 36.83 5.93
C LEU C 981 11.11 37.43 5.23
N SER C 982 12.05 37.99 5.99
CA SER C 982 13.28 38.50 5.38
C SER C 982 14.05 37.38 4.69
N ALA C 983 14.22 36.25 5.38
CA ALA C 983 14.90 35.11 4.78
C ALA C 983 14.08 34.50 3.64
N LEU C 984 12.76 34.45 3.81
CA LEU C 984 11.92 33.78 2.83
C LEU C 984 11.94 34.49 1.48
N THR C 985 12.00 35.83 1.49
CA THR C 985 11.92 36.57 0.23
C THR C 985 13.27 36.66 -0.46
N LYS C 986 14.35 36.81 0.31
CA LYS C 986 15.68 36.82 -0.29
C LYS C 986 16.12 35.44 -0.78
N GLN C 987 15.32 34.40 -0.54
CA GLN C 987 15.65 33.04 -0.96
C GLN C 987 14.67 32.48 -1.98
N CYS C 988 13.85 33.34 -2.59
CA CYS C 988 12.79 32.89 -3.49
C CYS C 988 13.30 32.46 -4.86
N LYS C 989 14.61 32.23 -5.02
CA LYS C 989 15.16 31.66 -6.24
C LYS C 989 16.05 30.46 -5.95
N ASP C 990 15.93 29.87 -4.76
CA ASP C 990 16.71 28.71 -4.34
C ASP C 990 15.76 27.77 -3.59
N LEU C 991 15.25 26.77 -4.30
CA LEU C 991 14.15 25.95 -3.78
C LEU C 991 14.57 25.17 -2.53
N VAL C 992 15.75 24.54 -2.57
CA VAL C 992 16.16 23.68 -1.45
C VAL C 992 16.31 24.49 -0.17
N VAL C 993 16.89 25.69 -0.27
CA VAL C 993 17.01 26.55 0.90
C VAL C 993 15.64 27.07 1.33
N PHE C 994 14.85 27.51 0.35
CA PHE C 994 13.48 27.97 0.61
C PHE C 994 12.69 26.95 1.41
N LYS C 995 12.76 25.68 1.00
CA LYS C 995 12.06 24.62 1.73
C LYS C 995 12.58 24.50 3.15
N GLY C 996 13.89 24.67 3.35
CA GLY C 996 14.43 24.61 4.69
C GLY C 996 13.91 25.72 5.59
N THR C 997 13.70 26.90 5.02
CA THR C 997 13.18 28.02 5.82
C THR C 997 11.71 27.80 6.16
N LEU C 998 10.93 27.25 5.23
CA LEU C 998 9.55 26.89 5.55
C LEU C 998 9.51 25.81 6.62
N ARG C 999 10.41 24.84 6.56
N ARG C 999 10.41 24.84 6.56
CA ARG C 999 10.46 23.79 7.58
CA ARG C 999 10.44 23.79 7.58
C ARG C 999 10.85 24.35 8.93
C ARG C 999 10.87 24.34 8.93
N ASP C 1000 11.74 25.35 8.94
CA ASP C 1000 12.12 25.98 10.21
C ASP C 1000 10.94 26.73 10.80
N PHE C 1001 10.13 27.36 9.94
CA PHE C 1001 8.94 28.05 10.41
C PHE C 1001 7.92 27.08 10.97
N LEU C 1002 7.80 25.89 10.36
CA LEU C 1002 6.84 24.90 10.84
C LEU C 1002 7.24 24.34 12.20
N VAL C 1003 8.51 24.41 12.58
CA VAL C 1003 8.93 23.93 13.89
C VAL C 1003 8.68 24.99 14.95
N GLN C 1004 8.98 26.25 14.63
CA GLN C 1004 8.88 27.31 15.63
C GLN C 1004 7.44 27.65 15.97
N ILE C 1005 6.51 27.47 15.04
CA ILE C 1005 5.10 27.67 15.36
C ILE C 1005 4.52 26.56 16.20
N LYS C 1006 5.28 25.50 16.48
CA LYS C 1006 4.86 24.44 17.38
C LYS C 1006 5.30 24.68 18.81
N GLU C 1007 6.03 25.76 19.08
CA GLU C 1007 6.56 26.06 20.41
C GLU C 1007 6.37 27.55 20.67
N VAL C 1008 6.90 28.01 21.81
CA VAL C 1008 6.86 29.41 22.18
C VAL C 1008 8.27 29.87 22.49
N GLY C 1009 8.71 30.93 21.83
CA GLY C 1009 9.98 31.56 22.13
C GLY C 1009 11.14 31.20 21.22
N GLY C 1010 10.88 30.65 20.04
CA GLY C 1010 11.97 30.29 19.15
C GLY C 1010 12.83 31.48 18.79
N ASP C 1011 14.11 31.22 18.61
CA ASP C 1011 15.08 32.28 18.33
C ASP C 1011 14.89 32.79 16.90
N PRO C 1012 14.63 34.08 16.70
CA PRO C 1012 14.52 34.59 15.32
C PRO C 1012 15.80 34.52 14.51
N THR C 1013 16.96 34.32 15.15
CA THR C 1013 18.21 34.22 14.42
C THR C 1013 18.39 32.88 13.73
N ASP C 1014 17.42 31.97 13.82
CA ASP C 1014 17.52 30.70 13.14
C ASP C 1014 17.30 30.82 11.64
N TYR C 1015 16.67 31.90 11.18
CA TYR C 1015 16.45 32.12 9.76
C TYR C 1015 17.65 32.72 9.06
N LEU C 1016 18.72 33.05 9.79
CA LEU C 1016 20.00 33.40 9.20
C LEU C 1016 20.88 32.19 8.96
N PHE C 1017 20.30 30.98 9.02
CA PHE C 1017 21.08 29.75 8.92
C PHE C 1017 21.81 29.65 7.59
N ALA C 1018 21.21 30.17 6.52
CA ALA C 1018 21.82 30.12 5.20
C ALA C 1018 22.22 31.51 4.72
N ASN D 1 12.95 -29.28 -38.59
CA ASN D 1 11.62 -29.88 -38.63
C ASN D 1 11.42 -30.87 -37.48
N LEU D 2 10.19 -30.92 -36.96
CA LEU D 2 9.85 -31.80 -35.84
C LEU D 2 8.37 -32.16 -35.82
N ASN D 3 7.82 -32.73 -36.89
CA ASN D 3 6.43 -33.19 -36.84
C ASN D 3 6.23 -34.34 -35.86
N GLU D 4 7.30 -34.97 -35.38
CA GLU D 4 7.16 -35.99 -34.34
C GLU D 4 6.57 -35.39 -33.07
N LEU D 5 7.01 -34.17 -32.71
CA LEU D 5 6.51 -33.53 -31.50
C LEU D 5 5.11 -32.97 -31.71
N ALA D 6 4.86 -32.37 -32.88
CA ALA D 6 3.56 -31.75 -33.14
C ALA D 6 2.42 -32.75 -33.04
N LEU D 7 2.65 -34.00 -33.43
CA LEU D 7 1.58 -34.98 -33.39
C LEU D 7 1.35 -35.52 -31.99
N LYS D 8 2.39 -35.50 -31.14
CA LYS D 8 2.20 -35.86 -29.73
C LYS D 8 1.34 -34.82 -29.02
N LEU D 9 1.65 -33.54 -29.20
CA LEU D 9 0.88 -32.48 -28.57
C LEU D 9 -0.52 -32.39 -29.15
N ALA D 10 -0.70 -32.76 -30.39
CA ALA D 10 -2.01 -32.76 -30.97
C ALA D 10 -2.84 -33.77 -30.26
N GLY D 11 -2.21 -34.71 -29.57
CA GLY D 11 -2.89 -35.75 -28.86
C GLY D 11 -3.10 -35.46 -27.41
N LEU D 12 -2.58 -34.34 -26.99
CA LEU D 12 -2.74 -33.92 -25.65
C LEU D 12 -4.21 -33.79 -25.40
N ASP D 13 -4.66 -34.34 -24.28
CA ASP D 13 -6.05 -34.29 -23.92
C ASP D 13 -6.21 -34.11 -22.41
N ILE D 14 -7.37 -33.65 -21.98
CA ILE D 14 -7.60 -33.44 -20.55
C ILE D 14 -8.64 -34.38 -19.96
N ASP D 15 -9.55 -34.86 -20.80
CA ASP D 15 -10.60 -35.77 -20.35
C ASP D 15 -10.14 -37.22 -20.34
N GLU D 16 -10.69 -38.00 -21.27
CA GLU D 16 -10.38 -39.39 -21.39
C GLU D 16 -11.60 -40.07 -21.98
#